data_7Y83
#
_entry.id   7Y83
#
_cell.length_a   1.00
_cell.length_b   1.00
_cell.length_c   1.00
_cell.angle_alpha   90.00
_cell.angle_beta   90.00
_cell.angle_gamma   90.00
#
_symmetry.space_group_name_H-M   'P 1'
#
loop_
_entity.id
_entity.type
_entity.pdbx_description
1 polymer 'RAMP superfamily protein'
2 polymer crRNA
3 polymer 'non-self RNA'
4 polymer 'CHAT domain protein'
5 non-polymer 'ZINC ION'
6 non-polymer 'MAGNESIUM ION'
#
loop_
_entity_poly.entity_id
_entity_poly.type
_entity_poly.pdbx_seq_one_letter_code
_entity_poly.pdbx_strand_id
1 'polypeptide(L)'
;MHHHHHHKSNDMNITVELTFFEPYRLVEWFDWDARKKSHSAMRGQAFAQWTWKGKGRTAGKSFITGTLVRSAVIKAVEEL
LSLNNGKWEGVPCCNGSFQTDESKGKKPSFLRKRHTLQWQANNKNICDKEEACPFCILLGRFDNAGKVHERNKDYDIHFS
NFDLDHKQEKNDLRLVDIASGRILNRVDFDTGKAKDYFRTWEADYETYGTYTGRITLRNEHAKKLLLASLGFVDKLCGAL
CRIEVIKKSESPLPSDTKEQSYTKDDTVEVLSEDHNDELRKQAEVIVEAFKQNDKLEKIRILADAIRTLRLHGEGVIEKD
ELPDGKEERDKGHHLWDIKVQGTALRTKLKELWQSNKDIGWRKFTEMLGSNLYLIYKKETGGVSTRFRILGDTEYYSKAH
DSEGSDLFIPVTPPEGIETKEWIIVGRLKAATPFYFGVQQPSDSIPGKEKKSEDSLVINEHTSFNILLDKENRYRIPRSA
LRGALRRDLRTAFGSGCNVSLGGQILCNCKVCIEMRRITLKDSVSDFSEPPEIRYRIAKNPGTATVEDGSLFDIEVGPEG
LTFPFVLRYRGHKFPEQLSSVIRYWEENDGKNGMAWLGGLDSTGKGRFALKDIKIFEWDLNQKINEYIKERGMRGKEKEL
LEMGESSLPDGLIPYKFFEERECLFPYKENLKPQWSEVQYTIEVGSPLLTADTISALTEPGNRDAIAYKKRVYNDGNNAI
EPEPRFAVKSETHRGIFRTAVGRRTGDLGKEDHEDCTCDMCIIFGNEHESSKIRFEDLELINGNEFEKLEKHIDHVAIDR
FTGGALDKAKFDTYPLAGSPKKPLKLKGRFWIKKGFSGDHKLLITTALSDIRDGLYPLGSKGGVGYGWVAGISIDDNVPD
DFKEMINKTEMPLPEEVEESNNGPINNDYVHPGHQSPKQDHKNKNIYYPHYFLDSGSKVYREKDIITHEEFTEELLSGKI
NCKLETLTPLIIPDTSDENGLKLQGNKPGHKNYKFFNINGELMIPGSELRGMLRTHFEALTKSCFAIFGEDSTLSWRMNA
DEKDYKIDSNSIRKMESQRNPKYRIPDELQKELRNSGNGLFNRLYTSERRFWSDVSNKFENSIDYKREILRCAGRPKNYK
GGIIRQRKDSLMAEELKVHRLPLYDNFDIPDSAYKANDHCRKSATCSTSRGCRERFTCGIKVRDKNRVFLNAANNNRQYL
NNIKKSNHDLYLQYLKGEKKIRFNSKVITGSERSPIDVIAELNERGRQTGFIKLSGLNNSNKSQGNTGTTFNSGWDRFEL
NILLDDLETRPSKSDYPRPRLLFTKDQYEYNITKRCERVFEIDKGNKTGYPVDDQIKKNYEDILDSYDGIKDQEVAERFD
TFTRGSKLKVGDLVYFHIDGDNKIDSLIPVRISRKCASKTLGGKLDKALHPCTGLSDGLCPGCHLFGTTDYKGRVKFGFA
KYENGPEWLITRGNNPERSLTLGVLESPRPAFSIPDDESEIPGRKFYLHHNGWRIIRQKQLEIRETVQPERNVTTEVMDK
GNVFSFDVRFENLREWELGLLLQSLDPGKNIAHKLGKGKPYGFGSVKIKIDSLHTFKINSNNDKIKRVPQSDIREYINKG
YQKLIEWSGNNSIQKGNVLPQWHVIPHIDKLYKLLWVPFLNDSKLEPDVRYPVLNEESKGYIEGSDYTYKKLGDKDNLPY
KTRVKGLTTPWSPWNPFQVIAEHEEQEVNVTGSRPSVTDKIERDGKMV
;
A
2 'polyribonucleotide'
;GUUAUGAAACAAGAGAAGGACUUAAUGUCACGGUACCCAAUUUUCUGCCCCGGACUCCACGGCUGUUACUAGAGGUUAUG
AAACAAGAGAAGGACUUAAUGUCACGGUAC
;
B
3 'polyribonucleotide' CUCUAGUAACAGCCGUGGAGUCCGGGGCAGAAAAUUGGCAUGGCACUGUAAUUCAG C
4 'polypeptide(L)'
;MNNTEENIDRIQEPTREDIDRKEAERLLDEAFNPRTKPVDRKKIINSALKILIGLYKEKKDDLTSASFISIARAYYLVSI
TILPKGTTIPEKKKEALRKGIEFIDRAINKFNGSILDSQRAFRIKSVLSIEFNRIDREKCDNIKLKNLLNEAVDKGCTDF
DTYEWDIQIAIRLCELGVDMEGHFDNLIKSNKANDLQKAKAYYFIKKDDHKAKEHMDKCTASLKYTPCSHRLWDETVGFI
ERLKGDSSTLWRDFAIKTYRSCRVQEKETGTLRLRWYWSRHRVLYDMAFLAVKEQADDEEPDVNVKQAKIKKLAEISDSL
KSRFSLRLSDMEKMPKSDDESNHEFKKFLDKCVTAYQDGYVINRSEDKEGQGENKSTTSKQPEPRPQAKLLELTQVPEGW
VVVHFYLNKLEGMGNAIVFDKCANSWQYKEFQYKELFEVFLTWQANYNLYKENAAEHLVTLCKKIGETMPFLFCDNFIPN
GKDVLFVPHDFLHRLPLHGSIENKTNGKLFLENHSCCYLPAWSFASEKEASTSDEYVLLKNFDQGHFETLQNNQIWGTQS
VKDGASSDDLENIRNNPRLLTILCHGEANMSNPFRSMLKLANGGITYLEILNSVKGLKGSQVILGACETDLVPPLSDVMD
EHYSVATALLLIGAAGVVGTMWKVRSNKTKSLIEWKLENIEYKLNEWQKETGGAAYKDHPPTFYRSIAFRSIGFPLGGSG
WSHPQFEKGGGSGGGSGGWSHPQFEK
;
D
#
loop_
_chem_comp.id
_chem_comp.type
_chem_comp.name
_chem_comp.formula
A RNA linking ADENOSINE-5'-MONOPHOSPHATE 'C10 H14 N5 O7 P'
C RNA linking CYTIDINE-5'-MONOPHOSPHATE 'C9 H14 N3 O8 P'
G RNA linking GUANOSINE-5'-MONOPHOSPHATE 'C10 H14 N5 O8 P'
MG non-polymer 'MAGNESIUM ION' 'Mg 2'
U RNA linking URIDINE-5'-MONOPHOSPHATE 'C9 H13 N2 O9 P'
ZN non-polymer 'ZINC ION' 'Zn 2'
#
# COMPACT_ATOMS: atom_id res chain seq x y z
N MET A 12 35.84 -40.75 -7.77
CA MET A 12 36.94 -40.03 -7.13
C MET A 12 36.63 -38.55 -6.99
N ASN A 13 37.32 -37.73 -7.78
CA ASN A 13 37.10 -36.29 -7.81
C ASN A 13 36.52 -35.90 -9.16
N ILE A 14 35.47 -35.08 -9.14
CA ILE A 14 34.80 -34.65 -10.35
C ILE A 14 34.51 -33.15 -10.29
N THR A 15 34.63 -32.51 -11.45
CA THR A 15 34.28 -31.10 -11.58
C THR A 15 32.79 -30.96 -11.79
N VAL A 16 32.16 -30.11 -10.97
CA VAL A 16 30.72 -29.94 -10.95
C VAL A 16 30.38 -28.52 -11.40
N GLU A 17 29.48 -28.41 -12.36
CA GLU A 17 29.05 -27.13 -12.91
C GLU A 17 27.63 -26.85 -12.42
N LEU A 18 27.47 -25.75 -11.70
CA LEU A 18 26.20 -25.34 -11.12
C LEU A 18 25.66 -24.20 -11.98
N THR A 19 24.61 -24.47 -12.74
CA THR A 19 24.03 -23.50 -13.67
C THR A 19 22.72 -22.98 -13.08
N PHE A 20 22.62 -21.67 -12.96
CA PHE A 20 21.40 -21.03 -12.48
C PHE A 20 20.51 -20.65 -13.66
N PHE A 21 19.20 -20.65 -13.42
CA PHE A 21 18.24 -20.36 -14.46
C PHE A 21 17.27 -19.25 -14.10
N GLU A 22 17.43 -18.64 -12.93
CA GLU A 22 16.77 -17.39 -12.59
C GLU A 22 17.74 -16.60 -11.74
N PRO A 23 17.56 -15.28 -11.63
CA PRO A 23 18.54 -14.46 -10.90
C PRO A 23 18.77 -14.95 -9.48
N TYR A 24 19.97 -15.46 -9.22
CA TYR A 24 20.29 -16.02 -7.92
C TYR A 24 20.73 -14.93 -6.96
N ARG A 25 20.40 -15.12 -5.69
CA ARG A 25 20.75 -14.13 -4.69
C ARG A 25 22.23 -14.18 -4.37
N LEU A 26 22.80 -13.00 -4.10
CA LEU A 26 24.20 -12.83 -3.81
C LEU A 26 24.33 -11.87 -2.65
N VAL A 27 25.37 -12.10 -1.84
CA VAL A 27 25.67 -11.27 -0.68
C VAL A 27 27.17 -11.24 -0.49
N GLU A 28 27.65 -10.17 0.15
CA GLU A 28 29.09 -10.00 0.36
C GLU A 28 29.62 -11.08 1.29
N TRP A 29 30.71 -11.73 0.86
CA TRP A 29 31.30 -12.79 1.67
C TRP A 29 31.89 -12.21 2.95
N PHE A 30 31.55 -12.82 4.07
CA PHE A 30 32.12 -12.49 5.37
C PHE A 30 32.71 -13.75 5.99
N ASP A 31 33.77 -13.57 6.78
CA ASP A 31 34.29 -14.67 7.57
C ASP A 31 33.25 -15.06 8.62
N TRP A 32 33.27 -16.33 9.01
CA TRP A 32 32.21 -16.88 9.85
C TRP A 32 32.05 -16.09 11.13
N ASP A 33 33.16 -15.76 11.80
CA ASP A 33 33.06 -14.99 13.03
C ASP A 33 32.65 -13.54 12.75
N ALA A 34 33.19 -12.94 11.69
CA ALA A 34 32.83 -11.58 11.32
C ALA A 34 31.48 -11.49 10.62
N ARG A 35 30.91 -12.62 10.19
CA ARG A 35 29.62 -12.59 9.51
C ARG A 35 28.49 -12.21 10.46
N LYS A 36 28.62 -12.56 11.75
CA LYS A 36 27.59 -12.21 12.71
C LYS A 36 27.45 -10.71 12.89
N LYS A 37 28.48 -9.94 12.54
CA LYS A 37 28.40 -8.48 12.69
C LYS A 37 27.37 -7.89 11.74
N SER A 38 27.31 -8.37 10.51
CA SER A 38 26.41 -7.84 9.49
C SER A 38 25.25 -8.80 9.32
N HIS A 39 24.02 -8.30 9.54
CA HIS A 39 22.84 -9.14 9.38
C HIS A 39 22.53 -9.45 7.92
N SER A 40 22.99 -8.60 6.99
CA SER A 40 22.77 -8.87 5.58
C SER A 40 23.50 -10.13 5.14
N ALA A 41 24.78 -10.25 5.50
CA ALA A 41 25.52 -11.47 5.22
C ALA A 41 25.14 -12.59 6.17
N MET A 42 24.65 -12.24 7.37
CA MET A 42 24.17 -13.27 8.30
C MET A 42 22.99 -14.02 7.71
N ARG A 43 22.05 -13.30 7.11
CA ARG A 43 20.92 -13.94 6.46
C ARG A 43 21.34 -14.68 5.20
N GLY A 44 22.18 -14.06 4.38
CA GLY A 44 22.61 -14.66 3.14
C GLY A 44 23.65 -15.76 3.31
N GLN A 45 23.40 -16.69 4.24
CA GLN A 45 24.28 -17.84 4.40
C GLN A 45 24.04 -18.89 3.32
N ALA A 46 22.86 -18.88 2.69
CA ALA A 46 22.56 -19.77 1.59
C ALA A 46 22.68 -19.08 0.24
N PHE A 47 23.20 -17.86 0.21
CA PHE A 47 23.33 -17.10 -1.02
C PHE A 47 24.69 -17.36 -1.66
N ALA A 48 24.85 -16.81 -2.87
CA ALA A 48 26.16 -16.83 -3.50
C ALA A 48 27.05 -15.77 -2.85
N GLN A 49 28.23 -16.18 -2.43
CA GLN A 49 29.13 -15.31 -1.69
C GLN A 49 29.95 -14.48 -2.66
N TRP A 50 30.23 -13.23 -2.26
CA TRP A 50 31.01 -12.31 -3.08
C TRP A 50 32.07 -11.67 -2.20
N THR A 51 33.34 -11.78 -2.61
CA THR A 51 34.43 -11.25 -1.82
C THR A 51 35.26 -10.29 -2.67
N TRP A 52 35.56 -9.14 -2.12
CA TRP A 52 36.29 -8.11 -2.86
C TRP A 52 37.70 -8.59 -3.20
N LYS A 53 38.09 -8.40 -4.46
CA LYS A 53 39.40 -8.84 -4.95
C LYS A 53 40.47 -7.78 -4.77
N GLY A 54 40.11 -6.56 -4.37
CA GLY A 54 41.10 -5.52 -4.21
C GLY A 54 40.52 -4.34 -3.46
N LYS A 55 41.38 -3.36 -3.22
CA LYS A 55 40.98 -2.16 -2.50
C LYS A 55 40.03 -1.31 -3.35
N GLY A 56 39.21 -0.52 -2.67
CA GLY A 56 38.31 0.42 -3.32
C GLY A 56 36.86 -0.03 -3.39
N ARG A 57 36.58 -1.30 -3.11
CA ARG A 57 35.22 -1.85 -3.18
C ARG A 57 34.65 -1.61 -4.58
N THR A 58 35.40 -2.07 -5.59
CA THR A 58 34.97 -1.98 -6.98
C THR A 58 34.85 -3.33 -7.64
N ALA A 59 35.89 -4.16 -7.60
CA ALA A 59 35.92 -5.44 -8.27
C ALA A 59 36.16 -6.55 -7.27
N GLY A 60 35.59 -7.71 -7.55
CA GLY A 60 35.72 -8.84 -6.65
C GLY A 60 35.48 -10.13 -7.39
N LYS A 61 35.49 -11.22 -6.62
CA LYS A 61 35.26 -12.55 -7.13
C LYS A 61 34.05 -13.15 -6.42
N SER A 62 33.19 -13.80 -7.19
CA SER A 62 31.99 -14.43 -6.67
C SER A 62 32.18 -15.94 -6.65
N PHE A 63 31.88 -16.56 -5.52
CA PHE A 63 31.97 -17.99 -5.36
C PHE A 63 30.71 -18.50 -4.67
N ILE A 64 30.62 -19.81 -4.54
CA ILE A 64 29.53 -20.44 -3.82
C ILE A 64 30.17 -21.38 -2.81
N THR A 65 29.81 -21.21 -1.53
CA THR A 65 30.45 -21.97 -0.48
C THR A 65 30.22 -23.46 -0.68
N GLY A 66 31.31 -24.23 -0.65
CA GLY A 66 31.18 -25.67 -0.78
C GLY A 66 30.35 -26.28 0.32
N THR A 67 30.32 -25.64 1.49
CA THR A 67 29.42 -26.09 2.55
C THR A 67 27.97 -25.87 2.17
N LEU A 68 27.67 -24.82 1.39
CA LEU A 68 26.29 -24.60 0.96
C LEU A 68 25.85 -25.62 -0.07
N VAL A 69 26.71 -25.91 -1.05
CA VAL A 69 26.41 -26.98 -1.99
C VAL A 69 26.30 -28.30 -1.25
N ARG A 70 27.15 -28.51 -0.24
CA ARG A 70 27.08 -29.73 0.55
C ARG A 70 25.76 -29.83 1.30
N SER A 71 25.29 -28.73 1.88
CA SER A 71 24.00 -28.76 2.58
C SER A 71 22.85 -29.02 1.63
N ALA A 72 22.88 -28.40 0.45
CA ALA A 72 21.86 -28.68 -0.55
C ALA A 72 21.92 -30.15 -0.98
N VAL A 73 23.12 -30.69 -1.14
CA VAL A 73 23.29 -32.08 -1.56
C VAL A 73 22.77 -33.03 -0.49
N ILE A 74 23.06 -32.76 0.78
CA ILE A 74 22.57 -33.67 1.83
C ILE A 74 21.08 -33.52 2.03
N LYS A 75 20.51 -32.33 1.78
CA LYS A 75 19.07 -32.19 1.78
C LYS A 75 18.44 -33.00 0.65
N ALA A 76 19.06 -32.97 -0.53
CA ALA A 76 18.58 -33.77 -1.64
C ALA A 76 18.71 -35.26 -1.34
N VAL A 77 19.76 -35.66 -0.63
CA VAL A 77 19.90 -37.05 -0.23
C VAL A 77 18.81 -37.43 0.76
N GLU A 78 18.52 -36.55 1.72
CA GLU A 78 17.41 -36.78 2.64
C GLU A 78 16.13 -37.04 1.87
N GLU A 79 15.80 -36.15 0.93
CA GLU A 79 14.56 -36.29 0.17
C GLU A 79 14.58 -37.55 -0.70
N LEU A 80 15.73 -37.85 -1.32
CA LEU A 80 15.84 -39.01 -2.18
C LEU A 80 15.63 -40.30 -1.41
N LEU A 81 16.24 -40.41 -0.22
CA LEU A 81 16.07 -41.61 0.58
C LEU A 81 14.68 -41.69 1.18
N SER A 82 14.10 -40.55 1.55
CA SER A 82 12.74 -40.55 2.06
C SER A 82 11.76 -41.02 0.99
N LEU A 83 11.95 -40.58 -0.25
CA LEU A 83 11.11 -41.06 -1.35
C LEU A 83 11.25 -42.56 -1.51
N ASN A 84 12.48 -43.06 -1.56
CA ASN A 84 12.73 -44.49 -1.76
C ASN A 84 12.87 -45.22 -0.42
N ASN A 85 11.89 -45.01 0.47
CA ASN A 85 11.75 -45.74 1.72
C ASN A 85 13.06 -45.94 2.48
N GLY A 86 13.97 -44.98 2.41
CA GLY A 86 15.24 -45.09 3.11
C GLY A 86 16.29 -45.92 2.42
N LYS A 87 16.17 -46.14 1.11
CA LYS A 87 17.13 -46.93 0.36
C LYS A 87 17.51 -46.19 -0.92
N TRP A 88 18.65 -46.56 -1.48
CA TRP A 88 19.02 -46.09 -2.80
C TRP A 88 19.78 -47.19 -3.52
N GLU A 89 19.28 -47.59 -4.69
CA GLU A 89 19.89 -48.65 -5.49
C GLU A 89 20.07 -49.94 -4.70
N GLY A 90 19.09 -50.23 -3.83
CA GLY A 90 19.12 -51.43 -3.03
C GLY A 90 20.01 -51.39 -1.81
N VAL A 91 20.63 -50.25 -1.53
CA VAL A 91 21.54 -50.12 -0.38
C VAL A 91 20.75 -49.46 0.75
N PRO A 92 20.44 -50.17 1.83
CA PRO A 92 19.64 -49.57 2.91
C PRO A 92 20.49 -48.63 3.75
N CYS A 93 20.11 -47.35 3.77
CA CYS A 93 20.77 -46.36 4.60
C CYS A 93 20.08 -46.26 5.95
N CYS A 94 20.75 -45.60 6.89
CA CYS A 94 20.12 -45.30 8.16
C CYS A 94 19.54 -43.88 8.11
N ASN A 95 18.95 -43.45 9.23
CA ASN A 95 18.37 -42.12 9.28
C ASN A 95 19.43 -41.02 9.30
N GLY A 96 20.70 -41.37 9.46
CA GLY A 96 21.75 -40.38 9.54
C GLY A 96 21.80 -39.71 10.89
N SER A 97 22.76 -38.82 11.04
CA SER A 97 22.92 -38.06 12.28
C SER A 97 22.94 -36.57 11.94
N PHE A 98 22.13 -35.81 12.67
CA PHE A 98 22.07 -34.36 12.51
C PHE A 98 22.03 -33.71 13.88
N GLN A 99 22.79 -34.27 14.83
CA GLN A 99 22.82 -33.76 16.20
C GLN A 99 24.27 -33.90 16.70
N THR A 100 25.01 -32.80 16.64
CA THR A 100 26.36 -32.76 17.20
C THR A 100 26.25 -32.28 18.64
N ASP A 101 26.57 -33.15 19.58
CA ASP A 101 26.54 -32.78 20.98
C ASP A 101 27.64 -31.75 21.26
N GLU A 102 27.30 -30.76 22.07
CA GLU A 102 28.28 -29.71 22.38
C GLU A 102 29.47 -30.26 23.15
N SER A 103 29.23 -31.25 24.01
CA SER A 103 30.34 -31.87 24.75
C SER A 103 31.21 -32.71 23.82
N LYS A 104 30.60 -33.38 22.84
CA LYS A 104 31.36 -34.17 21.88
C LYS A 104 32.29 -33.27 21.06
N GLY A 105 31.80 -32.10 20.68
CA GLY A 105 32.62 -31.18 19.90
C GLY A 105 31.85 -29.90 19.63
N LYS A 106 32.46 -29.03 18.83
CA LYS A 106 31.82 -27.77 18.50
C LYS A 106 30.67 -27.99 17.52
N LYS A 107 29.64 -27.16 17.64
CA LYS A 107 28.51 -27.24 16.74
C LYS A 107 28.91 -26.82 15.34
N PRO A 108 28.26 -27.35 14.31
CA PRO A 108 28.54 -26.90 12.95
C PRO A 108 28.15 -25.43 12.78
N SER A 109 28.80 -24.76 11.82
CA SER A 109 28.58 -23.34 11.65
C SER A 109 27.12 -23.03 11.31
N PHE A 110 26.44 -23.95 10.64
CA PHE A 110 25.04 -23.79 10.27
C PHE A 110 24.20 -24.82 10.99
N LEU A 111 23.17 -24.36 11.70
CA LEU A 111 22.31 -25.22 12.49
C LEU A 111 20.98 -25.41 11.78
N ARG A 112 20.55 -26.66 11.67
CA ARG A 112 19.31 -26.94 10.97
C ARG A 112 18.10 -26.56 11.81
N LYS A 113 17.17 -25.83 11.18
CA LYS A 113 15.93 -25.41 11.83
C LYS A 113 14.72 -25.95 11.09
N ARG A 114 14.86 -27.12 10.46
CA ARG A 114 13.83 -27.67 9.60
C ARG A 114 13.59 -29.14 9.91
N HIS A 115 12.43 -29.62 9.48
CA HIS A 115 12.09 -31.03 9.65
C HIS A 115 13.04 -31.88 8.84
N THR A 116 13.56 -32.93 9.47
CA THR A 116 14.47 -33.86 8.82
C THR A 116 13.69 -35.09 8.38
N LEU A 117 13.70 -35.35 7.07
CA LEU A 117 13.02 -36.53 6.56
C LEU A 117 13.69 -37.78 7.10
N GLN A 118 12.90 -38.63 7.76
CA GLN A 118 13.43 -39.81 8.42
C GLN A 118 12.59 -41.03 8.04
N TRP A 119 13.16 -42.20 8.29
CA TRP A 119 12.55 -43.45 7.86
C TRP A 119 12.91 -44.54 8.85
N GLN A 120 12.27 -45.69 8.70
CA GLN A 120 12.61 -46.85 9.51
C GLN A 120 13.97 -47.38 9.07
N ALA A 121 14.87 -47.56 10.05
CA ALA A 121 16.23 -47.96 9.73
C ALA A 121 16.29 -49.43 9.34
N ASN A 122 16.84 -49.71 8.16
CA ASN A 122 16.98 -51.07 7.66
C ASN A 122 18.43 -51.50 7.56
N ASN A 123 19.37 -50.71 8.09
CA ASN A 123 20.77 -51.09 8.07
C ASN A 123 21.02 -52.31 8.95
N LYS A 124 21.89 -53.21 8.47
CA LYS A 124 22.18 -54.42 9.22
C LYS A 124 22.82 -54.11 10.57
N ASN A 125 23.78 -53.18 10.58
CA ASN A 125 24.50 -52.81 11.79
C ASN A 125 24.52 -51.30 11.93
N ILE A 126 24.84 -50.84 13.14
CA ILE A 126 24.99 -49.41 13.37
C ILE A 126 26.16 -48.89 12.55
N CYS A 127 26.08 -47.61 12.17
CA CYS A 127 27.08 -47.02 11.30
C CYS A 127 28.28 -46.55 12.10
N ASP A 128 29.48 -46.94 11.65
CA ASP A 128 30.72 -46.60 12.34
C ASP A 128 31.81 -46.37 11.32
N LYS A 129 33.05 -46.20 11.81
CA LYS A 129 34.18 -45.93 10.93
C LYS A 129 34.46 -47.11 10.01
N GLU A 130 34.35 -48.34 10.52
CA GLU A 130 34.70 -49.51 9.74
C GLU A 130 33.81 -49.65 8.51
N GLU A 131 32.51 -49.38 8.65
CA GLU A 131 31.59 -49.39 7.52
C GLU A 131 30.40 -48.53 7.86
N ALA A 132 29.92 -47.77 6.88
CA ALA A 132 28.78 -46.89 7.07
C ALA A 132 27.96 -46.83 5.79
N CYS A 133 26.68 -46.51 5.96
CA CYS A 133 25.78 -46.39 4.83
C CYS A 133 26.16 -45.17 3.99
N PRO A 134 25.77 -45.15 2.71
CA PRO A 134 26.10 -44.00 1.86
C PRO A 134 25.58 -42.68 2.39
N PHE A 135 24.51 -42.68 3.17
CA PHE A 135 24.04 -41.44 3.78
C PHE A 135 25.07 -40.87 4.74
N CYS A 136 25.64 -41.73 5.59
CA CYS A 136 26.68 -41.28 6.52
C CYS A 136 27.94 -40.85 5.78
N ILE A 137 28.28 -41.55 4.70
CA ILE A 137 29.45 -41.18 3.90
C ILE A 137 29.25 -39.81 3.27
N LEU A 138 28.07 -39.56 2.70
CA LEU A 138 27.79 -38.27 2.10
C LEU A 138 27.75 -37.18 3.15
N LEU A 139 27.24 -37.48 4.33
CA LEU A 139 27.37 -36.56 5.45
C LEU A 139 28.82 -36.39 5.87
N GLY A 140 29.69 -37.31 5.51
CA GLY A 140 31.05 -37.32 6.04
C GLY A 140 31.07 -37.61 7.53
N ARG A 141 30.24 -38.55 7.97
CA ARG A 141 30.05 -38.75 9.41
C ARG A 141 31.30 -39.30 10.08
N PHE A 142 31.97 -40.24 9.43
CA PHE A 142 33.09 -40.96 10.03
C PHE A 142 34.36 -40.85 9.19
N ASP A 143 34.65 -39.64 8.71
CA ASP A 143 35.92 -39.36 8.07
C ASP A 143 36.86 -38.70 9.06
N ASN A 144 38.12 -38.54 8.64
CA ASN A 144 39.09 -37.90 9.52
C ASN A 144 38.76 -36.42 9.73
N ALA A 145 38.29 -35.75 8.69
CA ALA A 145 37.99 -34.32 8.79
C ALA A 145 36.82 -34.08 9.73
N GLY A 146 36.89 -32.98 10.47
CA GLY A 146 35.88 -32.61 11.44
C GLY A 146 35.43 -31.18 11.24
N LYS A 147 34.91 -30.60 12.32
CA LYS A 147 34.34 -29.26 12.27
C LYS A 147 35.37 -28.17 12.07
N VAL A 148 36.66 -28.48 12.19
CA VAL A 148 37.73 -27.52 11.95
C VAL A 148 38.59 -28.04 10.81
N HIS A 149 38.73 -27.22 9.76
CA HIS A 149 39.45 -27.64 8.57
C HIS A 149 40.96 -27.62 8.83
N GLU A 150 41.62 -28.74 8.54
CA GLU A 150 43.07 -28.83 8.63
C GLU A 150 43.71 -29.18 7.29
N ARG A 151 43.25 -30.24 6.65
CA ARG A 151 43.80 -30.67 5.37
C ARG A 151 42.67 -31.08 4.43
N ASN A 152 42.94 -31.00 3.13
CA ASN A 152 41.96 -31.35 2.12
C ASN A 152 41.88 -32.85 1.87
N LYS A 153 42.83 -33.62 2.37
CA LYS A 153 42.84 -35.07 2.20
C LYS A 153 42.13 -35.80 3.32
N ASP A 154 41.59 -35.08 4.29
CA ASP A 154 40.92 -35.67 5.45
C ASP A 154 39.43 -35.94 5.20
N TYR A 155 38.91 -35.56 4.05
CA TYR A 155 37.48 -35.64 3.77
C TYR A 155 37.19 -36.85 2.90
N ASP A 156 36.37 -37.77 3.42
CA ASP A 156 35.83 -38.83 2.58
C ASP A 156 34.94 -38.26 1.49
N ILE A 157 34.12 -37.28 1.83
CA ILE A 157 33.43 -36.43 0.88
C ILE A 157 33.91 -35.00 1.09
N HIS A 158 34.30 -34.34 0.01
CA HIS A 158 34.75 -32.96 0.06
C HIS A 158 34.02 -32.17 -1.01
N PHE A 159 33.38 -31.08 -0.59
CA PHE A 159 32.74 -30.15 -1.50
C PHE A 159 33.56 -28.88 -1.51
N SER A 160 34.32 -28.67 -2.58
CA SER A 160 35.16 -27.48 -2.67
C SER A 160 34.31 -26.25 -2.93
N ASN A 161 34.94 -25.09 -2.83
CA ASN A 161 34.28 -23.85 -3.18
C ASN A 161 33.94 -23.82 -4.66
N PHE A 162 32.81 -23.21 -4.99
CA PHE A 162 32.30 -23.16 -6.36
C PHE A 162 32.57 -21.76 -6.91
N ASP A 163 33.68 -21.61 -7.63
CA ASP A 163 34.05 -20.32 -8.19
C ASP A 163 33.26 -20.06 -9.48
N LEU A 164 32.82 -18.81 -9.65
CA LEU A 164 32.05 -18.44 -10.82
C LEU A 164 32.88 -18.64 -12.09
N ASP A 165 32.28 -19.30 -13.08
CA ASP A 165 32.95 -19.63 -14.32
C ASP A 165 32.50 -18.66 -15.41
N HIS A 166 33.46 -17.97 -16.03
CA HIS A 166 33.16 -17.00 -17.06
C HIS A 166 34.38 -16.72 -17.93
N ASP A 172 39.30 -6.42 -12.15
CA ASP A 172 38.82 -7.68 -12.70
C ASP A 172 37.30 -7.66 -12.89
N LEU A 173 36.60 -8.50 -12.15
CA LEU A 173 35.15 -8.60 -12.26
C LEU A 173 34.50 -7.62 -11.30
N ARG A 174 33.84 -6.60 -11.85
CA ARG A 174 33.16 -5.60 -11.04
C ARG A 174 31.86 -6.18 -10.49
N LEU A 175 31.41 -5.63 -9.36
CA LEU A 175 30.17 -6.11 -8.75
C LEU A 175 28.96 -5.71 -9.59
N VAL A 176 28.94 -4.47 -10.08
CA VAL A 176 27.77 -4.00 -10.83
C VAL A 176 27.57 -4.78 -12.13
N ASP A 177 28.63 -5.42 -12.64
CA ASP A 177 28.48 -6.22 -13.85
C ASP A 177 27.76 -7.53 -13.58
N ILE A 178 27.92 -8.10 -12.39
CA ILE A 178 27.33 -9.39 -12.09
C ILE A 178 25.98 -9.27 -11.40
N ALA A 179 25.83 -8.34 -10.46
CA ALA A 179 24.66 -8.30 -9.60
C ALA A 179 24.03 -6.93 -9.60
N SER A 180 22.73 -6.90 -9.31
CA SER A 180 21.98 -5.68 -9.09
C SER A 180 21.32 -5.75 -7.72
N GLY A 181 21.49 -4.70 -6.94
CA GLY A 181 20.87 -4.66 -5.62
C GLY A 181 19.39 -4.40 -5.75
N ARG A 182 18.60 -5.14 -4.98
CA ARG A 182 17.15 -5.00 -5.04
C ARG A 182 16.56 -5.13 -3.65
N ILE A 183 15.55 -4.31 -3.39
CA ILE A 183 14.81 -4.34 -2.14
C ILE A 183 13.65 -5.31 -2.29
N LEU A 184 13.57 -6.27 -1.38
CA LEU A 184 12.45 -7.19 -1.32
C LEU A 184 11.45 -6.69 -0.29
N ASN A 185 10.48 -7.53 0.07
CA ASN A 185 9.38 -7.05 0.91
C ASN A 185 8.81 -8.20 1.73
N ARG A 186 8.08 -7.82 2.77
CA ARG A 186 7.24 -8.74 3.53
C ARG A 186 5.89 -8.07 3.71
N VAL A 187 4.95 -8.39 2.83
CA VAL A 187 3.66 -7.69 2.79
C VAL A 187 2.71 -8.35 3.78
N ASP A 188 2.13 -7.55 4.65
CA ASP A 188 1.14 -8.05 5.59
C ASP A 188 -0.14 -8.45 4.85
N PHE A 189 -0.65 -9.63 5.16
CA PHE A 189 -1.85 -10.11 4.48
C PHE A 189 -3.08 -9.31 4.87
N ASP A 190 -3.24 -9.03 6.15
CA ASP A 190 -4.47 -8.37 6.62
C ASP A 190 -4.57 -6.94 6.09
N THR A 191 -3.47 -6.20 6.12
CA THR A 191 -3.48 -4.81 5.69
C THR A 191 -3.04 -4.63 4.24
N GLY A 192 -2.37 -5.62 3.65
CA GLY A 192 -1.93 -5.49 2.28
C GLY A 192 -0.69 -4.62 2.10
N LYS A 193 -0.07 -4.17 3.18
CA LYS A 193 1.07 -3.28 3.13
C LYS A 193 2.28 -3.97 3.73
N ALA A 194 3.46 -3.67 3.20
CA ALA A 194 4.67 -4.37 3.62
C ALA A 194 5.03 -4.01 5.05
N LYS A 195 5.23 -5.03 5.88
CA LYS A 195 5.70 -4.82 7.24
C LYS A 195 7.11 -4.25 7.24
N ASP A 196 8.00 -4.85 6.46
CA ASP A 196 9.40 -4.45 6.42
C ASP A 196 9.96 -4.82 5.06
N TYR A 197 11.28 -4.76 4.93
CA TYR A 197 11.92 -5.07 3.66
C TYR A 197 13.36 -5.49 3.93
N PHE A 198 14.01 -6.00 2.88
CA PHE A 198 15.42 -6.34 2.94
C PHE A 198 15.99 -6.27 1.53
N ARG A 199 17.31 -6.22 1.44
CA ARG A 199 18.00 -5.99 0.19
C ARG A 199 18.95 -7.14 -0.10
N THR A 200 18.95 -7.62 -1.34
CA THR A 200 19.85 -8.68 -1.78
C THR A 200 20.36 -8.34 -3.17
N TRP A 201 21.49 -8.95 -3.57
CA TRP A 201 22.05 -8.68 -4.88
C TRP A 201 21.64 -9.80 -5.82
N GLU A 202 20.58 -9.58 -6.60
CA GLU A 202 20.24 -10.58 -7.61
C GLU A 202 21.30 -10.51 -8.71
N ALA A 203 22.07 -11.58 -8.85
CA ALA A 203 23.12 -11.60 -9.85
C ALA A 203 22.59 -12.07 -11.18
N ASP A 204 23.30 -11.69 -12.26
CA ASP A 204 22.89 -12.09 -13.59
C ASP A 204 23.01 -13.60 -13.73
N TYR A 205 21.94 -14.25 -14.17
CA TYR A 205 21.90 -15.69 -14.36
C TYR A 205 22.20 -16.10 -15.79
N GLU A 206 22.49 -15.15 -16.68
CA GLU A 206 22.78 -15.44 -18.08
C GLU A 206 24.26 -15.34 -18.40
N THR A 207 24.90 -14.24 -17.98
CA THR A 207 26.33 -14.07 -18.21
C THR A 207 27.18 -14.57 -17.05
N TYR A 208 26.61 -14.66 -15.85
CA TYR A 208 27.34 -15.06 -14.66
C TYR A 208 26.54 -16.06 -13.85
N GLY A 209 25.90 -17.01 -14.54
CA GLY A 209 25.07 -17.99 -13.87
C GLY A 209 25.73 -19.33 -13.65
N THR A 210 26.90 -19.53 -14.25
CA THR A 210 27.60 -20.80 -14.18
C THR A 210 28.73 -20.75 -13.16
N TYR A 211 28.72 -21.68 -12.21
CA TYR A 211 29.72 -21.76 -11.17
C TYR A 211 30.43 -23.10 -11.27
N THR A 212 31.75 -23.09 -11.32
CA THR A 212 32.52 -24.32 -11.37
C THR A 212 33.04 -24.64 -9.98
N GLY A 213 33.03 -25.93 -9.63
CA GLY A 213 33.52 -26.38 -8.35
C GLY A 213 34.04 -27.79 -8.48
N ARG A 214 34.57 -28.31 -7.37
CA ARG A 214 35.13 -29.66 -7.36
C ARG A 214 34.51 -30.42 -6.19
N ILE A 215 34.16 -31.69 -6.43
CA ILE A 215 33.66 -32.57 -5.39
C ILE A 215 34.49 -33.84 -5.43
N THR A 216 35.17 -34.14 -4.33
CA THR A 216 36.04 -35.31 -4.21
C THR A 216 35.37 -36.35 -3.33
N LEU A 217 35.45 -37.61 -3.73
CA LEU A 217 34.83 -38.70 -2.98
C LEU A 217 35.76 -39.90 -3.02
N ARG A 218 36.35 -40.24 -1.87
CA ARG A 218 37.24 -41.37 -1.74
C ARG A 218 36.51 -42.65 -1.32
N ASN A 219 35.20 -42.57 -1.11
CA ASN A 219 34.37 -43.72 -0.76
C ASN A 219 33.40 -43.95 -1.92
N GLU A 220 33.85 -44.76 -2.88
CA GLU A 220 33.08 -44.97 -4.10
C GLU A 220 31.72 -45.60 -3.84
N HIS A 221 31.54 -46.26 -2.70
CA HIS A 221 30.27 -46.93 -2.42
C HIS A 221 29.10 -45.95 -2.40
N ALA A 222 29.33 -44.72 -1.97
CA ALA A 222 28.29 -43.70 -1.95
C ALA A 222 28.19 -42.93 -3.27
N LYS A 223 29.11 -43.16 -4.20
CA LYS A 223 29.23 -42.30 -5.38
C LYS A 223 27.91 -42.13 -6.10
N LYS A 224 27.26 -43.25 -6.42
CA LYS A 224 25.98 -43.19 -7.13
C LYS A 224 25.01 -42.27 -6.42
N LEU A 225 24.83 -42.46 -5.10
CA LEU A 225 23.91 -41.63 -4.34
C LEU A 225 24.25 -40.16 -4.53
N LEU A 226 25.53 -39.83 -4.37
CA LEU A 226 25.96 -38.44 -4.51
C LEU A 226 25.53 -37.88 -5.86
N LEU A 227 25.81 -38.62 -6.94
CA LEU A 227 25.42 -38.13 -8.26
C LEU A 227 23.92 -37.91 -8.33
N ALA A 228 23.14 -38.84 -7.78
CA ALA A 228 21.70 -38.68 -7.78
C ALA A 228 21.30 -37.42 -7.03
N SER A 229 21.94 -37.16 -5.90
CA SER A 229 21.66 -35.94 -5.15
C SER A 229 21.99 -34.72 -5.99
N LEU A 230 23.07 -34.79 -6.77
CA LEU A 230 23.41 -33.66 -7.64
C LEU A 230 22.30 -33.41 -8.66
N GLY A 231 21.60 -34.46 -9.07
CA GLY A 231 20.47 -34.26 -9.96
C GLY A 231 19.20 -33.84 -9.27
N PHE A 232 19.14 -33.96 -7.95
CA PHE A 232 17.92 -33.68 -7.20
C PHE A 232 17.93 -32.30 -6.55
N VAL A 233 19.02 -31.54 -6.65
CA VAL A 233 19.06 -30.21 -6.07
C VAL A 233 18.23 -29.28 -6.96
N ASP A 234 16.98 -29.03 -6.55
CA ASP A 234 16.09 -28.25 -7.39
C ASP A 234 16.50 -26.79 -7.44
N LYS A 235 16.95 -26.24 -6.32
CA LYS A 235 17.30 -24.83 -6.25
C LYS A 235 18.55 -24.64 -5.41
N LEU A 236 19.24 -23.54 -5.66
CA LEU A 236 20.42 -23.16 -4.90
C LEU A 236 20.59 -21.65 -5.01
N CYS A 237 21.09 -21.04 -3.94
CA CYS A 237 21.38 -19.60 -3.91
C CYS A 237 20.14 -18.78 -4.27
N GLY A 238 18.96 -19.29 -3.94
CA GLY A 238 17.74 -18.58 -4.24
C GLY A 238 17.27 -18.69 -5.67
N ALA A 239 17.77 -19.66 -6.43
CA ALA A 239 17.44 -19.77 -7.84
C ALA A 239 17.35 -21.24 -8.25
N LEU A 240 16.48 -21.51 -9.21
CA LEU A 240 16.44 -22.83 -9.83
C LEU A 240 17.76 -23.12 -10.52
N CYS A 241 18.26 -24.35 -10.35
CA CYS A 241 19.60 -24.65 -10.82
C CYS A 241 19.68 -26.10 -11.27
N ARG A 242 20.61 -26.35 -12.19
CA ARG A 242 21.00 -27.69 -12.58
C ARG A 242 22.46 -27.91 -12.18
N ILE A 243 22.71 -28.98 -11.45
CA ILE A 243 24.05 -29.31 -10.97
C ILE A 243 24.61 -30.47 -11.79
N GLU A 244 25.32 -30.15 -12.85
CA GLU A 244 25.85 -31.16 -13.75
C GLU A 244 27.27 -31.55 -13.36
N VAL A 245 27.71 -32.70 -13.86
CA VAL A 245 29.05 -33.20 -13.59
C VAL A 245 29.79 -33.32 -14.92
N ILE A 246 30.99 -32.75 -14.98
CA ILE A 246 31.79 -32.78 -16.20
C ILE A 246 32.45 -34.14 -16.36
N ASP A 274 33.08 7.19 -19.70
CA ASP A 274 31.73 7.41 -19.21
C ASP A 274 30.99 8.46 -20.04
N HIS A 275 29.98 8.02 -20.79
CA HIS A 275 29.14 8.95 -21.53
C HIS A 275 28.33 9.85 -20.62
N ASN A 276 28.17 9.46 -19.34
CA ASN A 276 27.33 10.22 -18.44
C ASN A 276 27.89 11.63 -18.20
N ASP A 277 29.22 11.75 -18.11
CA ASP A 277 29.80 13.07 -17.87
C ASP A 277 29.57 14.00 -19.06
N GLU A 278 29.77 13.51 -20.28
CA GLU A 278 29.53 14.33 -21.46
C GLU A 278 28.05 14.69 -21.58
N LEU A 279 27.17 13.72 -21.32
CA LEU A 279 25.73 14.01 -21.34
C LEU A 279 25.37 15.03 -20.29
N ARG A 280 26.02 14.99 -19.12
CA ARG A 280 25.78 15.99 -18.09
C ARG A 280 26.25 17.37 -18.52
N LYS A 281 27.40 17.43 -19.21
CA LYS A 281 27.88 18.72 -19.72
C LYS A 281 26.89 19.30 -20.73
N GLN A 282 26.38 18.46 -21.63
CA GLN A 282 25.39 18.93 -22.60
C GLN A 282 24.09 19.32 -21.92
N ALA A 283 23.69 18.60 -20.88
CA ALA A 283 22.52 19.00 -20.10
C ALA A 283 22.74 20.36 -19.45
N GLU A 284 23.95 20.60 -18.93
CA GLU A 284 24.26 21.91 -18.36
C GLU A 284 24.13 23.00 -19.40
N VAL A 285 24.68 22.79 -20.60
CA VAL A 285 24.62 23.85 -21.60
C VAL A 285 23.17 24.08 -22.04
N ILE A 286 22.39 23.01 -22.19
CA ILE A 286 20.99 23.15 -22.58
C ILE A 286 20.21 23.92 -21.53
N VAL A 287 20.39 23.55 -20.25
CA VAL A 287 19.65 24.19 -19.18
C VAL A 287 20.09 25.64 -19.00
N GLU A 288 21.38 25.92 -19.19
CA GLU A 288 21.85 27.30 -19.11
C GLU A 288 21.25 28.15 -20.22
N ALA A 289 21.19 27.61 -21.44
CA ALA A 289 20.56 28.35 -22.53
C ALA A 289 19.07 28.56 -22.28
N PHE A 290 18.39 27.56 -21.71
CA PHE A 290 17.00 27.75 -21.33
C PHE A 290 16.85 28.83 -20.27
N LYS A 291 17.77 28.85 -19.30
CA LYS A 291 17.74 29.87 -18.26
C LYS A 291 17.96 31.26 -18.84
N GLN A 292 18.77 31.36 -19.91
CA GLN A 292 18.97 32.64 -20.57
C GLN A 292 17.66 33.20 -21.12
N ASN A 293 16.83 32.33 -21.70
CA ASN A 293 15.52 32.71 -22.19
C ASN A 293 14.43 32.58 -21.14
N ASP A 294 14.80 32.63 -19.85
CA ASP A 294 13.88 32.53 -18.71
C ASP A 294 12.91 31.35 -18.86
N LYS A 295 13.36 30.28 -19.49
CA LYS A 295 12.57 29.05 -19.63
C LYS A 295 13.17 27.92 -18.80
N LEU A 296 13.67 28.25 -17.62
CA LEU A 296 14.28 27.23 -16.75
C LEU A 296 13.24 26.20 -16.30
N GLU A 297 12.03 26.67 -15.95
CA GLU A 297 10.99 25.74 -15.54
C GLU A 297 10.57 24.79 -16.65
N LYS A 298 10.80 25.17 -17.91
CA LYS A 298 10.49 24.29 -19.02
C LYS A 298 11.44 23.11 -19.09
N ILE A 299 12.53 23.13 -18.32
CA ILE A 299 13.53 22.07 -18.41
C ILE A 299 12.99 20.78 -17.80
N ARG A 300 12.14 20.88 -16.76
CA ARG A 300 11.51 19.69 -16.21
C ARG A 300 10.61 19.02 -17.25
N ILE A 301 9.81 19.84 -17.94
CA ILE A 301 8.95 19.34 -19.01
C ILE A 301 9.80 18.74 -20.12
N LEU A 302 10.92 19.38 -20.44
CA LEU A 302 11.83 18.89 -21.47
C LEU A 302 12.43 17.55 -21.07
N ALA A 303 12.77 17.39 -19.79
CA ALA A 303 13.31 16.12 -19.31
C ALA A 303 12.26 15.02 -19.41
N ASP A 304 11.02 15.34 -19.05
CA ASP A 304 9.94 14.37 -19.21
C ASP A 304 9.76 13.98 -20.68
N ALA A 305 9.80 14.97 -21.57
CA ALA A 305 9.64 14.70 -22.99
C ALA A 305 10.81 13.87 -23.53
N ILE A 306 12.02 14.17 -23.08
CA ILE A 306 13.19 13.43 -23.53
C ILE A 306 13.12 11.99 -23.05
N ARG A 307 12.69 11.79 -21.80
CA ARG A 307 12.51 10.43 -21.30
C ARG A 307 11.45 9.68 -22.09
N THR A 308 10.33 10.34 -22.40
CA THR A 308 9.30 9.67 -23.18
C THR A 308 9.69 9.47 -24.63
N LEU A 309 10.73 10.19 -25.10
CA LEU A 309 11.23 9.96 -26.46
C LEU A 309 11.77 8.56 -26.64
N ARG A 310 12.14 7.88 -25.56
CA ARG A 310 12.61 6.50 -25.66
C ARG A 310 11.54 5.57 -26.20
N LEU A 311 10.27 5.92 -26.04
CA LEU A 311 9.18 5.14 -26.60
C LEU A 311 9.01 5.36 -28.09
N HIS A 312 9.58 6.44 -28.63
CA HIS A 312 9.41 6.78 -30.04
C HIS A 312 10.52 6.24 -30.92
N GLY A 313 11.64 5.81 -30.35
CA GLY A 313 12.75 5.32 -31.13
C GLY A 313 13.60 6.43 -31.71
N GLU A 314 14.66 6.02 -32.41
CA GLU A 314 15.59 6.97 -32.99
C GLU A 314 14.90 7.90 -33.99
N GLY A 315 13.91 7.40 -34.72
CA GLY A 315 13.34 8.15 -35.83
C GLY A 315 12.77 9.50 -35.43
N VAL A 316 12.33 9.65 -34.17
CA VAL A 316 11.75 10.91 -33.76
C VAL A 316 12.78 12.04 -33.81
N ILE A 317 14.05 11.71 -33.69
CA ILE A 317 15.11 12.71 -33.72
C ILE A 317 15.82 12.74 -35.06
N GLU A 318 16.13 11.57 -35.63
CA GLU A 318 16.87 11.55 -36.89
C GLU A 318 15.99 11.99 -38.06
N LYS A 319 14.71 11.66 -38.02
CA LYS A 319 13.77 12.09 -39.06
C LYS A 319 13.05 13.38 -38.69
N ASP A 320 13.38 13.97 -37.55
CA ASP A 320 12.74 15.21 -37.07
C ASP A 320 11.22 15.07 -37.04
N GLU A 321 10.76 14.04 -36.32
CA GLU A 321 9.33 13.81 -36.15
C GLU A 321 8.72 14.67 -35.05
N LEU A 322 9.53 15.47 -34.36
CA LEU A 322 9.00 16.37 -33.35
C LEU A 322 8.15 17.46 -34.02
N PRO A 323 7.15 17.99 -33.32
CA PRO A 323 6.23 18.94 -33.96
C PRO A 323 6.97 20.15 -34.52
N ASP A 324 6.56 20.55 -35.72
CA ASP A 324 7.21 21.64 -36.43
C ASP A 324 6.88 23.01 -35.85
N GLY A 325 5.72 23.15 -35.23
CA GLY A 325 5.28 24.43 -34.73
C GLY A 325 4.46 25.22 -35.75
N LYS A 326 3.60 26.08 -35.23
CA LYS A 326 2.73 26.89 -36.08
C LYS A 326 3.45 28.12 -36.60
N GLY A 332 9.15 29.31 -33.83
CA GLY A 332 8.64 28.00 -34.17
C GLY A 332 7.97 27.30 -33.00
N HIS A 333 8.42 26.08 -32.72
CA HIS A 333 7.87 25.32 -31.61
C HIS A 333 8.25 25.97 -30.28
N HIS A 334 7.35 25.84 -29.31
CA HIS A 334 7.56 26.50 -28.03
C HIS A 334 8.63 25.81 -27.18
N LEU A 335 8.94 24.56 -27.47
CA LEU A 335 9.94 23.85 -26.67
C LEU A 335 11.05 23.23 -27.51
N TRP A 336 10.72 22.69 -28.68
CA TRP A 336 11.71 22.03 -29.52
C TRP A 336 12.42 22.97 -30.47
N ASP A 337 12.03 24.25 -30.49
CA ASP A 337 12.71 25.25 -31.30
C ASP A 337 13.36 26.34 -30.45
N ILE A 338 13.47 26.11 -29.14
CA ILE A 338 14.12 27.08 -28.26
C ILE A 338 15.60 27.16 -28.61
N LYS A 339 16.10 28.39 -28.76
CA LYS A 339 17.49 28.58 -29.16
C LYS A 339 18.42 28.14 -28.05
N VAL A 340 19.27 27.16 -28.35
CA VAL A 340 20.26 26.65 -27.40
C VAL A 340 21.64 26.93 -27.96
N GLN A 341 22.44 27.69 -27.20
CA GLN A 341 23.82 28.07 -27.55
C GLN A 341 23.95 28.55 -29.00
N GLY A 342 22.87 29.03 -29.60
CA GLY A 342 22.88 29.47 -30.97
C GLY A 342 22.22 28.54 -31.98
N THR A 343 21.57 27.47 -31.52
CA THR A 343 20.89 26.56 -32.42
C THR A 343 19.58 26.10 -31.78
N ALA A 344 18.67 25.63 -32.63
CA ALA A 344 17.39 25.13 -32.16
C ALA A 344 17.58 23.85 -31.34
N LEU A 345 16.65 23.62 -30.42
CA LEU A 345 16.77 22.47 -29.52
C LEU A 345 16.69 21.15 -30.29
N ARG A 346 15.83 21.08 -31.31
CA ARG A 346 15.71 19.83 -32.07
C ARG A 346 16.99 19.49 -32.81
N THR A 347 17.62 20.49 -33.44
CA THR A 347 18.89 20.25 -34.13
C THR A 347 19.99 19.91 -33.13
N LYS A 348 19.98 20.56 -31.97
CA LYS A 348 20.94 20.23 -30.92
C LYS A 348 20.78 18.78 -30.46
N LEU A 349 19.54 18.33 -30.32
CA LEU A 349 19.30 16.95 -29.91
C LEU A 349 19.71 15.98 -31.00
N LYS A 350 19.52 16.35 -32.27
CA LYS A 350 20.01 15.52 -33.37
C LYS A 350 21.53 15.39 -33.32
N GLU A 351 22.22 16.51 -33.12
CA GLU A 351 23.69 16.47 -33.01
C GLU A 351 24.12 15.66 -31.79
N LEU A 352 23.42 15.80 -30.67
CA LEU A 352 23.74 15.05 -29.47
C LEU A 352 23.58 13.57 -29.69
N TRP A 353 22.49 13.17 -30.34
CA TRP A 353 22.27 11.76 -30.65
C TRP A 353 23.35 11.22 -31.57
N GLN A 354 23.75 12.01 -32.57
CA GLN A 354 24.82 11.57 -33.46
C GLN A 354 26.14 11.44 -32.69
N SER A 355 26.42 12.37 -31.78
CA SER A 355 27.64 12.28 -30.99
C SER A 355 27.55 11.15 -29.97
N ASN A 356 26.38 10.94 -29.38
CA ASN A 356 26.17 9.92 -28.36
C ASN A 356 25.49 8.67 -28.90
N LYS A 357 25.70 8.37 -30.18
CA LYS A 357 25.14 7.17 -30.79
C LYS A 357 25.72 5.89 -30.20
N ASP A 358 26.85 5.98 -29.50
CA ASP A 358 27.48 4.80 -28.94
C ASP A 358 26.53 4.07 -27.97
N ILE A 359 25.98 4.80 -27.01
CA ILE A 359 24.92 4.24 -26.18
C ILE A 359 23.64 4.17 -26.99
N GLY A 360 22.79 3.21 -26.66
CA GLY A 360 21.56 3.03 -27.41
C GLY A 360 20.64 4.23 -27.29
N TRP A 361 19.68 4.29 -28.21
CA TRP A 361 18.73 5.40 -28.19
C TRP A 361 17.95 5.43 -26.89
N ARG A 362 17.50 4.26 -26.42
CA ARG A 362 16.80 4.19 -25.15
C ARG A 362 17.68 4.72 -24.02
N LYS A 363 18.91 4.19 -23.92
CA LYS A 363 19.81 4.60 -22.85
C LYS A 363 20.15 6.08 -22.97
N PHE A 364 20.40 6.56 -24.19
CA PHE A 364 20.72 7.96 -24.39
C PHE A 364 19.57 8.86 -23.94
N THR A 365 18.33 8.49 -24.29
CA THR A 365 17.19 9.31 -23.91
C THR A 365 16.98 9.30 -22.39
N GLU A 366 17.06 8.12 -21.76
CA GLU A 366 16.90 8.07 -20.32
C GLU A 366 18.00 8.87 -19.61
N MET A 367 19.24 8.72 -20.05
CA MET A 367 20.34 9.42 -19.39
C MET A 367 20.24 10.93 -19.60
N LEU A 368 19.88 11.37 -20.81
CA LEU A 368 19.72 12.79 -21.05
C LEU A 368 18.56 13.37 -20.24
N GLY A 369 17.44 12.66 -20.18
CA GLY A 369 16.34 13.14 -19.37
C GLY A 369 16.68 13.21 -17.90
N SER A 370 17.38 12.19 -17.39
CA SER A 370 17.79 12.19 -15.99
C SER A 370 18.77 13.31 -15.70
N ASN A 371 19.72 13.55 -16.59
CA ASN A 371 20.68 14.63 -16.39
C ASN A 371 20.00 15.99 -16.45
N LEU A 372 19.08 16.18 -17.39
CA LEU A 372 18.34 17.44 -17.46
C LEU A 372 17.52 17.66 -16.19
N TYR A 373 16.86 16.60 -15.70
CA TYR A 373 16.09 16.70 -14.46
C TYR A 373 16.99 17.06 -13.29
N LEU A 374 18.13 16.38 -13.17
CA LEU A 374 19.03 16.62 -12.04
C LEU A 374 19.59 18.03 -12.09
N ILE A 375 19.96 18.51 -13.27
CA ILE A 375 20.50 19.85 -13.38
C ILE A 375 19.43 20.89 -13.10
N TYR A 376 18.19 20.64 -13.57
CA TYR A 376 17.09 21.54 -13.25
C TYR A 376 16.84 21.60 -11.75
N LYS A 377 16.90 20.45 -11.08
CA LYS A 377 16.76 20.44 -9.63
C LYS A 377 17.89 21.21 -8.96
N LYS A 378 19.11 21.07 -9.48
CA LYS A 378 20.23 21.81 -8.94
C LYS A 378 20.04 23.31 -9.10
N GLU A 379 19.49 23.75 -10.23
CA GLU A 379 19.30 25.17 -10.49
C GLU A 379 18.04 25.74 -9.86
N THR A 380 17.16 24.91 -9.31
CA THR A 380 15.92 25.39 -8.69
C THR A 380 15.97 25.35 -7.17
N GLY A 381 17.14 25.08 -6.59
CA GLY A 381 17.26 25.05 -5.14
C GLY A 381 17.66 23.69 -4.60
N GLY A 382 18.43 22.94 -5.39
CA GLY A 382 18.90 21.64 -4.96
C GLY A 382 17.97 20.51 -5.37
N VAL A 383 18.54 19.32 -5.45
CA VAL A 383 17.81 18.12 -5.86
C VAL A 383 17.12 17.52 -4.64
N SER A 384 15.85 17.18 -4.79
CA SER A 384 15.09 16.60 -3.69
C SER A 384 15.69 15.26 -3.27
N THR A 385 15.76 15.05 -1.96
CA THR A 385 16.35 13.85 -1.39
C THR A 385 15.32 13.15 -0.50
N ARG A 386 15.27 11.83 -0.60
CA ARG A 386 14.34 11.05 0.19
C ARG A 386 15.01 10.56 1.47
N PHE A 387 14.23 10.53 2.56
CA PHE A 387 14.75 10.06 3.84
C PHE A 387 13.56 9.63 4.69
N ARG A 388 13.34 8.31 4.78
CA ARG A 388 12.29 7.78 5.63
C ARG A 388 12.71 7.98 7.08
N ILE A 389 11.96 8.82 7.80
CA ILE A 389 12.39 9.25 9.13
C ILE A 389 12.47 8.06 10.09
N LEU A 390 11.44 7.22 10.10
CA LEU A 390 11.30 6.25 11.17
C LEU A 390 11.11 4.82 10.70
N GLY A 391 10.39 4.64 9.60
CA GLY A 391 9.95 3.31 9.22
C GLY A 391 10.74 2.61 8.14
N ASP A 392 11.97 3.06 7.88
CA ASP A 392 12.79 2.43 6.84
C ASP A 392 13.28 1.08 7.33
N THR A 393 12.35 0.15 7.54
CA THR A 393 12.65 -1.10 8.25
C THR A 393 13.30 -2.08 7.29
N GLU A 394 14.62 -2.02 7.21
CA GLU A 394 15.39 -3.04 6.50
C GLU A 394 15.66 -4.16 7.49
N TYR A 395 14.74 -5.12 7.56
CA TYR A 395 14.76 -6.14 8.60
C TYR A 395 15.29 -7.46 8.05
N TYR A 396 16.24 -8.05 8.77
CA TYR A 396 16.72 -9.40 8.51
C TYR A 396 16.55 -10.22 9.78
N SER A 397 16.35 -11.53 9.60
CA SER A 397 16.14 -12.42 10.74
C SER A 397 17.40 -12.59 11.56
N SER A 405 17.53 -21.95 20.31
CA SER A 405 16.75 -23.18 20.55
C SER A 405 17.05 -24.24 19.50
N ASP A 406 18.24 -24.84 19.58
CA ASP A 406 18.59 -25.92 18.67
C ASP A 406 17.65 -27.10 18.90
N LEU A 407 17.12 -27.64 17.81
CA LEU A 407 16.05 -28.63 17.92
C LEU A 407 16.07 -29.52 16.69
N PHE A 408 15.79 -30.81 16.89
CA PHE A 408 15.78 -31.80 15.83
C PHE A 408 14.38 -32.38 15.72
N ILE A 409 13.73 -32.18 14.59
CA ILE A 409 12.38 -32.67 14.34
C ILE A 409 12.45 -33.71 13.24
N PRO A 410 12.35 -34.99 13.57
CA PRO A 410 12.25 -36.02 12.54
C PRO A 410 10.83 -36.26 12.07
N VAL A 411 10.55 -36.01 10.79
CA VAL A 411 9.26 -36.34 10.20
C VAL A 411 9.41 -37.61 9.39
N THR A 412 8.53 -38.58 9.63
CA THR A 412 8.60 -39.88 8.97
C THR A 412 7.38 -40.09 8.09
N PRO A 413 7.50 -39.92 6.78
CA PRO A 413 6.39 -40.22 5.88
C PRO A 413 6.01 -41.69 5.99
N PRO A 414 4.71 -42.01 5.89
CA PRO A 414 4.29 -43.41 5.97
C PRO A 414 4.93 -44.23 4.87
N GLU A 415 5.34 -45.45 5.22
CA GLU A 415 5.92 -46.35 4.23
C GLU A 415 4.88 -46.68 3.17
N GLY A 416 5.27 -46.56 1.90
CA GLY A 416 4.37 -46.80 0.80
C GLY A 416 3.60 -45.59 0.33
N ILE A 417 3.73 -44.44 1.01
CA ILE A 417 3.08 -43.22 0.54
C ILE A 417 3.70 -42.82 -0.80
N GLU A 418 2.90 -42.12 -1.61
CA GLU A 418 3.31 -41.70 -2.94
C GLU A 418 3.51 -40.19 -2.95
N THR A 419 4.73 -39.75 -3.23
CA THR A 419 5.06 -38.35 -3.35
C THR A 419 5.47 -38.06 -4.79
N LYS A 420 4.97 -36.96 -5.34
CA LYS A 420 5.17 -36.67 -6.74
C LYS A 420 5.27 -35.17 -6.94
N GLU A 421 5.65 -34.78 -8.16
CA GLU A 421 5.94 -33.40 -8.50
C GLU A 421 5.06 -32.98 -9.67
N TRP A 422 4.25 -31.96 -9.46
CA TRP A 422 3.39 -31.37 -10.49
C TRP A 422 3.98 -30.03 -10.90
N ILE A 423 4.40 -29.92 -12.15
CA ILE A 423 4.98 -28.68 -12.67
C ILE A 423 3.93 -28.03 -13.56
N ILE A 424 3.27 -27.00 -13.03
CA ILE A 424 2.29 -26.23 -13.76
C ILE A 424 3.05 -25.20 -14.60
N VAL A 425 2.90 -25.27 -15.90
CA VAL A 425 3.50 -24.30 -16.81
C VAL A 425 2.38 -23.52 -17.49
N GLY A 426 2.63 -22.24 -17.72
CA GLY A 426 1.64 -21.41 -18.36
C GLY A 426 2.23 -20.06 -18.72
N ARG A 427 1.35 -19.14 -19.09
CA ARG A 427 1.74 -17.77 -19.41
C ARG A 427 0.85 -16.83 -18.62
N LEU A 428 1.47 -15.96 -17.83
CA LEU A 428 0.77 -14.88 -17.16
C LEU A 428 0.60 -13.74 -18.15
N LYS A 429 -0.63 -13.48 -18.57
CA LYS A 429 -0.96 -12.40 -19.47
C LYS A 429 -1.39 -11.20 -18.65
N ALA A 430 -0.71 -10.06 -18.85
CA ALA A 430 -1.09 -8.86 -18.12
C ALA A 430 -2.41 -8.33 -18.65
N ALA A 431 -3.52 -8.73 -18.01
CA ALA A 431 -4.83 -8.24 -18.43
C ALA A 431 -4.96 -6.75 -18.23
N THR A 432 -4.15 -6.17 -17.36
CA THR A 432 -4.07 -4.74 -17.11
C THR A 432 -2.59 -4.35 -17.07
N PRO A 433 -2.27 -3.07 -17.30
CA PRO A 433 -0.87 -2.64 -17.22
C PRO A 433 -0.21 -3.05 -15.92
N PHE A 434 0.81 -3.89 -16.00
CA PHE A 434 1.45 -4.42 -14.80
C PHE A 434 2.54 -3.49 -14.30
N TYR A 435 2.73 -3.49 -12.99
CA TYR A 435 3.79 -2.71 -12.35
C TYR A 435 4.42 -3.54 -11.25
N PHE A 436 5.72 -3.81 -11.38
CA PHE A 436 6.50 -4.48 -10.35
C PHE A 436 7.53 -3.48 -9.85
N GLY A 437 7.32 -2.98 -8.63
CA GLY A 437 8.09 -1.86 -8.16
C GLY A 437 9.56 -2.19 -7.93
N VAL A 438 10.39 -1.15 -8.00
CA VAL A 438 11.81 -1.25 -7.70
C VAL A 438 12.29 0.13 -7.32
N GLN A 439 13.38 0.19 -6.56
CA GLN A 439 13.88 1.48 -6.09
C GLN A 439 14.64 2.19 -7.20
N GLN A 440 15.07 3.42 -6.91
CA GLN A 440 15.78 4.21 -7.89
C GLN A 440 17.11 3.53 -8.25
N PRO A 441 17.62 3.76 -9.46
CA PRO A 441 18.86 3.08 -9.87
C PRO A 441 20.04 3.34 -8.95
N SER A 442 20.12 4.52 -8.33
CA SER A 442 21.20 4.77 -7.37
C SER A 442 21.10 3.83 -6.18
N ASP A 443 19.88 3.59 -5.68
CA ASP A 443 19.69 2.62 -4.62
C ASP A 443 19.96 1.20 -5.10
N SER A 444 19.75 0.95 -6.40
CA SER A 444 19.86 -0.39 -6.97
C SER A 444 21.29 -0.73 -7.39
N ILE A 445 22.29 -0.02 -6.87
CA ILE A 445 23.69 -0.30 -7.15
C ILE A 445 24.24 -1.14 -6.00
N PRO A 446 24.72 -2.35 -6.26
CA PRO A 446 25.30 -3.16 -5.18
C PRO A 446 26.58 -2.52 -4.65
N GLY A 447 26.85 -2.77 -3.37
CA GLY A 447 28.01 -2.21 -2.73
C GLY A 447 27.87 -0.80 -2.22
N LYS A 448 26.67 -0.23 -2.27
CA LYS A 448 26.44 1.13 -1.79
C LYS A 448 25.36 1.16 -0.71
N SER A 455 21.68 8.81 5.89
CA SER A 455 22.20 8.92 4.53
C SER A 455 21.08 9.21 3.54
N LEU A 456 21.05 10.45 3.04
CA LEU A 456 20.05 10.84 2.05
C LEU A 456 20.29 10.15 0.72
N VAL A 457 19.20 9.81 0.05
CA VAL A 457 19.24 9.23 -1.29
C VAL A 457 18.60 10.21 -2.24
N ILE A 458 19.32 10.55 -3.32
CA ILE A 458 18.85 11.55 -4.26
C ILE A 458 17.69 10.97 -5.07
N ASN A 459 16.58 11.72 -5.13
CA ASN A 459 15.44 11.31 -5.91
C ASN A 459 15.73 11.50 -7.39
N GLU A 460 15.71 10.41 -8.15
CA GLU A 460 16.03 10.47 -9.57
C GLU A 460 14.83 10.99 -10.36
N HIS A 461 14.93 10.91 -11.69
CA HIS A 461 13.91 11.48 -12.56
C HIS A 461 12.57 10.76 -12.39
N THR A 462 12.58 9.43 -12.48
CA THR A 462 11.35 8.65 -12.43
C THR A 462 11.04 8.31 -10.98
N SER A 463 9.86 8.72 -10.51
CA SER A 463 9.49 8.48 -9.12
C SER A 463 9.35 7.00 -8.82
N PHE A 464 8.72 6.25 -9.73
CA PHE A 464 8.55 4.81 -9.58
C PHE A 464 9.10 4.12 -10.82
N ASN A 465 10.04 3.23 -10.62
CA ASN A 465 10.61 2.42 -11.69
C ASN A 465 10.00 1.02 -11.64
N ILE A 466 9.74 0.45 -12.80
CA ILE A 466 9.30 -0.93 -12.90
C ILE A 466 10.53 -1.81 -12.98
N LEU A 467 10.54 -2.89 -12.21
CA LEU A 467 11.69 -3.79 -12.22
C LEU A 467 11.87 -4.38 -13.61
N LEU A 468 13.11 -4.35 -14.09
CA LEU A 468 13.43 -4.81 -15.43
C LEU A 468 14.58 -5.79 -15.38
N ASP A 469 14.65 -6.66 -16.38
CA ASP A 469 15.76 -7.59 -16.53
C ASP A 469 17.02 -6.82 -16.93
N LYS A 470 18.15 -7.53 -16.90
CA LYS A 470 19.42 -6.90 -17.26
C LYS A 470 19.41 -6.40 -18.70
N GLU A 471 18.62 -7.03 -19.57
CA GLU A 471 18.48 -6.62 -20.96
C GLU A 471 17.25 -5.75 -21.17
N ASN A 472 16.82 -5.01 -20.15
CA ASN A 472 15.69 -4.09 -20.18
C ASN A 472 14.36 -4.78 -20.40
N ARG A 473 14.31 -6.10 -20.34
CA ARG A 473 13.05 -6.82 -20.43
C ARG A 473 12.29 -6.75 -19.12
N TYR A 474 10.97 -6.73 -19.21
CA TYR A 474 10.14 -6.71 -18.01
C TYR A 474 10.31 -8.01 -17.25
N ARG A 475 10.31 -7.92 -15.93
CA ARG A 475 10.56 -9.08 -15.09
C ARG A 475 9.44 -9.23 -14.07
N ILE A 476 8.94 -10.44 -13.93
CA ILE A 476 8.11 -10.83 -12.79
C ILE A 476 9.02 -11.57 -11.81
N PRO A 477 9.34 -10.97 -10.67
CA PRO A 477 10.28 -11.63 -9.75
C PRO A 477 9.71 -12.94 -9.24
N ARG A 478 10.59 -13.89 -8.93
CA ARG A 478 10.16 -15.06 -8.18
C ARG A 478 9.58 -14.65 -6.84
N SER A 479 10.14 -13.60 -6.23
CA SER A 479 9.68 -13.18 -4.91
C SER A 479 8.28 -12.58 -4.97
N ALA A 480 8.02 -11.70 -5.93
CA ALA A 480 6.72 -11.06 -6.01
C ALA A 480 5.63 -12.05 -6.39
N LEU A 481 5.89 -12.89 -7.39
CA LEU A 481 4.93 -13.90 -7.78
C LEU A 481 4.72 -14.92 -6.66
N ARG A 482 5.79 -15.26 -5.94
CA ARG A 482 5.66 -16.18 -4.81
C ARG A 482 4.84 -15.58 -3.69
N GLY A 483 5.04 -14.29 -3.40
CA GLY A 483 4.24 -13.65 -2.37
C GLY A 483 2.78 -13.55 -2.75
N ALA A 484 2.50 -13.26 -4.02
CA ALA A 484 1.11 -13.24 -4.47
C ALA A 484 0.49 -14.63 -4.39
N LEU A 485 1.25 -15.66 -4.76
CA LEU A 485 0.75 -17.02 -4.64
C LEU A 485 0.50 -17.40 -3.20
N ARG A 486 1.38 -16.97 -2.28
CA ARG A 486 1.19 -17.26 -0.87
C ARG A 486 -0.05 -16.55 -0.33
N ARG A 487 -0.28 -15.30 -0.74
CA ARG A 487 -1.49 -14.60 -0.32
C ARG A 487 -2.74 -15.28 -0.85
N ASP A 488 -2.72 -15.68 -2.12
CA ASP A 488 -3.88 -16.36 -2.70
C ASP A 488 -4.10 -17.72 -2.04
N LEU A 489 -3.02 -18.41 -1.68
CA LEU A 489 -3.14 -19.67 -0.96
C LEU A 489 -3.72 -19.48 0.42
N ARG A 490 -3.29 -18.41 1.11
CA ARG A 490 -3.86 -18.11 2.42
C ARG A 490 -5.35 -17.80 2.31
N THR A 491 -5.75 -17.10 1.25
CA THR A 491 -7.16 -16.87 1.01
C THR A 491 -7.90 -18.18 0.73
N ALA A 492 -7.33 -19.02 -0.12
CA ALA A 492 -7.98 -20.28 -0.51
C ALA A 492 -8.18 -21.18 0.70
N PHE A 493 -7.14 -21.33 1.53
CA PHE A 493 -7.29 -22.05 2.78
C PHE A 493 -8.25 -21.32 3.72
N GLY A 494 -8.30 -19.99 3.63
CA GLY A 494 -9.02 -19.22 4.61
C GLY A 494 -8.33 -19.12 5.94
N SER A 495 -7.09 -19.60 6.01
CA SER A 495 -6.37 -19.67 7.29
C SER A 495 -4.89 -19.77 6.97
N GLY A 496 -4.13 -18.76 7.38
CA GLY A 496 -2.69 -18.77 7.14
C GLY A 496 -2.01 -17.78 8.07
N CYS A 497 -0.71 -17.97 8.24
CA CYS A 497 0.04 -17.13 9.14
C CYS A 497 0.59 -15.92 8.40
N ASN A 498 0.89 -14.87 9.17
CA ASN A 498 1.77 -13.81 8.69
C ASN A 498 3.20 -14.28 8.89
N VAL A 499 3.98 -14.30 7.80
CA VAL A 499 5.25 -15.01 7.81
C VAL A 499 6.15 -14.49 8.91
N SER A 500 6.61 -15.40 9.77
CA SER A 500 7.54 -15.07 10.84
C SER A 500 8.95 -15.41 10.38
N LEU A 501 9.88 -14.48 10.59
CA LEU A 501 11.24 -14.61 10.09
C LEU A 501 12.17 -15.06 11.21
N GLY A 502 13.04 -16.02 10.89
CA GLY A 502 13.97 -16.51 11.88
C GLY A 502 13.35 -17.38 12.95
N GLY A 503 12.18 -17.96 12.69
CA GLY A 503 11.55 -18.82 13.68
C GLY A 503 12.39 -20.05 13.96
N GLN A 504 12.30 -20.54 15.19
CA GLN A 504 13.08 -21.70 15.59
C GLN A 504 12.67 -22.94 14.80
N ILE A 505 11.37 -23.08 14.53
CA ILE A 505 10.85 -24.24 13.81
C ILE A 505 10.01 -23.75 12.65
N LEU A 506 9.76 -24.66 11.72
CA LEU A 506 8.94 -24.34 10.55
C LEU A 506 7.51 -24.06 10.97
N CYS A 507 6.86 -23.15 10.25
CA CYS A 507 5.41 -22.99 10.37
C CYS A 507 4.73 -24.22 9.80
N ASN A 508 4.00 -24.93 10.64
CA ASN A 508 3.26 -26.10 10.20
C ASN A 508 1.84 -25.76 9.77
N CYS A 509 1.47 -24.48 9.75
CA CYS A 509 0.22 -24.05 9.17
C CYS A 509 0.15 -24.49 7.70
N LYS A 510 -1.08 -24.60 7.20
CA LYS A 510 -1.28 -25.22 5.89
C LYS A 510 -0.58 -24.43 4.79
N VAL A 511 -0.72 -23.10 4.80
CA VAL A 511 -0.16 -22.27 3.74
C VAL A 511 1.36 -22.39 3.72
N CYS A 512 1.99 -22.37 4.89
CA CYS A 512 3.44 -22.50 4.96
C CYS A 512 3.91 -23.84 4.44
N ILE A 513 3.18 -24.92 4.77
CA ILE A 513 3.55 -26.24 4.26
C ILE A 513 3.49 -26.27 2.75
N GLU A 514 2.40 -25.74 2.18
CA GLU A 514 2.28 -25.67 0.73
C GLU A 514 3.44 -24.88 0.13
N MET A 515 3.73 -23.71 0.70
CA MET A 515 4.77 -22.85 0.13
C MET A 515 6.14 -23.51 0.23
N ARG A 516 6.39 -24.25 1.31
CA ARG A 516 7.62 -25.02 1.40
C ARG A 516 7.65 -26.14 0.37
N ARG A 517 6.48 -26.62 -0.05
CA ARG A 517 6.42 -27.61 -1.12
C ARG A 517 6.35 -26.99 -2.50
N ILE A 518 6.23 -25.67 -2.61
CA ILE A 518 6.04 -24.98 -3.88
C ILE A 518 7.31 -24.22 -4.23
N THR A 519 7.75 -24.37 -5.48
CA THR A 519 8.89 -23.63 -6.02
C THR A 519 8.47 -23.00 -7.33
N LEU A 520 8.67 -21.68 -7.45
CA LEU A 520 8.31 -20.97 -8.66
C LEU A 520 9.57 -20.66 -9.47
N LYS A 521 9.40 -19.87 -10.52
CA LYS A 521 10.52 -19.46 -11.36
C LYS A 521 10.42 -17.97 -11.65
N ASP A 522 11.53 -17.26 -11.50
CA ASP A 522 11.58 -15.86 -11.87
C ASP A 522 11.43 -15.74 -13.37
N SER A 523 10.45 -14.96 -13.81
CA SER A 523 10.03 -14.94 -15.20
C SER A 523 10.35 -13.58 -15.84
N VAL A 524 10.86 -13.64 -17.07
CA VAL A 524 11.22 -12.46 -17.84
C VAL A 524 10.42 -12.48 -19.14
N SER A 525 9.75 -11.37 -19.43
CA SER A 525 8.98 -11.27 -20.66
C SER A 525 9.90 -11.08 -21.86
N ASP A 526 9.48 -11.64 -22.99
CA ASP A 526 10.23 -11.48 -24.24
C ASP A 526 9.81 -10.20 -24.95
N PHE A 527 10.02 -9.08 -24.25
CA PHE A 527 9.62 -7.77 -24.76
C PHE A 527 10.40 -6.72 -23.99
N SER A 528 11.28 -6.00 -24.67
CA SER A 528 12.22 -5.11 -24.01
C SER A 528 11.98 -3.63 -24.33
N GLU A 529 10.87 -3.29 -24.97
CA GLU A 529 10.60 -1.89 -25.27
C GLU A 529 10.31 -1.12 -23.98
N PRO A 530 10.57 0.19 -23.98
CA PRO A 530 10.60 0.92 -22.71
C PRO A 530 9.23 0.99 -22.07
N PRO A 531 9.17 1.18 -20.75
CA PRO A 531 7.87 1.25 -20.08
C PRO A 531 7.08 2.50 -20.45
N GLU A 532 5.77 2.38 -20.37
CA GLU A 532 4.94 3.57 -20.45
C GLU A 532 4.96 4.30 -19.12
N ILE A 533 4.61 5.58 -19.15
CA ILE A 533 4.66 6.42 -17.96
C ILE A 533 3.27 6.96 -17.68
N ARG A 534 2.81 6.77 -16.44
CA ARG A 534 1.57 7.36 -15.96
C ARG A 534 1.93 8.47 -14.99
N TYR A 535 1.48 9.69 -15.29
CA TYR A 535 1.77 10.85 -14.44
C TYR A 535 0.62 11.04 -13.47
N ARG A 536 0.66 10.27 -12.38
CA ARG A 536 -0.39 10.38 -11.38
C ARG A 536 -0.21 11.63 -10.54
N ILE A 537 -1.33 12.16 -10.05
CA ILE A 537 -1.36 13.29 -9.15
C ILE A 537 -2.41 13.03 -8.08
N ALA A 538 -2.36 13.84 -7.02
CA ALA A 538 -3.38 13.82 -5.98
C ALA A 538 -4.12 15.15 -6.02
N LYS A 539 -5.45 15.07 -6.10
CA LYS A 539 -6.26 16.28 -6.14
C LYS A 539 -6.50 16.78 -4.72
N ASN A 540 -6.35 18.08 -4.54
CA ASN A 540 -6.65 18.67 -3.24
C ASN A 540 -8.15 18.63 -3.03
N PRO A 541 -8.65 17.95 -2.00
CA PRO A 541 -10.11 17.88 -1.81
C PRO A 541 -10.76 19.24 -1.65
N GLY A 542 -10.09 20.19 -0.99
CA GLY A 542 -10.71 21.47 -0.75
C GLY A 542 -10.94 22.28 -2.02
N THR A 543 -9.91 22.38 -2.85
CA THR A 543 -9.96 23.21 -4.05
C THR A 543 -10.14 22.43 -5.33
N ALA A 544 -10.19 21.10 -5.27
CA ALA A 544 -10.31 20.22 -6.43
C ALA A 544 -9.19 20.46 -7.44
N THR A 545 -8.08 21.05 -6.99
CA THR A 545 -6.90 21.27 -7.80
C THR A 545 -5.84 20.25 -7.39
N VAL A 546 -4.82 20.11 -8.24
CA VAL A 546 -3.72 19.20 -7.93
C VAL A 546 -3.04 19.66 -6.64
N GLU A 547 -2.83 18.72 -5.72
CA GLU A 547 -2.21 19.05 -4.45
C GLU A 547 -0.76 19.49 -4.67
N ASP A 548 -0.31 20.42 -3.83
CA ASP A 548 1.05 20.92 -3.94
C ASP A 548 2.04 19.80 -3.67
N GLY A 549 2.92 19.54 -4.63
CA GLY A 549 3.89 18.48 -4.51
C GLY A 549 3.39 17.11 -4.86
N SER A 550 2.14 16.98 -5.28
CA SER A 550 1.55 15.68 -5.59
C SER A 550 1.65 15.46 -7.09
N LEU A 551 2.72 14.81 -7.52
CA LEU A 551 2.96 14.52 -8.93
C LEU A 551 4.05 13.46 -9.00
N PHE A 552 3.77 12.37 -9.70
CA PHE A 552 4.77 11.32 -9.79
C PHE A 552 4.54 10.48 -11.04
N ASP A 553 5.63 10.16 -11.72
CA ASP A 553 5.60 9.35 -12.93
C ASP A 553 5.90 7.91 -12.56
N ILE A 554 4.99 7.01 -12.96
CA ILE A 554 5.12 5.59 -12.66
C ILE A 554 5.36 4.85 -13.96
N GLU A 555 6.40 4.03 -13.98
CA GLU A 555 6.70 3.18 -15.13
C GLU A 555 5.84 1.94 -15.06
N VAL A 556 4.93 1.79 -16.01
CA VAL A 556 4.05 0.63 -16.09
C VAL A 556 4.32 -0.10 -17.39
N GLY A 557 4.29 -1.44 -17.32
CA GLY A 557 4.43 -2.25 -18.49
C GLY A 557 3.11 -2.35 -19.25
N PRO A 558 3.18 -2.69 -20.53
CA PRO A 558 1.95 -2.77 -21.33
C PRO A 558 1.06 -3.91 -20.87
N GLU A 559 -0.24 -3.72 -21.02
CA GLU A 559 -1.18 -4.79 -20.77
C GLU A 559 -1.18 -5.77 -21.93
N GLY A 560 -1.48 -7.03 -21.63
CA GLY A 560 -1.41 -8.08 -22.62
C GLY A 560 -0.04 -8.71 -22.78
N LEU A 561 0.96 -8.25 -22.03
CA LEU A 561 2.29 -8.83 -22.10
C LEU A 561 2.32 -10.13 -21.31
N THR A 562 2.77 -11.21 -21.94
CA THR A 562 2.77 -12.53 -21.33
C THR A 562 4.16 -12.91 -20.87
N PHE A 563 4.25 -13.34 -19.65
CA PHE A 563 5.40 -13.88 -18.96
C PHE A 563 5.29 -15.40 -18.83
N PRO A 564 6.39 -16.13 -18.87
CA PRO A 564 6.33 -17.55 -18.49
C PRO A 564 5.92 -17.69 -17.03
N PHE A 565 5.26 -18.80 -16.72
CA PHE A 565 4.83 -19.07 -15.35
C PHE A 565 5.11 -20.53 -15.05
N VAL A 566 5.88 -20.76 -13.99
CA VAL A 566 6.23 -22.10 -13.54
C VAL A 566 5.86 -22.23 -12.07
N LEU A 567 5.19 -23.32 -11.72
CA LEU A 567 4.84 -23.60 -10.33
C LEU A 567 5.02 -25.09 -10.10
N ARG A 568 6.08 -25.47 -9.40
CA ARG A 568 6.36 -26.86 -9.09
C ARG A 568 5.87 -27.16 -7.68
N TYR A 569 4.95 -28.11 -7.56
CA TYR A 569 4.54 -28.64 -6.28
C TYR A 569 5.21 -29.99 -6.09
N ARG A 570 5.84 -30.17 -4.94
CA ARG A 570 6.52 -31.43 -4.60
C ARG A 570 5.85 -31.95 -3.33
N GLY A 571 5.01 -32.95 -3.47
CA GLY A 571 4.25 -33.42 -2.32
C GLY A 571 3.42 -34.62 -2.70
N HIS A 572 2.71 -35.15 -1.69
CA HIS A 572 1.97 -36.39 -1.86
C HIS A 572 0.72 -36.19 -2.70
N LYS A 573 -0.16 -35.28 -2.29
CA LYS A 573 -1.42 -35.05 -2.96
C LYS A 573 -1.53 -33.59 -3.37
N PHE A 574 -1.94 -33.35 -4.62
CA PHE A 574 -2.07 -31.99 -5.10
C PHE A 574 -3.21 -31.31 -4.35
N PRO A 575 -2.98 -30.18 -3.71
CA PRO A 575 -3.99 -29.62 -2.81
C PRO A 575 -5.20 -29.08 -3.56
N GLU A 576 -6.35 -29.16 -2.89
CA GLU A 576 -7.55 -28.51 -3.41
C GLU A 576 -7.39 -26.99 -3.42
N GLN A 577 -6.64 -26.45 -2.46
CA GLN A 577 -6.45 -25.01 -2.37
C GLN A 577 -5.46 -24.51 -3.42
N LEU A 578 -4.39 -25.26 -3.70
CA LEU A 578 -3.47 -24.86 -4.76
C LEU A 578 -4.15 -24.93 -6.13
N SER A 579 -4.89 -26.00 -6.39
CA SER A 579 -5.65 -26.08 -7.63
C SER A 579 -6.70 -24.99 -7.69
N SER A 580 -7.29 -24.64 -6.54
CA SER A 580 -8.24 -23.54 -6.50
C SER A 580 -7.58 -22.23 -6.89
N VAL A 581 -6.35 -21.99 -6.40
CA VAL A 581 -5.63 -20.77 -6.76
C VAL A 581 -5.31 -20.75 -8.24
N ILE A 582 -4.88 -21.88 -8.79
CA ILE A 582 -4.54 -21.93 -10.21
C ILE A 582 -5.78 -21.72 -11.07
N ARG A 583 -6.94 -22.22 -10.62
CA ARG A 583 -8.19 -21.96 -11.33
C ARG A 583 -8.63 -20.51 -11.15
N TYR A 584 -8.31 -19.93 -9.99
CA TYR A 584 -8.58 -18.51 -9.75
C TYR A 584 -7.82 -17.64 -10.73
N TRP A 585 -6.57 -17.99 -11.01
CA TRP A 585 -5.73 -17.18 -11.87
C TRP A 585 -6.08 -17.35 -13.34
N GLU A 586 -6.60 -18.51 -13.74
CA GLU A 586 -6.89 -18.75 -15.14
C GLU A 586 -8.06 -17.89 -15.62
N GLU A 587 -7.94 -17.35 -16.83
CA GLU A 587 -9.05 -16.61 -17.42
C GLU A 587 -10.14 -17.53 -17.92
N ASN A 588 -9.75 -18.67 -18.51
CA ASN A 588 -10.68 -19.67 -19.05
C ASN A 588 -11.55 -18.99 -20.09
N ASP A 589 -12.89 -19.03 -19.97
CA ASP A 589 -13.77 -18.42 -20.96
C ASP A 589 -14.68 -17.35 -20.36
N GLY A 590 -15.32 -17.63 -19.24
CA GLY A 590 -16.27 -16.70 -18.67
C GLY A 590 -15.69 -15.80 -17.60
N LYS A 591 -14.82 -16.34 -16.75
CA LYS A 591 -14.22 -15.57 -15.68
C LYS A 591 -13.05 -14.76 -16.21
N ASN A 592 -12.44 -13.96 -15.32
CA ASN A 592 -11.28 -13.15 -15.64
C ASN A 592 -10.10 -13.63 -14.79
N GLY A 593 -8.90 -13.51 -15.36
CA GLY A 593 -7.71 -13.85 -14.60
C GLY A 593 -7.60 -13.01 -13.35
N MET A 594 -7.16 -13.64 -12.26
CA MET A 594 -7.19 -13.00 -10.95
C MET A 594 -5.84 -13.01 -10.24
N ALA A 595 -4.75 -13.29 -10.95
CA ALA A 595 -3.43 -13.20 -10.34
C ALA A 595 -3.04 -11.75 -10.16
N TRP A 596 -3.31 -11.18 -8.98
CA TRP A 596 -2.99 -9.79 -8.70
C TRP A 596 -1.53 -9.69 -8.26
N LEU A 597 -0.64 -9.89 -9.23
CA LEU A 597 0.78 -9.83 -8.95
C LEU A 597 1.27 -8.38 -8.89
N GLY A 598 2.45 -8.20 -8.31
CA GLY A 598 3.06 -6.89 -8.30
C GLY A 598 2.34 -5.90 -7.40
N GLY A 599 2.61 -4.62 -7.65
CA GLY A 599 2.07 -3.54 -6.87
C GLY A 599 1.04 -2.72 -7.63
N LEU A 600 0.62 -1.63 -6.98
CA LEU A 600 -0.41 -0.75 -7.51
C LEU A 600 -1.67 -1.53 -7.85
N ASP A 601 -1.97 -2.53 -7.01
CA ASP A 601 -3.13 -3.38 -7.25
C ASP A 601 -4.42 -2.57 -7.18
N SER A 602 -4.46 -1.54 -6.35
CA SER A 602 -5.68 -0.75 -6.19
C SER A 602 -6.02 0.00 -7.46
N THR A 603 -5.01 0.42 -8.23
CA THR A 603 -5.22 1.13 -9.48
C THR A 603 -5.22 0.19 -10.68
N GLY A 604 -5.63 -1.06 -10.49
CA GLY A 604 -5.73 -1.99 -11.59
C GLY A 604 -4.41 -2.28 -12.27
N LYS A 605 -3.34 -2.45 -11.50
CA LYS A 605 -2.03 -2.78 -12.03
C LYS A 605 -1.61 -4.13 -11.51
N GLY A 606 -1.46 -5.10 -12.41
CA GLY A 606 -0.95 -6.40 -12.06
C GLY A 606 -1.95 -7.52 -12.04
N ARG A 607 -3.15 -7.33 -12.58
CA ARG A 607 -4.10 -8.43 -12.69
C ARG A 607 -3.68 -9.32 -13.84
N PHE A 608 -3.11 -10.47 -13.53
CA PHE A 608 -2.59 -11.38 -14.55
C PHE A 608 -3.55 -12.55 -14.73
N ALA A 609 -3.88 -12.84 -15.98
CA ALA A 609 -4.62 -14.04 -16.33
C ALA A 609 -3.64 -15.15 -16.65
N LEU A 610 -3.66 -16.22 -15.87
CA LEU A 610 -2.74 -17.32 -16.07
C LEU A 610 -3.36 -18.26 -17.10
N LYS A 611 -2.98 -18.09 -18.35
CA LYS A 611 -3.52 -18.87 -19.46
C LYS A 611 -2.52 -19.94 -19.88
N ASP A 612 -2.94 -20.78 -20.82
CA ASP A 612 -2.10 -21.84 -21.37
C ASP A 612 -1.59 -22.77 -20.26
N ILE A 613 -2.45 -23.03 -19.27
CA ILE A 613 -2.06 -23.85 -18.13
C ILE A 613 -1.90 -25.29 -18.59
N LYS A 614 -0.78 -25.90 -18.23
CA LYS A 614 -0.50 -27.29 -18.57
C LYS A 614 0.22 -27.92 -17.38
N ILE A 615 -0.55 -28.57 -16.50
CA ILE A 615 0.03 -29.28 -15.37
C ILE A 615 0.64 -30.59 -15.88
N PHE A 616 1.76 -30.98 -15.27
CA PHE A 616 2.42 -32.24 -15.57
C PHE A 616 2.64 -32.98 -14.26
N GLU A 617 3.33 -34.12 -14.33
CA GLU A 617 3.45 -34.97 -13.15
C GLU A 617 4.68 -35.86 -13.30
N TRP A 618 5.60 -35.76 -12.33
CA TRP A 618 6.66 -36.75 -12.14
C TRP A 618 6.25 -37.63 -10.98
N ASP A 619 6.02 -38.91 -11.25
CA ASP A 619 5.76 -39.86 -10.17
C ASP A 619 7.11 -40.15 -9.50
N LEU A 620 7.43 -39.36 -8.47
CA LEU A 620 8.77 -39.37 -7.91
C LEU A 620 9.13 -40.72 -7.30
N ASN A 621 8.15 -41.45 -6.77
CA ASN A 621 8.45 -42.74 -6.18
C ASN A 621 8.86 -43.76 -7.23
N GLN A 622 8.28 -43.67 -8.43
CA GLN A 622 8.61 -44.57 -9.52
C GLN A 622 9.54 -43.96 -10.56
N LYS A 623 9.35 -42.69 -10.89
CA LYS A 623 10.10 -42.03 -11.96
C LYS A 623 11.23 -41.16 -11.43
N ILE A 624 11.89 -41.58 -10.34
CA ILE A 624 12.92 -40.75 -9.74
C ILE A 624 14.17 -40.72 -10.61
N ASN A 625 14.52 -41.84 -11.24
CA ASN A 625 15.72 -41.88 -12.07
C ASN A 625 15.60 -40.96 -13.26
N GLU A 626 14.44 -40.98 -13.93
CA GLU A 626 14.22 -40.09 -15.07
C GLU A 626 14.07 -38.65 -14.63
N TYR A 627 13.50 -38.42 -13.45
CA TYR A 627 13.45 -37.07 -12.90
C TYR A 627 14.84 -36.51 -12.69
N ILE A 628 15.74 -37.32 -12.12
CA ILE A 628 17.12 -36.88 -11.92
C ILE A 628 17.82 -36.69 -13.27
N LYS A 629 17.54 -37.57 -14.23
CA LYS A 629 18.16 -37.45 -15.55
C LYS A 629 17.76 -36.15 -16.24
N GLU A 630 16.48 -35.78 -16.13
CA GLU A 630 15.97 -34.58 -16.76
C GLU A 630 16.09 -33.34 -15.90
N ARG A 631 16.57 -33.49 -14.65
CA ARG A 631 16.74 -32.36 -13.74
C ARG A 631 15.42 -31.66 -13.48
N GLY A 632 14.33 -32.43 -13.44
CA GLY A 632 13.02 -31.86 -13.22
C GLY A 632 12.58 -30.88 -14.26
N MET A 633 13.22 -30.90 -15.43
CA MET A 633 13.01 -29.90 -16.48
C MET A 633 13.14 -28.49 -15.91
N ARG A 634 14.15 -28.29 -15.07
CA ARG A 634 14.45 -26.97 -14.53
C ARG A 634 15.25 -26.18 -15.56
N GLY A 635 14.74 -25.02 -15.94
CA GLY A 635 15.28 -24.28 -17.06
C GLY A 635 14.80 -24.77 -18.41
N LYS A 636 13.89 -25.74 -18.45
CA LYS A 636 13.33 -26.27 -19.68
C LYS A 636 11.81 -26.19 -19.66
N GLU A 637 11.25 -25.24 -18.92
CA GLU A 637 9.81 -25.13 -18.77
C GLU A 637 9.13 -24.54 -20.00
N LYS A 638 9.80 -23.61 -20.68
CA LYS A 638 9.26 -23.12 -21.94
C LYS A 638 9.15 -24.24 -22.96
N GLU A 639 10.02 -25.26 -22.86
CA GLU A 639 9.84 -26.46 -23.66
C GLU A 639 8.54 -27.16 -23.29
N LEU A 640 8.28 -27.31 -22.00
CA LEU A 640 7.02 -27.93 -21.56
C LEU A 640 5.82 -27.15 -22.08
N LEU A 641 5.95 -25.83 -22.22
CA LEU A 641 4.86 -25.04 -22.78
C LEU A 641 4.74 -25.25 -24.29
N GLU A 642 5.87 -25.37 -25.00
CA GLU A 642 5.89 -25.36 -26.45
C GLU A 642 6.28 -26.71 -27.06
N MET A 643 6.16 -27.81 -26.32
CA MET A 643 6.42 -29.13 -26.86
C MET A 643 5.15 -29.97 -26.83
N GLY A 644 5.11 -30.95 -27.74
CA GLY A 644 3.95 -31.81 -27.85
C GLY A 644 3.80 -32.75 -26.67
N GLU A 645 2.60 -33.31 -26.56
CA GLU A 645 2.32 -34.25 -25.48
C GLU A 645 3.17 -35.50 -25.57
N SER A 646 3.51 -35.93 -26.79
CA SER A 646 4.30 -37.14 -26.96
C SER A 646 5.78 -36.94 -26.65
N SER A 647 6.31 -35.74 -26.89
CA SER A 647 7.73 -35.47 -26.74
C SER A 647 8.13 -35.20 -25.29
N LEU A 648 7.29 -35.54 -24.33
CA LEU A 648 7.62 -35.33 -22.93
C LEU A 648 8.77 -36.21 -22.50
N PRO A 649 9.48 -35.83 -21.44
CA PRO A 649 10.52 -36.71 -20.88
C PRO A 649 9.92 -38.00 -20.36
N ASP A 650 10.80 -38.94 -20.04
CA ASP A 650 10.38 -40.31 -19.72
C ASP A 650 9.46 -40.35 -18.51
N GLY A 651 9.81 -39.63 -17.45
CA GLY A 651 9.03 -39.66 -16.23
C GLY A 651 7.92 -38.65 -16.12
N LEU A 652 7.74 -37.79 -17.12
CA LEU A 652 6.76 -36.74 -17.07
C LEU A 652 5.50 -37.18 -17.81
N ILE A 653 4.37 -37.19 -17.11
CA ILE A 653 3.09 -37.52 -17.73
C ILE A 653 2.14 -36.35 -17.51
N PRO A 654 1.26 -36.03 -18.46
CA PRO A 654 0.32 -34.94 -18.23
C PRO A 654 -0.61 -35.26 -17.07
N TYR A 655 -0.91 -34.23 -16.27
CA TYR A 655 -1.80 -34.40 -15.14
C TYR A 655 -3.23 -34.24 -15.61
N LYS A 656 -3.96 -35.34 -15.71
CA LYS A 656 -5.34 -35.34 -16.17
C LYS A 656 -6.34 -35.17 -15.03
N PHE A 657 -5.87 -35.06 -13.79
CA PHE A 657 -6.75 -34.97 -12.63
C PHE A 657 -6.88 -33.54 -12.11
N PHE A 658 -6.54 -32.54 -12.92
CA PHE A 658 -6.83 -31.16 -12.56
C PHE A 658 -8.32 -30.99 -12.33
N GLU A 659 -8.69 -30.69 -11.09
CA GLU A 659 -10.09 -30.47 -10.78
C GLU A 659 -10.59 -29.22 -11.47
N GLU A 660 -11.83 -29.26 -11.95
CA GLU A 660 -12.38 -28.14 -12.70
C GLU A 660 -12.67 -26.97 -11.77
N ARG A 661 -13.00 -25.83 -12.38
CA ARG A 661 -13.18 -24.59 -11.63
C ARG A 661 -14.23 -24.73 -10.56
N GLU A 662 -15.43 -25.19 -10.93
CA GLU A 662 -16.54 -25.27 -10.00
C GLU A 662 -16.54 -26.55 -9.18
N CYS A 663 -15.56 -27.42 -9.36
CA CYS A 663 -15.43 -28.64 -8.58
C CYS A 663 -14.40 -28.51 -7.47
N LEU A 664 -13.94 -27.30 -7.17
CA LEU A 664 -13.00 -27.04 -6.09
C LEU A 664 -13.70 -26.18 -5.05
N PHE A 665 -13.95 -26.77 -3.87
CA PHE A 665 -14.67 -26.05 -2.83
C PHE A 665 -13.93 -24.81 -2.31
N PRO A 666 -12.61 -24.85 -2.05
CA PRO A 666 -11.94 -23.60 -1.65
C PRO A 666 -12.05 -22.49 -2.68
N TYR A 667 -12.06 -22.83 -3.97
CA TYR A 667 -12.22 -21.80 -5.00
C TYR A 667 -13.60 -21.16 -4.91
N LYS A 668 -14.64 -21.98 -4.85
CA LYS A 668 -16.00 -21.46 -4.84
C LYS A 668 -16.31 -20.72 -3.55
N GLU A 669 -15.77 -21.15 -2.42
CA GLU A 669 -16.09 -20.58 -1.12
C GLU A 669 -15.18 -19.42 -0.75
N ASN A 670 -13.89 -19.51 -1.07
CA ASN A 670 -12.91 -18.53 -0.64
C ASN A 670 -12.42 -17.63 -1.78
N LEU A 671 -12.08 -18.20 -2.92
CA LEU A 671 -11.45 -17.43 -3.99
C LEU A 671 -12.46 -16.78 -4.92
N LYS A 672 -13.50 -17.51 -5.33
CA LYS A 672 -14.48 -16.92 -6.25
C LYS A 672 -15.15 -15.68 -5.68
N PRO A 673 -15.66 -15.67 -4.44
CA PRO A 673 -16.28 -14.44 -3.92
C PRO A 673 -15.29 -13.40 -3.43
N GLN A 674 -13.98 -13.68 -3.51
CA GLN A 674 -12.98 -12.75 -3.00
C GLN A 674 -13.08 -11.40 -3.69
N TRP A 675 -13.10 -11.40 -5.02
CA TRP A 675 -13.20 -10.18 -5.80
C TRP A 675 -14.40 -10.27 -6.74
N SER A 676 -15.39 -9.42 -6.51
CA SER A 676 -16.57 -9.34 -7.36
C SER A 676 -16.36 -8.21 -8.37
N GLU A 677 -16.44 -8.55 -9.65
CA GLU A 677 -16.20 -7.59 -10.71
C GLU A 677 -17.48 -6.84 -11.06
N VAL A 678 -17.41 -5.52 -11.05
CA VAL A 678 -18.50 -4.67 -11.51
C VAL A 678 -18.00 -3.96 -12.76
N GLN A 679 -18.48 -4.38 -13.92
CA GLN A 679 -18.11 -3.80 -15.19
C GLN A 679 -19.26 -2.97 -15.71
N TYR A 680 -18.95 -1.78 -16.21
CA TYR A 680 -19.96 -0.87 -16.70
C TYR A 680 -19.38 -0.04 -17.84
N THR A 681 -20.25 0.65 -18.55
CA THR A 681 -19.87 1.47 -19.70
C THR A 681 -20.38 2.87 -19.47
N ILE A 682 -19.47 3.84 -19.43
CA ILE A 682 -19.82 5.25 -19.32
C ILE A 682 -20.02 5.79 -20.74
N GLU A 683 -21.22 6.29 -21.01
CA GLU A 683 -21.52 6.99 -22.25
C GLU A 683 -21.34 8.48 -21.99
N VAL A 684 -20.41 9.08 -22.73
CA VAL A 684 -19.99 10.46 -22.53
C VAL A 684 -20.42 11.26 -23.76
N GLY A 685 -21.30 12.23 -23.55
CA GLY A 685 -21.81 13.05 -24.63
C GLY A 685 -21.04 14.33 -24.83
N SER A 686 -19.82 14.38 -24.29
CA SER A 686 -18.95 15.53 -24.36
C SER A 686 -17.56 15.09 -24.77
N PRO A 687 -16.74 16.00 -25.30
CA PRO A 687 -15.36 15.62 -25.62
C PRO A 687 -14.64 15.13 -24.38
N LEU A 688 -13.82 14.09 -24.57
CA LEU A 688 -13.07 13.48 -23.47
C LEU A 688 -11.60 13.75 -23.64
N LEU A 689 -10.97 14.33 -22.61
CA LEU A 689 -9.55 14.66 -22.66
C LEU A 689 -8.93 14.35 -21.30
N THR A 690 -8.26 13.20 -21.21
CA THR A 690 -7.32 12.94 -20.13
C THR A 690 -5.96 13.38 -20.63
N ALA A 691 -5.51 14.54 -20.18
CA ALA A 691 -4.37 15.20 -20.81
C ALA A 691 -3.10 14.36 -20.70
N ASP A 692 -2.32 14.37 -21.77
CA ASP A 692 -1.02 13.71 -21.87
C ASP A 692 -0.01 14.68 -22.46
N THR A 693 0.08 15.87 -21.87
CA THR A 693 0.89 16.95 -22.42
C THR A 693 2.33 16.52 -22.67
N ILE A 694 2.89 15.73 -21.74
CA ILE A 694 4.28 15.27 -21.91
C ILE A 694 4.40 14.43 -23.17
N SER A 695 3.46 13.52 -23.38
CA SER A 695 3.42 12.77 -24.63
C SER A 695 2.90 13.62 -25.79
N ALA A 696 2.16 14.69 -25.51
CA ALA A 696 1.72 15.58 -26.57
C ALA A 696 2.90 16.28 -27.24
N LEU A 697 3.90 16.67 -26.45
CA LEU A 697 5.07 17.34 -27.03
C LEU A 697 5.83 16.43 -27.99
N THR A 698 6.00 15.16 -27.63
CA THR A 698 6.90 14.30 -28.39
C THR A 698 6.34 13.97 -29.77
N GLU A 699 5.08 13.57 -29.82
CA GLU A 699 4.54 13.18 -31.12
C GLU A 699 3.91 14.38 -31.83
N PRO A 700 3.86 14.37 -33.16
CA PRO A 700 3.64 15.60 -33.92
C PRO A 700 2.17 16.02 -33.92
N GLY A 701 1.91 17.13 -34.62
CA GLY A 701 0.64 17.78 -34.62
C GLY A 701 0.61 19.06 -33.80
N ASN A 702 1.62 19.28 -32.95
CA ASN A 702 1.73 20.47 -32.11
C ASN A 702 0.45 20.67 -31.31
N ARG A 703 -0.03 19.58 -30.70
CA ARG A 703 -1.20 19.66 -29.84
C ARG A 703 -0.76 19.98 -28.42
N ASP A 704 -1.34 21.02 -27.84
CA ASP A 704 -0.95 21.42 -26.48
C ASP A 704 -1.39 20.37 -25.47
N ALA A 705 -2.60 19.84 -25.61
CA ALA A 705 -3.10 18.77 -24.77
C ALA A 705 -3.77 17.72 -25.63
N ILE A 706 -3.56 16.45 -25.28
CA ILE A 706 -4.11 15.33 -26.04
C ILE A 706 -4.78 14.36 -25.08
N ALA A 707 -5.65 13.52 -25.64
CA ALA A 707 -6.27 12.48 -24.85
C ALA A 707 -5.27 11.38 -24.54
N TYR A 708 -5.31 10.90 -23.30
CA TYR A 708 -4.40 9.83 -22.89
C TYR A 708 -4.70 8.55 -23.65
N LYS A 709 -3.65 7.90 -24.13
CA LYS A 709 -3.76 6.64 -24.85
C LYS A 709 -2.74 5.65 -24.29
N LYS A 710 -3.15 4.42 -24.10
CA LYS A 710 -2.30 3.38 -23.54
C LYS A 710 -1.61 2.59 -24.65
N ARG A 711 -0.36 2.21 -24.39
CA ARG A 711 0.34 1.26 -25.25
C ARG A 711 -0.01 -0.14 -24.79
N VAL A 712 -0.71 -0.89 -25.63
CA VAL A 712 -1.24 -2.20 -25.28
C VAL A 712 -0.47 -3.25 -26.07
N TYR A 713 0.13 -4.21 -25.36
CA TYR A 713 0.81 -5.31 -26.02
C TYR A 713 -0.20 -6.28 -26.60
N ASN A 714 0.11 -6.81 -27.77
CA ASN A 714 -0.74 -7.77 -28.47
C ASN A 714 0.09 -9.01 -28.75
N ASP A 715 -0.09 -10.06 -27.94
CA ASP A 715 0.66 -11.29 -28.14
C ASP A 715 0.28 -12.00 -29.43
N GLY A 716 -0.84 -11.61 -30.06
CA GLY A 716 -1.15 -12.16 -31.37
C GLY A 716 -0.10 -11.81 -32.41
N ASN A 717 0.35 -10.55 -32.42
CA ASN A 717 1.46 -10.11 -33.25
C ASN A 717 2.76 -9.98 -32.48
N ASN A 718 2.74 -10.22 -31.17
CA ASN A 718 3.93 -10.13 -30.32
C ASN A 718 4.57 -8.75 -30.40
N ALA A 719 3.75 -7.71 -30.42
CA ALA A 719 4.25 -6.34 -30.50
C ALA A 719 3.17 -5.39 -29.99
N ILE A 720 3.60 -4.17 -29.67
CA ILE A 720 2.66 -3.15 -29.23
C ILE A 720 1.68 -2.85 -30.36
N GLU A 721 0.42 -2.64 -29.99
CA GLU A 721 -0.62 -2.43 -30.99
C GLU A 721 -0.36 -1.14 -31.76
N PRO A 722 -0.57 -1.13 -33.08
CA PRO A 722 -0.26 0.06 -33.87
C PRO A 722 -1.03 1.30 -33.43
N GLU A 723 -2.30 1.15 -33.06
CA GLU A 723 -3.08 2.27 -32.58
C GLU A 723 -3.25 2.17 -31.07
N PRO A 724 -2.68 3.10 -30.30
CA PRO A 724 -2.86 3.04 -28.85
C PRO A 724 -4.32 3.26 -28.46
N ARG A 725 -4.74 2.58 -27.40
CA ARG A 725 -6.12 2.63 -26.94
C ARG A 725 -6.32 3.85 -26.05
N PHE A 726 -7.18 4.77 -26.49
CA PHE A 726 -7.55 5.89 -25.64
C PHE A 726 -8.36 5.39 -24.45
N ALA A 727 -8.06 5.92 -23.27
CA ALA A 727 -8.73 5.47 -22.07
C ALA A 727 -8.59 6.52 -20.98
N VAL A 728 -9.56 6.55 -20.09
CA VAL A 728 -9.41 7.28 -18.83
C VAL A 728 -8.68 6.35 -17.88
N LYS A 729 -7.51 6.78 -17.41
CA LYS A 729 -6.62 5.88 -16.69
C LYS A 729 -7.27 5.35 -15.43
N SER A 730 -6.88 4.13 -15.05
CA SER A 730 -7.43 3.52 -13.85
C SER A 730 -7.22 4.39 -12.62
N GLU A 731 -6.15 5.19 -12.62
CA GLU A 731 -5.96 6.15 -11.53
C GLU A 731 -7.04 7.21 -11.55
N THR A 732 -7.38 7.72 -12.74
CA THR A 732 -8.44 8.72 -12.83
C THR A 732 -9.79 8.14 -12.44
N HIS A 733 -10.10 6.94 -12.91
CA HIS A 733 -11.34 6.27 -12.55
C HIS A 733 -11.42 6.06 -11.04
N ARG A 734 -10.32 5.56 -10.46
CA ARG A 734 -10.27 5.31 -9.02
C ARG A 734 -10.40 6.61 -8.24
N GLY A 735 -9.78 7.68 -8.71
CA GLY A 735 -9.88 8.97 -8.03
C GLY A 735 -11.28 9.56 -8.13
N ILE A 736 -11.94 9.38 -9.27
CA ILE A 736 -13.32 9.86 -9.40
C ILE A 736 -14.21 9.12 -8.41
N PHE A 737 -14.08 7.79 -8.35
CA PHE A 737 -14.90 7.03 -7.41
C PHE A 737 -14.58 7.41 -5.96
N ARG A 738 -13.30 7.56 -5.64
CA ARG A 738 -12.90 7.92 -4.28
C ARG A 738 -13.42 9.28 -3.90
N THR A 739 -13.36 10.25 -4.82
CA THR A 739 -13.91 11.57 -4.55
C THR A 739 -15.41 11.51 -4.36
N ALA A 740 -16.11 10.73 -5.17
CA ALA A 740 -17.56 10.60 -5.02
C ALA A 740 -17.91 10.02 -3.66
N VAL A 741 -17.21 8.96 -3.26
CA VAL A 741 -17.49 8.31 -1.98
C VAL A 741 -17.15 9.25 -0.82
N GLY A 742 -16.00 9.92 -0.88
CA GLY A 742 -15.60 10.82 0.18
C GLY A 742 -16.34 12.14 0.20
N ARG A 743 -17.09 12.45 -0.85
CA ARG A 743 -17.97 13.61 -0.85
C ARG A 743 -19.35 13.26 -0.32
N ARG A 744 -19.90 12.13 -0.74
CA ARG A 744 -21.19 11.70 -0.20
C ARG A 744 -21.09 11.42 1.29
N THR A 745 -20.02 10.77 1.72
CA THR A 745 -19.83 10.44 3.13
C THR A 745 -19.07 11.50 3.90
N GLY A 746 -18.58 12.55 3.24
CA GLY A 746 -17.79 13.55 3.93
C GLY A 746 -16.44 13.07 4.42
N ASP A 747 -15.97 11.92 3.92
CA ASP A 747 -14.70 11.38 4.38
C ASP A 747 -13.52 12.18 3.82
N LEU A 748 -13.69 12.81 2.66
CA LEU A 748 -12.65 13.66 2.10
C LEU A 748 -12.38 14.87 2.98
N GLY A 749 -13.31 15.22 3.88
CA GLY A 749 -13.15 16.42 4.67
C GLY A 749 -11.98 16.36 5.64
N LYS A 750 -11.83 15.23 6.33
CA LYS A 750 -10.82 15.13 7.37
C LYS A 750 -9.42 15.05 6.77
N GLU A 751 -8.45 15.65 7.48
CA GLU A 751 -7.08 15.69 7.01
C GLU A 751 -6.25 14.50 7.47
N ASP A 752 -6.63 13.84 8.56
CA ASP A 752 -5.88 12.73 9.11
C ASP A 752 -6.72 11.46 9.02
N HIS A 753 -6.14 10.40 8.48
CA HIS A 753 -6.79 9.10 8.38
C HIS A 753 -6.03 8.03 9.17
N GLU A 754 -5.48 8.41 10.32
CA GLU A 754 -4.77 7.48 11.19
C GLU A 754 -5.72 6.92 12.23
N ASP A 755 -5.62 5.61 12.46
CA ASP A 755 -6.54 4.89 13.35
C ASP A 755 -7.98 5.17 12.96
N CYS A 756 -8.25 5.15 11.66
CA CYS A 756 -9.46 5.74 11.09
C CYS A 756 -10.24 4.69 10.33
N THR A 757 -11.57 4.76 10.45
CA THR A 757 -12.46 3.75 9.88
C THR A 757 -13.62 4.41 9.13
N CYS A 758 -13.34 5.43 8.34
CA CYS A 758 -14.37 5.98 7.47
C CYS A 758 -14.74 4.98 6.38
N ASP A 759 -15.93 5.18 5.81
CA ASP A 759 -16.36 4.33 4.71
C ASP A 759 -15.38 4.39 3.55
N MET A 760 -14.92 5.59 3.21
CA MET A 760 -13.90 5.72 2.17
C MET A 760 -12.61 5.04 2.59
N CYS A 761 -12.30 5.02 3.88
CA CYS A 761 -11.06 4.39 4.34
C CYS A 761 -11.12 2.88 4.20
N ILE A 762 -12.25 2.26 4.57
CA ILE A 762 -12.38 0.82 4.41
C ILE A 762 -12.46 0.44 2.94
N ILE A 763 -13.24 1.21 2.16
CA ILE A 763 -13.42 0.87 0.75
C ILE A 763 -12.12 1.03 -0.03
N PHE A 764 -11.45 2.17 0.14
CA PHE A 764 -10.36 2.56 -0.73
C PHE A 764 -8.98 2.40 -0.12
N GLY A 765 -8.89 2.22 1.19
CA GLY A 765 -7.61 2.02 1.84
C GLY A 765 -6.94 3.32 2.25
N ASN A 766 -5.99 3.19 3.16
CA ASN A 766 -5.24 4.30 3.71
C ASN A 766 -3.76 4.13 3.36
N GLU A 767 -2.94 4.98 3.96
CA GLU A 767 -1.50 4.82 3.85
C GLU A 767 -1.03 3.54 4.53
N HIS A 768 -1.87 2.92 5.35
CA HIS A 768 -1.49 1.73 6.11
C HIS A 768 -2.28 0.48 5.74
N GLU A 769 -3.31 0.60 4.91
CA GLU A 769 -4.16 -0.53 4.56
C GLU A 769 -4.40 -0.54 3.07
N SER A 770 -4.45 -1.73 2.49
CA SER A 770 -4.73 -1.87 1.07
C SER A 770 -6.17 -1.46 0.77
N SER A 771 -6.54 -1.56 -0.51
CA SER A 771 -7.86 -1.17 -0.96
C SER A 771 -8.75 -2.40 -1.10
N LYS A 772 -9.99 -2.28 -0.61
CA LYS A 772 -10.99 -3.30 -0.84
C LYS A 772 -11.66 -3.16 -2.19
N ILE A 773 -11.29 -2.14 -2.96
CA ILE A 773 -11.82 -1.92 -4.30
C ILE A 773 -10.64 -1.58 -5.21
N ARG A 774 -10.60 -2.21 -6.38
CA ARG A 774 -9.48 -2.06 -7.31
C ARG A 774 -10.03 -1.64 -8.67
N PHE A 775 -9.54 -0.52 -9.19
CA PHE A 775 -10.11 0.09 -10.38
C PHE A 775 -9.22 -0.15 -11.59
N GLU A 776 -9.83 -0.55 -12.70
CA GLU A 776 -9.13 -0.76 -13.96
C GLU A 776 -9.43 0.40 -14.90
N ASP A 777 -8.72 0.40 -16.03
CA ASP A 777 -8.81 1.51 -16.98
C ASP A 777 -10.19 1.59 -17.60
N LEU A 778 -10.62 2.81 -17.89
CA LEU A 778 -11.88 3.06 -18.59
C LEU A 778 -11.58 3.10 -20.09
N GLU A 779 -11.35 1.92 -20.65
CA GLU A 779 -10.99 1.83 -22.06
C GLU A 779 -12.15 2.25 -22.95
N LEU A 780 -11.84 3.05 -23.98
CA LEU A 780 -12.83 3.50 -24.93
C LEU A 780 -13.12 2.40 -25.93
N ILE A 781 -14.35 1.89 -25.92
CA ILE A 781 -14.75 0.81 -26.81
C ILE A 781 -15.51 1.34 -28.03
N ASN A 782 -15.39 2.64 -28.31
CA ASN A 782 -16.09 3.27 -29.42
C ASN A 782 -15.13 3.83 -30.47
N GLY A 783 -13.90 3.33 -30.53
CA GLY A 783 -12.90 3.90 -31.42
C GLY A 783 -13.31 3.84 -32.88
N ASN A 784 -13.88 2.71 -33.30
CA ASN A 784 -14.28 2.55 -34.69
C ASN A 784 -15.47 3.42 -35.07
N GLU A 785 -16.28 3.83 -34.09
CA GLU A 785 -17.51 4.55 -34.40
C GLU A 785 -17.24 5.94 -34.97
N PHE A 786 -16.16 6.58 -34.56
CA PHE A 786 -15.89 7.95 -34.95
C PHE A 786 -14.94 8.01 -36.15
N GLU A 787 -15.32 8.78 -37.16
CA GLU A 787 -14.42 8.99 -38.30
C GLU A 787 -13.20 9.80 -37.89
N LYS A 788 -13.40 10.85 -37.10
CA LYS A 788 -12.33 11.70 -36.59
C LYS A 788 -12.43 11.64 -35.07
N LEU A 789 -11.74 10.65 -34.48
CA LEU A 789 -11.90 10.37 -33.05
C LEU A 789 -11.45 11.55 -32.20
N GLU A 790 -10.34 12.17 -32.53
CA GLU A 790 -9.82 13.31 -31.79
C GLU A 790 -10.17 14.59 -32.53
N LYS A 791 -10.95 15.46 -31.89
CA LYS A 791 -11.37 16.71 -32.48
C LYS A 791 -10.52 17.84 -31.92
N HIS A 792 -9.91 18.61 -32.81
CA HIS A 792 -9.03 19.71 -32.42
C HIS A 792 -9.88 20.91 -32.02
N ILE A 793 -9.94 21.19 -30.72
CA ILE A 793 -10.73 22.30 -30.19
C ILE A 793 -9.76 23.41 -29.79
N ASP A 794 -9.89 24.56 -30.43
CA ASP A 794 -9.05 25.70 -30.11
C ASP A 794 -9.62 26.45 -28.91
N HIS A 795 -8.74 27.08 -28.13
CA HIS A 795 -9.17 27.88 -27.01
C HIS A 795 -8.26 29.10 -26.90
N VAL A 796 -8.78 30.17 -26.31
CA VAL A 796 -7.93 31.32 -26.03
C VAL A 796 -8.61 32.17 -24.97
N ALA A 797 -7.83 32.60 -23.99
CA ALA A 797 -8.30 33.59 -23.03
C ALA A 797 -8.28 34.97 -23.68
N ILE A 798 -9.38 35.69 -23.58
CA ILE A 798 -9.52 37.04 -24.12
C ILE A 798 -9.52 38.04 -22.97
N ASP A 799 -8.68 39.07 -23.10
CA ASP A 799 -8.52 40.05 -22.05
C ASP A 799 -9.87 40.68 -21.71
N ARG A 800 -10.12 40.84 -20.42
CA ARG A 800 -11.38 41.42 -19.98
C ARG A 800 -11.47 42.89 -20.36
N PHE A 801 -10.33 43.59 -20.38
CA PHE A 801 -10.30 44.99 -20.80
C PHE A 801 -10.15 45.11 -22.32
N THR A 802 -9.24 44.37 -22.91
CA THR A 802 -9.02 44.41 -24.34
C THR A 802 -9.70 43.23 -25.01
N GLY A 803 -10.60 43.51 -25.94
CA GLY A 803 -11.32 42.45 -26.63
C GLY A 803 -10.45 41.46 -27.38
N GLY A 804 -9.15 41.72 -27.46
CA GLY A 804 -8.23 40.84 -28.16
C GLY A 804 -7.88 39.61 -27.36
N ALA A 805 -7.13 38.73 -28.00
CA ALA A 805 -6.87 37.39 -27.46
C ALA A 805 -5.63 37.35 -26.56
N LEU A 806 -5.57 38.27 -25.60
CA LEU A 806 -4.51 38.33 -24.61
C LEU A 806 -3.12 38.28 -25.23
N ASP A 807 -2.22 37.55 -24.57
CA ASP A 807 -0.85 37.37 -25.04
C ASP A 807 -0.37 36.04 -24.49
N LYS A 808 -0.02 35.12 -25.38
CA LYS A 808 0.40 33.74 -25.09
C LYS A 808 -0.75 32.88 -24.57
N ALA A 809 -1.96 33.42 -24.41
CA ALA A 809 -3.07 32.66 -23.86
C ALA A 809 -3.77 31.79 -24.90
N LYS A 810 -3.42 31.90 -26.17
CA LYS A 810 -3.99 31.02 -27.17
C LYS A 810 -3.40 29.62 -27.03
N PHE A 811 -4.26 28.61 -27.10
CA PHE A 811 -3.81 27.22 -27.02
C PHE A 811 -4.83 26.35 -27.71
N ASP A 812 -4.56 25.04 -27.69
CA ASP A 812 -5.41 24.07 -28.37
C ASP A 812 -5.62 22.88 -27.46
N THR A 813 -6.50 21.99 -27.90
CA THR A 813 -6.83 20.78 -27.17
C THR A 813 -7.20 19.72 -28.19
N TYR A 814 -6.92 18.46 -27.85
CA TYR A 814 -7.21 17.33 -28.73
C TYR A 814 -8.01 16.27 -27.98
N PRO A 815 -9.24 16.60 -27.57
CA PRO A 815 -10.07 15.61 -26.87
C PRO A 815 -10.76 14.67 -27.85
N LEU A 816 -11.11 13.50 -27.33
CA LEU A 816 -11.90 12.55 -28.10
C LEU A 816 -13.24 13.17 -28.49
N ALA A 817 -13.67 12.92 -29.73
CA ALA A 817 -14.84 13.59 -30.26
C ALA A 817 -16.13 13.04 -29.67
N GLY A 818 -16.39 13.36 -28.40
CA GLY A 818 -17.62 12.93 -27.76
C GLY A 818 -18.71 13.96 -27.95
N SER A 819 -19.87 13.49 -28.43
CA SER A 819 -21.00 14.36 -28.70
C SER A 819 -22.28 13.70 -28.20
N PRO A 820 -23.31 14.49 -27.89
CA PRO A 820 -24.55 13.90 -27.34
C PRO A 820 -25.19 12.88 -28.27
N LYS A 821 -25.17 13.12 -29.58
CA LYS A 821 -25.73 12.17 -30.52
C LYS A 821 -24.78 11.01 -30.82
N LYS A 822 -23.48 11.20 -30.61
CA LYS A 822 -22.48 10.17 -30.87
C LYS A 822 -21.55 10.08 -29.66
N PRO A 823 -22.05 9.55 -28.54
CA PRO A 823 -21.25 9.56 -27.32
C PRO A 823 -20.15 8.51 -27.33
N LEU A 824 -19.11 8.79 -26.54
CA LEU A 824 -18.03 7.85 -26.35
C LEU A 824 -18.42 6.80 -25.30
N LYS A 825 -18.14 5.54 -25.61
CA LYS A 825 -18.44 4.45 -24.69
C LYS A 825 -17.12 3.98 -24.07
N LEU A 826 -16.96 4.21 -22.77
CA LEU A 826 -15.77 3.80 -22.03
C LEU A 826 -16.17 2.68 -21.08
N LYS A 827 -15.76 1.45 -21.39
CA LYS A 827 -16.10 0.29 -20.58
C LYS A 827 -14.98 0.07 -19.57
N GLY A 828 -15.29 0.28 -18.30
CA GLY A 828 -14.34 0.04 -17.23
C GLY A 828 -14.97 -0.80 -16.13
N ARG A 829 -14.10 -1.45 -15.36
CA ARG A 829 -14.54 -2.34 -14.31
C ARG A 829 -13.78 -2.06 -13.03
N PHE A 830 -14.43 -2.32 -11.90
CA PHE A 830 -13.79 -2.27 -10.60
C PHE A 830 -14.15 -3.51 -9.79
N TRP A 831 -13.19 -3.97 -9.00
CA TRP A 831 -13.32 -5.19 -8.22
C TRP A 831 -13.57 -4.83 -6.76
N ILE A 832 -14.51 -5.55 -6.15
CA ILE A 832 -14.92 -5.30 -4.77
C ILE A 832 -14.50 -6.51 -3.95
N LYS A 833 -13.84 -6.25 -2.81
CA LYS A 833 -13.36 -7.33 -1.97
C LYS A 833 -14.52 -8.01 -1.24
N LYS A 834 -14.35 -9.31 -0.98
CA LYS A 834 -15.32 -10.04 -0.18
C LYS A 834 -15.40 -9.45 1.22
N GLY A 835 -16.62 -9.34 1.73
CA GLY A 835 -16.84 -8.75 3.04
C GLY A 835 -17.27 -7.30 3.02
N PHE A 836 -17.57 -6.74 1.86
CA PHE A 836 -18.07 -5.38 1.80
C PHE A 836 -19.41 -5.30 2.53
N SER A 837 -19.56 -4.28 3.37
CA SER A 837 -20.81 -4.07 4.07
C SER A 837 -21.92 -3.74 3.07
N GLY A 838 -23.16 -4.07 3.46
CA GLY A 838 -24.29 -3.64 2.66
C GLY A 838 -24.33 -2.13 2.52
N ASP A 839 -23.99 -1.41 3.59
CA ASP A 839 -23.88 0.04 3.52
C ASP A 839 -22.80 0.44 2.53
N HIS A 840 -21.65 -0.23 2.55
CA HIS A 840 -20.55 0.15 1.66
C HIS A 840 -20.85 -0.24 0.21
N LYS A 841 -21.50 -1.38 -0.02
CA LYS A 841 -21.91 -1.72 -1.37
C LYS A 841 -22.94 -0.72 -1.91
N LEU A 842 -23.90 -0.33 -1.07
CA LEU A 842 -24.86 0.68 -1.47
C LEU A 842 -24.18 2.02 -1.70
N LEU A 843 -23.12 2.31 -0.95
CA LEU A 843 -22.38 3.56 -1.14
C LEU A 843 -21.61 3.56 -2.46
N ILE A 844 -21.02 2.42 -2.81
CA ILE A 844 -20.37 2.31 -4.12
C ILE A 844 -21.39 2.47 -5.23
N THR A 845 -22.57 1.87 -5.06
CA THR A 845 -23.64 2.05 -6.03
C THR A 845 -24.06 3.51 -6.12
N THR A 846 -24.14 4.20 -4.98
CA THR A 846 -24.48 5.61 -4.98
C THR A 846 -23.43 6.43 -5.71
N ALA A 847 -22.15 6.11 -5.51
CA ALA A 847 -21.09 6.81 -6.24
C ALA A 847 -21.18 6.56 -7.73
N LEU A 848 -21.48 5.32 -8.12
CA LEU A 848 -21.65 5.01 -9.54
C LEU A 848 -22.82 5.78 -10.13
N SER A 849 -23.93 5.89 -9.39
CA SER A 849 -25.06 6.69 -9.86
C SER A 849 -24.73 8.17 -9.90
N ASP A 850 -23.92 8.65 -8.95
CA ASP A 850 -23.48 10.04 -8.96
C ASP A 850 -22.66 10.33 -10.21
N ILE A 851 -21.78 9.40 -10.58
CA ILE A 851 -21.09 9.50 -11.87
C ILE A 851 -22.10 9.50 -13.00
N ARG A 852 -23.15 8.66 -12.88
CA ARG A 852 -24.16 8.58 -13.92
C ARG A 852 -24.87 9.92 -14.11
N ASP A 853 -25.17 10.62 -13.02
CA ASP A 853 -25.86 11.90 -13.09
C ASP A 853 -24.97 13.03 -13.59
N GLY A 854 -23.74 12.73 -14.02
CA GLY A 854 -22.85 13.76 -14.50
C GLY A 854 -22.23 14.61 -13.42
N LEU A 855 -22.21 14.14 -12.17
CA LEU A 855 -21.63 14.92 -11.08
C LEU A 855 -20.13 15.11 -11.28
N TYR A 856 -19.43 14.05 -11.68
CA TYR A 856 -17.97 14.09 -11.82
C TYR A 856 -17.58 13.80 -13.27
N PRO A 857 -17.25 14.82 -14.07
CA PRO A 857 -16.68 14.56 -15.39
C PRO A 857 -15.32 13.92 -15.29
N LEU A 858 -14.97 13.15 -16.31
CA LEU A 858 -13.70 12.47 -16.38
C LEU A 858 -12.77 13.20 -17.33
N GLY A 859 -11.55 13.46 -16.89
CA GLY A 859 -10.54 14.08 -17.72
C GLY A 859 -10.38 15.57 -17.46
N SER A 860 -9.45 16.15 -18.19
CA SER A 860 -9.14 17.56 -18.05
C SER A 860 -10.25 18.42 -18.65
N LYS A 861 -10.29 19.67 -18.21
CA LYS A 861 -11.28 20.66 -18.67
C LYS A 861 -12.71 20.18 -18.42
N GLY A 862 -12.90 19.28 -17.45
CA GLY A 862 -14.23 18.75 -17.21
C GLY A 862 -15.24 19.80 -16.83
N GLY A 863 -14.80 20.87 -16.20
CA GLY A 863 -15.69 21.96 -15.87
C GLY A 863 -16.00 22.89 -17.01
N VAL A 864 -15.45 22.65 -18.19
CA VAL A 864 -15.68 23.51 -19.34
C VAL A 864 -16.55 22.85 -20.39
N GLY A 865 -16.87 21.57 -20.23
CA GLY A 865 -17.73 20.87 -21.16
C GLY A 865 -17.09 19.60 -21.67
N TYR A 866 -16.08 19.11 -20.95
CA TYR A 866 -15.29 17.97 -21.37
C TYR A 866 -15.59 16.76 -20.50
N GLY A 867 -15.73 15.61 -21.15
CA GLY A 867 -15.90 14.36 -20.43
C GLY A 867 -17.14 14.30 -19.55
N TRP A 868 -18.23 14.91 -19.99
CA TRP A 868 -19.47 14.90 -19.21
C TRP A 868 -20.18 13.57 -19.42
N VAL A 869 -20.56 12.94 -18.31
CA VAL A 869 -21.18 11.61 -18.37
C VAL A 869 -22.64 11.78 -18.79
N ALA A 870 -22.95 11.38 -20.03
CA ALA A 870 -24.34 11.36 -20.47
C ALA A 870 -25.11 10.25 -19.78
N GLY A 871 -24.45 9.14 -19.47
CA GLY A 871 -25.10 8.06 -18.74
C GLY A 871 -24.13 6.94 -18.47
N ILE A 872 -24.61 5.93 -17.75
CA ILE A 872 -23.85 4.71 -17.53
C ILE A 872 -24.76 3.52 -17.78
N SER A 873 -24.13 2.38 -18.09
CA SER A 873 -24.86 1.15 -18.37
C SER A 873 -24.07 -0.02 -17.80
N ILE A 874 -24.64 -0.70 -16.82
CA ILE A 874 -23.97 -1.84 -16.19
C ILE A 874 -24.25 -3.12 -16.99
N ILE A 905 -40.52 27.36 -17.45
CA ILE A 905 -39.70 28.32 -16.71
C ILE A 905 -39.22 29.42 -17.64
N ASN A 906 -39.35 30.67 -17.21
CA ASN A 906 -39.00 31.81 -18.04
C ASN A 906 -38.80 33.03 -17.16
N ASN A 907 -38.26 34.09 -17.77
CA ASN A 907 -38.08 35.37 -17.12
C ASN A 907 -38.59 36.47 -18.04
N ASP A 908 -39.09 37.55 -17.45
CA ASP A 908 -39.69 38.66 -18.19
C ASP A 908 -39.22 40.00 -17.64
N TYR A 909 -37.95 40.10 -17.27
CA TYR A 909 -37.43 41.36 -16.77
C TYR A 909 -37.33 42.38 -17.90
N VAL A 910 -37.83 43.59 -17.65
CA VAL A 910 -37.86 44.66 -18.63
C VAL A 910 -36.76 45.65 -18.32
N HIS A 911 -35.97 46.01 -19.33
CA HIS A 911 -34.88 46.95 -19.17
C HIS A 911 -35.15 48.19 -20.00
N PRO A 912 -35.02 49.40 -19.42
CA PRO A 912 -35.32 50.62 -20.18
C PRO A 912 -34.45 50.81 -21.42
N GLY A 913 -33.18 50.42 -21.36
CA GLY A 913 -32.29 50.64 -22.48
C GLY A 913 -31.59 51.99 -22.43
N HIS A 914 -31.42 52.62 -23.58
CA HIS A 914 -30.76 53.91 -23.68
C HIS A 914 -31.63 54.87 -24.50
N GLN A 915 -31.55 56.15 -24.15
CA GLN A 915 -32.40 57.15 -24.80
C GLN A 915 -32.04 57.34 -26.27
N SER A 916 -30.74 57.39 -26.58
CA SER A 916 -30.33 57.79 -27.93
C SER A 916 -30.76 56.81 -29.01
N PRO A 917 -30.63 55.48 -28.86
CA PRO A 917 -31.05 54.61 -29.98
C PRO A 917 -32.56 54.59 -30.16
N LYS A 918 -33.32 54.61 -29.07
CA LYS A 918 -34.77 54.56 -29.18
C LYS A 918 -35.34 55.86 -29.73
N GLN A 919 -34.85 57.00 -29.24
CA GLN A 919 -35.35 58.29 -29.70
C GLN A 919 -35.00 58.54 -31.17
N ASP A 920 -33.80 58.14 -31.58
CA ASP A 920 -33.39 58.27 -32.98
C ASP A 920 -34.04 57.16 -33.80
N HIS A 921 -35.36 57.31 -33.96
CA HIS A 921 -36.14 56.34 -34.73
C HIS A 921 -35.75 56.33 -36.20
N LYS A 922 -35.21 57.44 -36.72
CA LYS A 922 -34.83 57.51 -38.12
C LYS A 922 -33.57 56.71 -38.45
N ASN A 923 -32.87 56.19 -37.43
CA ASN A 923 -31.61 55.45 -37.61
C ASN A 923 -30.55 56.31 -38.28
N LYS A 924 -30.56 57.62 -38.00
CA LYS A 924 -29.56 58.53 -38.53
C LYS A 924 -28.28 58.54 -37.70
N ASN A 925 -28.26 57.84 -36.57
CA ASN A 925 -27.12 57.83 -35.67
C ASN A 925 -26.23 56.62 -35.94
N ILE A 926 -24.92 56.84 -35.85
CA ILE A 926 -23.92 55.79 -36.00
C ILE A 926 -23.14 55.68 -34.70
N TYR A 927 -23.07 54.47 -34.15
CA TYR A 927 -22.47 54.22 -32.85
C TYR A 927 -21.20 53.39 -32.98
N TYR A 928 -20.39 53.44 -31.93
CA TYR A 928 -19.20 52.60 -31.86
C TYR A 928 -19.60 51.14 -31.71
N PRO A 929 -18.83 50.21 -32.27
CA PRO A 929 -19.17 48.79 -32.14
C PRO A 929 -18.83 48.18 -30.79
N HIS A 930 -18.03 48.85 -29.96
CA HIS A 930 -17.71 48.34 -28.64
C HIS A 930 -17.57 49.50 -27.67
N TYR A 931 -17.94 49.26 -26.42
CA TYR A 931 -17.73 50.24 -25.36
C TYR A 931 -17.17 49.55 -24.13
N PHE A 932 -17.06 50.32 -23.05
CA PHE A 932 -16.32 49.90 -21.87
C PHE A 932 -17.17 50.07 -20.63
N LEU A 933 -16.90 49.22 -19.64
CA LEU A 933 -17.59 49.23 -18.36
C LEU A 933 -16.56 49.51 -17.27
N ASP A 934 -16.67 50.69 -16.65
CA ASP A 934 -15.87 51.04 -15.49
C ASP A 934 -16.70 50.74 -14.25
N SER A 935 -16.67 49.46 -13.85
CA SER A 935 -17.50 49.01 -12.73
C SER A 935 -17.12 49.72 -11.43
N GLY A 936 -15.84 49.89 -11.19
CA GLY A 936 -15.39 50.57 -9.99
C GLY A 936 -14.09 50.00 -9.43
N SER A 937 -13.47 50.74 -8.50
CA SER A 937 -12.22 50.27 -7.91
C SER A 937 -12.47 49.17 -6.88
N LYS A 938 -13.59 49.24 -6.18
CA LYS A 938 -13.85 48.30 -5.09
C LYS A 938 -14.24 46.93 -5.63
N VAL A 939 -13.56 45.90 -5.14
CA VAL A 939 -13.87 44.51 -5.46
C VAL A 939 -13.91 43.72 -4.16
N TYR A 940 -14.99 42.97 -3.95
CA TYR A 940 -15.14 42.14 -2.77
C TYR A 940 -14.48 40.78 -3.02
N ARG A 941 -13.58 40.39 -2.13
CA ARG A 941 -12.90 39.11 -2.21
C ARG A 941 -13.34 38.23 -1.05
N GLU A 942 -13.80 37.02 -1.38
CA GLU A 942 -14.26 36.07 -0.37
C GLU A 942 -13.10 35.18 0.02
N LYS A 943 -12.57 35.38 1.24
CA LYS A 943 -11.52 34.53 1.77
C LYS A 943 -12.05 33.23 2.34
N ASP A 944 -13.35 33.13 2.60
CA ASP A 944 -13.97 31.90 3.04
C ASP A 944 -14.28 31.05 1.81
N ILE A 945 -13.23 30.42 1.29
CA ILE A 945 -13.34 29.68 0.04
C ILE A 945 -14.24 28.47 0.23
N ILE A 946 -15.22 28.33 -0.66
CA ILE A 946 -16.12 27.19 -0.61
C ILE A 946 -15.33 25.93 -0.98
N THR A 947 -15.45 24.91 -0.15
CA THR A 947 -14.67 23.70 -0.35
C THR A 947 -15.29 22.83 -1.43
N HIS A 948 -14.47 21.91 -1.96
CA HIS A 948 -14.91 20.89 -2.89
C HIS A 948 -14.88 19.50 -2.28
N GLU A 949 -14.67 19.39 -0.97
CA GLU A 949 -14.51 18.09 -0.33
C GLU A 949 -15.82 17.48 0.16
N GLU A 950 -16.93 18.21 0.08
CA GLU A 950 -18.22 17.66 0.48
C GLU A 950 -19.33 18.49 -0.13
N PHE A 951 -20.49 17.85 -0.30
CA PHE A 951 -21.71 18.54 -0.73
C PHE A 951 -22.37 19.11 0.53
N THR A 952 -21.99 20.34 0.88
CA THR A 952 -22.60 20.99 2.03
C THR A 952 -24.09 21.14 1.81
N GLU A 953 -24.87 20.87 2.88
CA GLU A 953 -26.32 20.88 2.74
C GLU A 953 -26.87 22.28 2.57
N GLU A 954 -26.26 23.28 3.21
CA GLU A 954 -26.73 24.66 3.07
C GLU A 954 -26.55 25.18 1.65
N LEU A 955 -25.65 24.60 0.87
CA LEU A 955 -25.35 25.04 -0.49
C LEU A 955 -25.88 24.01 -1.47
N LEU A 956 -26.68 24.46 -2.42
CA LEU A 956 -27.40 23.55 -3.29
C LEU A 956 -26.64 23.32 -4.59
N SER A 957 -26.46 22.06 -4.94
CA SER A 957 -25.85 21.64 -6.19
C SER A 957 -26.93 21.13 -7.14
N GLY A 958 -26.61 21.13 -8.43
CA GLY A 958 -27.59 20.69 -9.40
C GLY A 958 -27.20 21.01 -10.83
N LYS A 959 -28.20 21.10 -11.69
CA LYS A 959 -28.01 21.28 -13.12
C LYS A 959 -29.11 22.17 -13.68
N ILE A 960 -28.70 23.15 -14.48
CA ILE A 960 -29.62 24.01 -15.21
C ILE A 960 -29.61 23.58 -16.67
N ASN A 961 -30.79 23.47 -17.27
CA ASN A 961 -30.89 23.31 -18.72
C ASN A 961 -31.25 24.66 -19.31
N CYS A 962 -30.42 25.14 -20.23
CA CYS A 962 -30.57 26.48 -20.78
C CYS A 962 -30.76 26.41 -22.29
N LYS A 963 -31.70 27.22 -22.79
CA LYS A 963 -32.03 27.28 -24.21
C LYS A 963 -31.37 28.52 -24.81
N LEU A 964 -30.33 28.31 -25.61
CA LEU A 964 -29.71 29.36 -26.40
C LEU A 964 -30.63 29.69 -27.56
N GLU A 965 -31.03 30.95 -27.68
CA GLU A 965 -31.75 31.44 -28.84
C GLU A 965 -30.96 32.56 -29.49
N THR A 966 -30.62 32.38 -30.76
CA THR A 966 -29.81 33.37 -31.49
C THR A 966 -30.75 34.36 -32.17
N LEU A 967 -30.83 35.58 -31.65
CA LEU A 967 -31.65 36.62 -32.26
C LEU A 967 -30.96 37.28 -33.46
N THR A 968 -29.69 36.98 -33.69
CA THR A 968 -28.94 37.45 -34.85
C THR A 968 -27.95 36.37 -35.22
N PRO A 969 -27.53 36.32 -36.48
CA PRO A 969 -26.60 35.26 -36.92
C PRO A 969 -25.38 35.17 -36.03
N LEU A 970 -25.04 33.94 -35.65
CA LEU A 970 -23.93 33.66 -34.75
C LEU A 970 -22.86 32.89 -35.49
N ILE A 971 -21.60 33.17 -35.16
CA ILE A 971 -20.45 32.55 -35.80
C ILE A 971 -19.60 31.89 -34.72
N ILE A 972 -19.49 30.57 -34.79
CA ILE A 972 -18.54 29.82 -33.98
C ILE A 972 -17.72 28.95 -34.93
N PRO A 973 -16.59 29.45 -35.42
CA PRO A 973 -15.85 28.71 -36.44
C PRO A 973 -15.29 27.41 -35.91
N ASP A 974 -15.28 26.39 -36.77
CA ASP A 974 -14.63 25.12 -36.47
C ASP A 974 -13.17 25.25 -36.85
N THR A 975 -12.42 25.93 -35.99
CA THR A 975 -11.04 26.30 -36.27
C THR A 975 -10.08 25.12 -36.30
N SER A 976 -10.58 23.89 -36.15
CA SER A 976 -9.74 22.72 -36.36
C SER A 976 -9.21 22.68 -37.79
N ASP A 977 -10.06 23.02 -38.75
CA ASP A 977 -9.69 23.11 -40.16
C ASP A 977 -9.87 24.54 -40.61
N GLU A 978 -8.76 25.26 -40.78
CA GLU A 978 -8.82 26.61 -41.31
C GLU A 978 -9.15 26.62 -42.81
N ASN A 979 -9.17 25.46 -43.45
CA ASN A 979 -9.60 25.30 -44.83
C ASN A 979 -10.79 24.35 -44.90
N GLY A 980 -11.69 24.46 -43.91
CA GLY A 980 -12.80 23.53 -43.83
C GLY A 980 -13.76 23.65 -45.00
N LEU A 981 -13.98 24.87 -45.48
CA LEU A 981 -14.88 25.09 -46.61
C LEU A 981 -14.25 24.74 -47.95
N LYS A 982 -12.94 24.51 -47.99
CA LYS A 982 -12.23 24.08 -49.20
C LYS A 982 -12.40 25.10 -50.33
N LEU A 983 -12.40 26.38 -50.00
CA LEU A 983 -12.45 27.44 -50.99
C LEU A 983 -11.12 28.16 -51.14
N GLN A 984 -10.02 27.59 -50.62
CA GLN A 984 -8.72 28.24 -50.75
C GLN A 984 -8.16 28.15 -52.16
N GLY A 985 -8.71 27.28 -53.00
CA GLY A 985 -8.27 27.21 -54.39
C GLY A 985 -8.55 28.51 -55.13
N ASN A 986 -9.73 29.09 -54.92
CA ASN A 986 -10.04 30.38 -55.53
C ASN A 986 -9.31 31.51 -54.83
N LYS A 987 -9.27 31.48 -53.50
CA LYS A 987 -8.65 32.53 -52.69
C LYS A 987 -7.53 31.91 -51.86
N PRO A 988 -6.30 31.88 -52.36
CA PRO A 988 -5.19 31.32 -51.59
C PRO A 988 -4.94 32.11 -50.32
N GLY A 989 -4.55 31.41 -49.26
CA GLY A 989 -4.27 32.04 -47.99
C GLY A 989 -5.48 32.49 -47.22
N HIS A 990 -6.67 32.02 -47.58
CA HIS A 990 -7.91 32.44 -46.94
C HIS A 990 -8.29 31.48 -45.83
N LYS A 991 -8.75 32.02 -44.71
CA LYS A 991 -9.18 31.22 -43.56
C LYS A 991 -10.68 30.99 -43.67
N ASN A 992 -11.07 29.81 -44.13
CA ASN A 992 -12.48 29.43 -44.26
C ASN A 992 -12.74 28.28 -43.30
N TYR A 993 -13.66 28.48 -42.36
CA TYR A 993 -14.01 27.43 -41.42
C TYR A 993 -15.51 27.20 -41.37
N LYS A 994 -15.86 25.94 -41.19
CA LYS A 994 -17.25 25.56 -40.93
C LYS A 994 -17.65 26.01 -39.53
N PHE A 995 -18.94 25.92 -39.26
CA PHE A 995 -19.42 26.12 -37.91
C PHE A 995 -18.91 25.00 -37.01
N PHE A 996 -18.70 25.33 -35.73
CA PHE A 996 -18.20 24.32 -34.80
C PHE A 996 -19.14 23.13 -34.75
N ASN A 997 -18.56 21.94 -34.80
CA ASN A 997 -19.35 20.72 -34.83
C ASN A 997 -18.46 19.55 -34.44
N ILE A 998 -19.05 18.60 -33.73
CA ILE A 998 -18.37 17.36 -33.35
C ILE A 998 -19.18 16.20 -33.87
N ASN A 999 -18.53 15.33 -34.65
CA ASN A 999 -19.16 14.15 -35.24
C ASN A 999 -20.35 14.53 -36.11
N GLY A 1000 -20.23 15.65 -36.82
CA GLY A 1000 -21.22 16.04 -37.80
C GLY A 1000 -22.46 16.71 -37.25
N GLU A 1001 -22.58 16.87 -35.94
CA GLU A 1001 -23.73 17.53 -35.35
C GLU A 1001 -23.30 18.89 -34.82
N LEU A 1002 -24.23 19.84 -34.90
CA LEU A 1002 -23.91 21.26 -34.79
C LEU A 1002 -23.93 21.69 -33.33
N MET A 1003 -22.82 22.25 -32.85
CA MET A 1003 -22.67 22.58 -31.45
C MET A 1003 -21.72 23.76 -31.32
N ILE A 1004 -21.67 24.33 -30.12
CA ILE A 1004 -20.66 25.32 -29.76
C ILE A 1004 -19.98 24.82 -28.49
N PRO A 1005 -18.71 25.12 -28.28
CA PRO A 1005 -18.01 24.63 -27.09
C PRO A 1005 -18.62 25.22 -25.83
N GLY A 1006 -18.69 24.38 -24.78
CA GLY A 1006 -19.07 24.89 -23.48
C GLY A 1006 -18.06 25.84 -22.89
N SER A 1007 -16.82 25.81 -23.39
CA SER A 1007 -15.82 26.77 -22.96
C SER A 1007 -16.19 28.18 -23.37
N GLU A 1008 -16.72 28.34 -24.58
CA GLU A 1008 -17.18 29.65 -25.02
C GLU A 1008 -18.37 30.13 -24.20
N LEU A 1009 -19.31 29.22 -23.89
CA LEU A 1009 -20.43 29.58 -23.02
C LEU A 1009 -19.94 30.01 -21.66
N ARG A 1010 -19.00 29.27 -21.07
CA ARG A 1010 -18.46 29.68 -19.77
C ARG A 1010 -17.75 31.02 -19.88
N GLY A 1011 -16.99 31.24 -20.96
CA GLY A 1011 -16.30 32.50 -21.09
C GLY A 1011 -17.24 33.68 -21.17
N MET A 1012 -18.31 33.57 -21.96
CA MET A 1012 -19.27 34.65 -22.07
C MET A 1012 -20.01 34.87 -20.74
N LEU A 1013 -20.48 33.79 -20.12
CA LEU A 1013 -21.13 33.92 -18.83
C LEU A 1013 -20.18 34.46 -17.77
N ARG A 1014 -18.90 34.14 -17.86
CA ARG A 1014 -17.93 34.60 -16.87
C ARG A 1014 -17.63 36.08 -17.04
N THR A 1015 -17.52 36.54 -18.29
CA THR A 1015 -17.38 37.98 -18.51
C THR A 1015 -18.60 38.72 -18.00
N HIS A 1016 -19.80 38.19 -18.31
CA HIS A 1016 -21.03 38.84 -17.84
C HIS A 1016 -21.13 38.80 -16.32
N PHE A 1017 -20.65 37.73 -15.70
CA PHE A 1017 -20.73 37.59 -14.26
C PHE A 1017 -19.75 38.52 -13.56
N GLU A 1018 -18.52 38.59 -14.07
CA GLU A 1018 -17.53 39.49 -13.49
C GLU A 1018 -17.94 40.94 -13.64
N ALA A 1019 -18.49 41.32 -14.80
CA ALA A 1019 -19.02 42.66 -14.94
C ALA A 1019 -20.22 42.88 -14.03
N LEU A 1020 -21.09 41.88 -13.92
CA LEU A 1020 -22.29 41.97 -13.09
C LEU A 1020 -21.94 42.03 -11.61
N THR A 1021 -21.00 41.20 -11.16
CA THR A 1021 -20.62 41.12 -9.76
C THR A 1021 -19.47 42.05 -9.41
N LYS A 1022 -19.02 42.90 -10.33
CA LYS A 1022 -17.88 43.77 -10.11
C LYS A 1022 -16.65 42.97 -9.72
N SER A 1023 -16.38 41.89 -10.45
CA SER A 1023 -15.23 41.05 -10.17
C SER A 1023 -14.00 41.57 -10.90
N CYS A 1024 -12.87 40.94 -10.61
CA CYS A 1024 -11.60 41.37 -11.20
C CYS A 1024 -11.53 40.95 -12.67
N PHE A 1025 -10.64 41.61 -13.40
CA PHE A 1025 -10.26 41.18 -14.74
C PHE A 1025 -9.41 39.94 -14.59
N ALA A 1026 -10.07 38.79 -14.51
CA ALA A 1026 -9.36 37.54 -14.23
C ALA A 1026 -8.30 37.25 -15.27
N ILE A 1027 -8.60 37.55 -16.54
CA ILE A 1027 -7.66 37.38 -17.64
C ILE A 1027 -7.28 38.77 -18.12
N PHE A 1028 -5.98 39.05 -18.13
CA PHE A 1028 -5.49 40.40 -18.39
C PHE A 1028 -4.09 40.33 -18.99
N GLY A 1029 -3.86 41.15 -20.02
CA GLY A 1029 -2.56 41.21 -20.66
C GLY A 1029 -1.65 42.25 -20.04
N GLU A 1030 -1.22 42.00 -18.80
CA GLU A 1030 -0.33 42.93 -18.11
C GLU A 1030 1.02 43.03 -18.79
N ASP A 1031 1.57 41.90 -19.22
CA ASP A 1031 2.91 41.89 -19.81
C ASP A 1031 2.97 42.66 -21.12
N SER A 1032 1.84 42.81 -21.82
CA SER A 1032 1.81 43.60 -23.04
C SER A 1032 2.07 45.07 -22.72
N THR A 1033 2.84 45.72 -23.59
CA THR A 1033 3.24 47.11 -23.40
C THR A 1033 2.40 48.03 -24.29
N LEU A 1034 2.32 49.30 -23.89
CA LEU A 1034 1.56 50.31 -24.60
C LEU A 1034 2.48 51.47 -24.96
N SER A 1035 2.29 52.01 -26.15
CA SER A 1035 3.10 53.13 -26.62
C SER A 1035 2.89 54.38 -25.77
N ALA A 1397 3.46 55.41 -22.35
CA ALA A 1397 4.81 54.89 -22.46
C ALA A 1397 5.54 54.97 -21.12
N SER A 1398 4.96 55.69 -20.18
CA SER A 1398 5.57 55.83 -18.86
C SER A 1398 5.60 54.51 -18.12
N LYS A 1399 4.52 53.75 -18.16
CA LYS A 1399 4.42 52.48 -17.46
C LYS A 1399 3.73 51.47 -18.38
N THR A 1400 3.38 50.32 -17.81
CA THR A 1400 2.76 49.24 -18.57
C THR A 1400 1.26 49.18 -18.29
N LEU A 1401 0.60 48.20 -18.91
CA LEU A 1401 -0.84 48.04 -18.73
C LEU A 1401 -1.19 47.69 -17.29
N GLY A 1402 -0.39 46.84 -16.65
CA GLY A 1402 -0.69 46.41 -15.29
C GLY A 1402 -0.67 47.56 -14.29
N GLY A 1403 0.21 48.54 -14.49
CA GLY A 1403 0.26 49.67 -13.58
C GLY A 1403 -1.01 50.50 -13.61
N LYS A 1404 -1.59 50.69 -14.79
CA LYS A 1404 -2.82 51.47 -14.90
C LYS A 1404 -3.98 50.80 -14.17
N LEU A 1405 -4.06 49.47 -14.25
CA LEU A 1405 -5.14 48.73 -13.60
C LEU A 1405 -5.05 48.87 -12.08
N ASP A 1406 -6.23 48.88 -11.45
CA ASP A 1406 -6.29 49.00 -10.01
C ASP A 1406 -5.73 47.75 -9.32
N LYS A 1407 -5.20 47.95 -8.12
CA LYS A 1407 -4.67 46.82 -7.35
C LYS A 1407 -5.78 45.84 -6.98
N ALA A 1408 -6.93 46.35 -6.54
CA ALA A 1408 -8.05 45.47 -6.20
C ALA A 1408 -8.59 44.77 -7.44
N LEU A 1409 -8.52 45.42 -8.60
CA LEU A 1409 -9.07 44.85 -9.81
C LEU A 1409 -8.16 43.78 -10.41
N HIS A 1410 -7.00 43.55 -9.80
CA HIS A 1410 -6.01 42.65 -10.37
C HIS A 1410 -6.53 41.21 -10.33
N PRO A 1411 -6.03 40.35 -11.22
CA PRO A 1411 -6.39 38.93 -11.14
C PRO A 1411 -5.97 38.35 -9.80
N CYS A 1412 -6.83 37.49 -9.25
CA CYS A 1412 -6.58 36.91 -7.93
C CYS A 1412 -5.45 35.89 -8.03
N THR A 1413 -4.33 36.18 -7.37
CA THR A 1413 -3.15 35.31 -7.37
C THR A 1413 -3.11 34.59 -6.03
N GLY A 1414 -3.61 33.36 -6.01
CA GLY A 1414 -3.62 32.55 -4.82
C GLY A 1414 -4.86 32.79 -3.96
N LEU A 1415 -5.13 31.82 -3.09
CA LEU A 1415 -6.27 31.88 -2.20
C LEU A 1415 -5.98 32.63 -0.90
N SER A 1416 -4.73 33.04 -0.69
CA SER A 1416 -4.38 33.73 0.55
C SER A 1416 -5.12 35.05 0.68
N ASP A 1417 -5.21 35.82 -0.39
CA ASP A 1417 -5.92 37.09 -0.39
C ASP A 1417 -7.38 36.95 -0.74
N GLY A 1418 -7.87 35.73 -0.96
CA GLY A 1418 -9.24 35.50 -1.35
C GLY A 1418 -9.43 35.66 -2.84
N LEU A 1419 -10.64 35.34 -3.30
CA LEU A 1419 -10.99 35.44 -4.70
C LEU A 1419 -12.25 36.27 -4.86
N CYS A 1420 -12.31 37.01 -5.97
CA CYS A 1420 -13.49 37.77 -6.32
C CYS A 1420 -14.64 36.81 -6.68
N PRO A 1421 -15.88 37.30 -6.69
CA PRO A 1421 -17.01 36.41 -7.02
C PRO A 1421 -16.86 35.70 -8.35
N GLY A 1422 -16.31 36.37 -9.36
CA GLY A 1422 -16.08 35.71 -10.64
C GLY A 1422 -15.10 34.55 -10.52
N CYS A 1423 -13.97 34.79 -9.85
CA CYS A 1423 -13.01 33.73 -9.63
C CYS A 1423 -13.46 32.73 -8.58
N HIS A 1424 -14.34 33.14 -7.66
CA HIS A 1424 -14.88 32.18 -6.70
C HIS A 1424 -15.82 31.18 -7.38
N LEU A 1425 -16.72 31.68 -8.24
CA LEU A 1425 -17.67 30.82 -8.90
C LEU A 1425 -17.02 30.02 -10.02
N PHE A 1426 -16.35 30.72 -10.95
CA PHE A 1426 -15.80 30.09 -12.14
C PHE A 1426 -14.40 29.52 -11.92
N GLY A 1427 -13.78 29.77 -10.77
CA GLY A 1427 -12.51 29.16 -10.44
C GLY A 1427 -11.31 29.98 -10.89
N THR A 1428 -10.16 29.59 -10.36
CA THR A 1428 -8.87 30.17 -10.75
C THR A 1428 -7.86 29.04 -10.84
N THR A 1429 -6.58 29.41 -10.97
CA THR A 1429 -5.54 28.40 -11.03
C THR A 1429 -5.49 27.56 -9.76
N ASP A 1430 -5.60 28.20 -8.60
CA ASP A 1430 -5.57 27.48 -7.34
C ASP A 1430 -6.89 26.79 -7.04
N TYR A 1431 -8.00 27.30 -7.56
CA TYR A 1431 -9.34 26.89 -7.15
C TYR A 1431 -10.15 26.46 -8.36
N LYS A 1432 -10.64 25.23 -8.34
CA LYS A 1432 -11.48 24.75 -9.42
C LYS A 1432 -12.86 25.41 -9.35
N GLY A 1433 -13.43 25.72 -10.51
CA GLY A 1433 -14.72 26.37 -10.55
C GLY A 1433 -15.83 25.47 -10.09
N ARG A 1434 -16.84 26.08 -9.46
CA ARG A 1434 -18.02 25.37 -9.02
C ARG A 1434 -19.16 25.44 -10.03
N VAL A 1435 -18.92 26.02 -11.20
CA VAL A 1435 -19.89 26.02 -12.29
C VAL A 1435 -19.24 25.39 -13.50
N LYS A 1436 -19.98 24.55 -14.20
CA LYS A 1436 -19.48 23.78 -15.32
C LYS A 1436 -20.46 23.89 -16.48
N PHE A 1437 -20.00 24.46 -17.58
CA PHE A 1437 -20.85 24.69 -18.75
C PHE A 1437 -20.63 23.59 -19.77
N GLY A 1438 -21.72 23.00 -20.24
CA GLY A 1438 -21.63 21.93 -21.21
C GLY A 1438 -21.69 22.43 -22.64
N PHE A 1439 -21.39 21.52 -23.57
CA PHE A 1439 -21.43 21.85 -24.99
C PHE A 1439 -22.88 21.99 -25.42
N ALA A 1440 -23.26 23.19 -25.86
CA ALA A 1440 -24.62 23.41 -26.33
C ALA A 1440 -24.86 22.66 -27.62
N LYS A 1441 -25.95 21.88 -27.67
CA LYS A 1441 -26.28 21.09 -28.84
C LYS A 1441 -27.47 21.72 -29.56
N TYR A 1442 -27.36 21.78 -30.89
CA TYR A 1442 -28.42 22.35 -31.71
C TYR A 1442 -29.66 21.47 -31.67
N GLU A 1443 -30.84 22.11 -31.56
CA GLU A 1443 -32.10 21.38 -31.51
C GLU A 1443 -33.00 21.69 -32.69
N ASN A 1444 -33.33 22.95 -32.93
CA ASN A 1444 -34.28 23.29 -33.98
C ASN A 1444 -34.07 24.74 -34.39
N GLY A 1445 -34.64 25.09 -35.54
CA GLY A 1445 -34.51 26.43 -36.08
C GLY A 1445 -33.93 26.40 -37.48
N PRO A 1446 -33.78 27.57 -38.10
CA PRO A 1446 -33.16 27.63 -39.43
C PRO A 1446 -31.70 27.21 -39.34
N GLU A 1447 -31.35 26.14 -40.06
CA GLU A 1447 -30.03 25.53 -39.90
C GLU A 1447 -28.91 26.48 -40.29
N TRP A 1448 -29.10 27.27 -41.35
CA TRP A 1448 -28.04 28.15 -41.83
C TRP A 1448 -28.63 29.46 -42.30
N LEU A 1449 -27.80 30.50 -42.27
CA LEU A 1449 -28.09 31.76 -42.95
C LEU A 1449 -27.72 31.60 -44.42
N ILE A 1450 -28.64 31.95 -45.31
CA ILE A 1450 -28.45 31.79 -46.74
C ILE A 1450 -28.29 33.17 -47.36
N THR A 1451 -27.13 33.41 -47.98
CA THR A 1451 -26.86 34.65 -48.69
C THR A 1451 -26.47 34.30 -50.13
N ARG A 1452 -27.20 34.88 -51.09
CA ARG A 1452 -26.94 34.59 -52.50
C ARG A 1452 -25.63 35.18 -52.97
N GLY A 1453 -25.07 36.16 -52.24
CA GLY A 1453 -23.83 36.78 -52.69
C GLY A 1453 -22.66 35.81 -52.70
N ASN A 1454 -22.50 35.03 -51.63
CA ASN A 1454 -21.40 34.09 -51.55
C ASN A 1454 -21.62 32.92 -52.49
N ASN A 1455 -20.60 32.60 -53.28
CA ASN A 1455 -20.68 31.41 -54.14
C ASN A 1455 -20.89 30.13 -53.33
N PRO A 1456 -20.15 29.86 -52.25
CA PRO A 1456 -20.53 28.74 -51.37
C PRO A 1456 -21.64 29.16 -50.42
N GLU A 1457 -22.84 28.62 -50.63
CA GLU A 1457 -24.00 29.02 -49.86
C GLU A 1457 -23.82 28.63 -48.39
N ARG A 1458 -24.61 29.27 -47.54
CA ARG A 1458 -24.64 29.12 -46.08
C ARG A 1458 -23.38 29.66 -45.41
N SER A 1459 -22.40 30.10 -46.17
CA SER A 1459 -21.18 30.69 -45.63
C SER A 1459 -21.19 32.19 -45.87
N LEU A 1460 -20.51 32.93 -44.99
CA LEU A 1460 -20.45 34.38 -45.07
C LEU A 1460 -19.00 34.84 -44.92
N THR A 1461 -18.67 35.90 -45.66
CA THR A 1461 -17.35 36.50 -45.64
C THR A 1461 -17.35 37.70 -44.71
N LEU A 1462 -16.47 37.68 -43.71
CA LEU A 1462 -16.38 38.78 -42.77
C LEU A 1462 -15.41 39.84 -43.26
N GLY A 1463 -15.42 40.99 -42.59
CA GLY A 1463 -14.49 42.06 -42.88
C GLY A 1463 -13.17 41.86 -42.17
N VAL A 1464 -12.51 42.97 -41.89
CA VAL A 1464 -11.20 42.94 -41.24
C VAL A 1464 -11.41 42.86 -39.73
N LEU A 1465 -10.85 41.82 -39.12
CA LEU A 1465 -10.88 41.63 -37.68
C LEU A 1465 -9.46 41.82 -37.17
N GLU A 1466 -9.15 43.04 -36.71
CA GLU A 1466 -7.82 43.39 -36.24
C GLU A 1466 -7.82 43.52 -34.73
N SER A 1467 -6.63 43.41 -34.16
CA SER A 1467 -6.49 43.44 -32.70
C SER A 1467 -6.91 44.80 -32.17
N PRO A 1468 -7.73 44.85 -31.11
CA PRO A 1468 -8.07 46.15 -30.51
C PRO A 1468 -6.85 46.83 -29.93
N ARG A 1469 -6.82 48.15 -30.06
CA ARG A 1469 -5.68 48.94 -29.61
C ARG A 1469 -6.02 49.67 -28.32
N PRO A 1470 -5.40 49.32 -27.21
CA PRO A 1470 -5.64 50.07 -25.96
C PRO A 1470 -5.23 51.53 -26.05
N ALA A 1471 -4.38 51.89 -27.02
CA ALA A 1471 -3.96 53.28 -27.17
C ALA A 1471 -5.15 54.17 -27.48
N PHE A 1472 -6.08 53.70 -28.32
CA PHE A 1472 -7.30 54.46 -28.55
C PHE A 1472 -8.15 54.52 -27.29
N SER A 1473 -8.28 53.39 -26.58
CA SER A 1473 -9.03 53.38 -25.33
C SER A 1473 -8.31 54.17 -24.25
N ILE A 1474 -6.98 54.07 -24.21
CA ILE A 1474 -6.17 54.82 -23.25
C ILE A 1474 -5.33 55.82 -24.04
N PRO A 1475 -5.87 56.99 -24.36
CA PRO A 1475 -5.14 57.93 -25.22
C PRO A 1475 -3.79 58.36 -24.67
N ASP A 1476 -3.66 58.46 -23.34
CA ASP A 1476 -2.42 58.90 -22.72
C ASP A 1476 -2.15 58.07 -21.47
N ASP A 1477 -0.89 58.11 -21.02
CA ASP A 1477 -0.52 57.37 -19.82
C ASP A 1477 -1.26 57.89 -18.59
N GLU A 1478 -1.53 59.19 -18.53
CA GLU A 1478 -2.24 59.75 -17.38
C GLU A 1478 -3.65 59.21 -17.28
N SER A 1479 -4.32 59.05 -18.41
CA SER A 1479 -5.69 58.53 -18.42
C SER A 1479 -5.71 57.08 -17.94
N GLU A 1480 -6.72 56.76 -17.14
CA GLU A 1480 -6.82 55.43 -16.56
C GLU A 1480 -7.37 54.43 -17.57
N ILE A 1481 -7.37 53.16 -17.17
CA ILE A 1481 -7.93 52.09 -18.01
C ILE A 1481 -9.44 52.22 -18.03
N PRO A 1482 -10.09 52.10 -19.19
CA PRO A 1482 -11.55 52.30 -19.25
C PRO A 1482 -12.34 51.23 -18.50
N GLY A 1483 -12.09 49.97 -18.77
CA GLY A 1483 -12.79 48.91 -18.08
C GLY A 1483 -13.00 47.71 -18.99
N ARG A 1484 -14.04 46.94 -18.67
CA ARG A 1484 -14.34 45.70 -19.39
C ARG A 1484 -14.97 46.02 -20.75
N LYS A 1485 -14.48 45.37 -21.79
CA LYS A 1485 -14.89 45.68 -23.16
C LYS A 1485 -16.09 44.83 -23.56
N PHE A 1486 -17.17 45.48 -23.97
CA PHE A 1486 -18.39 44.82 -24.39
C PHE A 1486 -18.81 45.32 -25.76
N TYR A 1487 -19.66 44.54 -26.42
CA TYR A 1487 -20.14 44.82 -27.76
C TYR A 1487 -21.65 44.90 -27.76
N LEU A 1488 -22.19 45.73 -28.66
CA LEU A 1488 -23.63 45.94 -28.72
C LEU A 1488 -24.31 44.90 -29.59
N HIS A 1489 -25.63 44.81 -29.43
CA HIS A 1489 -26.47 43.94 -30.26
C HIS A 1489 -27.07 44.83 -31.36
N HIS A 1490 -26.49 44.73 -32.55
CA HIS A 1490 -26.97 45.50 -33.69
C HIS A 1490 -26.94 44.61 -34.92
N ASN A 1491 -27.69 45.01 -35.94
CA ASN A 1491 -27.77 44.24 -37.17
C ASN A 1491 -26.75 44.71 -38.21
N GLY A 1492 -25.49 44.79 -37.80
CA GLY A 1492 -24.42 45.05 -38.75
C GLY A 1492 -24.11 43.87 -39.63
N TRP A 1493 -24.54 42.66 -39.22
CA TRP A 1493 -24.42 41.50 -40.09
C TRP A 1493 -25.19 41.72 -41.39
N ARG A 1494 -26.30 42.44 -41.34
CA ARG A 1494 -27.00 42.79 -42.57
C ARG A 1494 -26.12 43.65 -43.47
N ILE A 1495 -25.38 44.60 -42.87
CA ILE A 1495 -24.46 45.42 -43.64
C ILE A 1495 -23.39 44.56 -44.29
N ILE A 1496 -22.86 43.59 -43.53
CA ILE A 1496 -21.87 42.68 -44.09
C ILE A 1496 -22.47 41.89 -45.25
N ARG A 1497 -23.73 41.47 -45.12
CA ARG A 1497 -24.37 40.74 -46.21
C ARG A 1497 -24.50 41.61 -47.46
N GLN A 1498 -24.90 42.87 -47.31
CA GLN A 1498 -25.06 43.70 -48.50
C GLN A 1498 -23.73 44.14 -49.09
N LYS A 1499 -22.65 44.13 -48.31
CA LYS A 1499 -21.33 44.49 -48.82
C LYS A 1499 -20.39 43.28 -48.88
N GLN A 1500 -20.95 42.08 -48.99
CA GLN A 1500 -20.15 40.87 -49.15
C GLN A 1500 -19.17 40.98 -50.31
N LEU A 1501 -19.67 41.34 -51.50
CA LEU A 1501 -18.81 41.39 -52.68
C LEU A 1501 -17.75 42.48 -52.53
N GLU A 1502 -18.14 43.64 -51.99
CA GLU A 1502 -17.18 44.72 -51.79
C GLU A 1502 -16.11 44.32 -50.79
N ILE A 1503 -16.49 43.60 -49.74
CA ILE A 1503 -15.51 43.11 -48.76
C ILE A 1503 -14.56 42.12 -49.41
N ARG A 1504 -15.09 41.21 -50.23
CA ARG A 1504 -14.24 40.22 -50.88
C ARG A 1504 -13.25 40.89 -51.84
N GLU A 1505 -13.71 41.86 -52.62
CA GLU A 1505 -12.84 42.49 -53.61
C GLU A 1505 -11.85 43.46 -52.98
N THR A 1506 -12.30 44.29 -52.04
CA THR A 1506 -11.44 45.32 -51.48
C THR A 1506 -10.44 44.77 -50.48
N VAL A 1507 -10.84 43.79 -49.68
CA VAL A 1507 -9.98 43.24 -48.63
C VAL A 1507 -9.21 42.06 -49.21
N GLN A 1508 -7.92 41.98 -48.89
CA GLN A 1508 -7.09 40.89 -49.36
C GLN A 1508 -7.62 39.56 -48.80
N PRO A 1509 -7.53 38.48 -49.57
CA PRO A 1509 -8.09 37.20 -49.10
C PRO A 1509 -7.52 36.72 -47.79
N GLU A 1510 -6.23 36.94 -47.55
CA GLU A 1510 -5.61 36.51 -46.30
C GLU A 1510 -5.90 37.44 -45.13
N ARG A 1511 -6.44 38.64 -45.40
CA ARG A 1511 -6.72 39.57 -44.31
C ARG A 1511 -7.97 39.19 -43.53
N ASN A 1512 -8.99 38.68 -44.21
CA ASN A 1512 -10.28 38.37 -43.60
C ASN A 1512 -10.52 36.86 -43.63
N VAL A 1513 -11.70 36.46 -43.14
CA VAL A 1513 -12.06 35.06 -42.99
C VAL A 1513 -13.47 34.84 -43.51
N THR A 1514 -13.78 33.58 -43.81
CA THR A 1514 -15.13 33.16 -44.13
C THR A 1514 -15.56 32.05 -43.18
N THR A 1515 -16.82 32.08 -42.77
CA THR A 1515 -17.31 31.16 -41.76
C THR A 1515 -18.69 30.65 -42.15
N GLU A 1516 -18.99 29.43 -41.73
CA GLU A 1516 -20.37 28.98 -41.73
C GLU A 1516 -21.11 29.68 -40.59
N VAL A 1517 -22.25 30.29 -40.91
CA VAL A 1517 -22.90 31.25 -40.02
C VAL A 1517 -24.29 30.76 -39.65
N MET A 1518 -24.67 30.98 -38.39
CA MET A 1518 -26.00 30.68 -37.92
C MET A 1518 -27.02 31.65 -38.52
N ASP A 1519 -28.30 31.34 -38.31
CA ASP A 1519 -29.39 32.18 -38.76
C ASP A 1519 -30.12 32.77 -37.54
N LYS A 1520 -31.08 33.63 -37.82
CA LYS A 1520 -31.90 34.20 -36.75
C LYS A 1520 -32.90 33.16 -36.26
N GLY A 1521 -32.92 32.92 -34.95
CA GLY A 1521 -33.84 31.99 -34.36
C GLY A 1521 -33.31 30.59 -34.12
N ASN A 1522 -32.01 30.37 -34.27
CA ASN A 1522 -31.43 29.07 -33.98
C ASN A 1522 -31.48 28.78 -32.48
N VAL A 1523 -31.75 27.53 -32.13
CA VAL A 1523 -31.93 27.12 -30.75
C VAL A 1523 -30.93 26.02 -30.42
N PHE A 1524 -30.14 26.24 -29.38
CA PHE A 1524 -29.28 25.24 -28.77
C PHE A 1524 -29.77 24.97 -27.35
N SER A 1525 -29.31 23.87 -26.77
CA SER A 1525 -29.55 23.58 -25.36
C SER A 1525 -28.24 23.13 -24.72
N PHE A 1526 -27.93 23.72 -23.57
CA PHE A 1526 -26.73 23.32 -22.84
C PHE A 1526 -27.03 23.17 -21.37
N ASP A 1527 -26.34 22.22 -20.75
CA ASP A 1527 -26.44 22.00 -19.32
C ASP A 1527 -25.37 22.81 -18.59
N VAL A 1528 -25.68 23.21 -17.37
CA VAL A 1528 -24.79 23.98 -16.52
C VAL A 1528 -24.87 23.33 -15.14
N ARG A 1529 -23.86 22.54 -14.79
CA ARG A 1529 -23.81 21.92 -13.48
C ARG A 1529 -23.19 22.87 -12.47
N PHE A 1530 -23.55 22.69 -11.21
CA PHE A 1530 -22.95 23.46 -10.13
C PHE A 1530 -22.91 22.61 -8.89
N GLU A 1531 -21.88 22.85 -8.07
CA GLU A 1531 -21.67 22.13 -6.82
C GLU A 1531 -21.35 23.12 -5.71
N ASN A 1532 -21.93 22.87 -4.53
CA ASN A 1532 -21.69 23.71 -3.35
C ASN A 1532 -21.90 25.19 -3.68
N LEU A 1533 -23.07 25.48 -4.24
CA LEU A 1533 -23.36 26.80 -4.79
C LEU A 1533 -24.29 27.55 -3.86
N ARG A 1534 -23.93 28.79 -3.54
CA ARG A 1534 -24.78 29.61 -2.68
C ARG A 1534 -26.11 29.90 -3.35
N GLU A 1535 -27.13 30.16 -2.52
CA GLU A 1535 -28.44 30.54 -3.04
C GLU A 1535 -28.35 31.83 -3.84
N TRP A 1536 -27.66 32.84 -3.30
CA TRP A 1536 -27.46 34.06 -4.05
C TRP A 1536 -26.55 33.85 -5.25
N GLU A 1537 -25.58 32.94 -5.12
CA GLU A 1537 -24.74 32.62 -6.27
C GLU A 1537 -25.54 31.97 -7.38
N LEU A 1538 -26.43 31.05 -7.04
CA LEU A 1538 -27.26 30.41 -8.06
C LEU A 1538 -28.22 31.42 -8.68
N GLY A 1539 -28.80 32.30 -7.87
CA GLY A 1539 -29.65 33.34 -8.41
C GLY A 1539 -28.89 34.26 -9.37
N LEU A 1540 -27.66 34.62 -9.00
CA LEU A 1540 -26.85 35.48 -9.85
C LEU A 1540 -26.48 34.78 -11.14
N LEU A 1541 -26.15 33.49 -11.07
CA LEU A 1541 -25.85 32.72 -12.26
C LEU A 1541 -27.06 32.62 -13.17
N LEU A 1542 -28.24 32.39 -12.60
CA LEU A 1542 -29.46 32.32 -13.40
C LEU A 1542 -29.75 33.66 -14.06
N GLN A 1543 -29.56 34.76 -13.32
CA GLN A 1543 -29.78 36.08 -13.90
C GLN A 1543 -28.78 36.37 -15.02
N SER A 1544 -27.52 36.02 -14.80
CA SER A 1544 -26.52 36.21 -15.84
C SER A 1544 -26.82 35.36 -17.07
N LEU A 1545 -27.45 34.20 -16.87
CA LEU A 1545 -27.90 33.40 -18.01
C LEU A 1545 -29.05 34.09 -18.71
N ASP A 1546 -30.18 34.26 -18.02
CA ASP A 1546 -31.36 34.92 -18.58
C ASP A 1546 -31.59 36.24 -17.84
N PRO A 1547 -31.10 37.35 -18.36
CA PRO A 1547 -31.26 38.62 -17.66
C PRO A 1547 -32.66 39.21 -17.78
N GLY A 1548 -33.28 39.06 -18.95
CA GLY A 1548 -34.58 39.65 -19.15
C GLY A 1548 -35.13 39.34 -20.52
N LYS A 1549 -36.28 39.93 -20.82
CA LYS A 1549 -36.94 39.69 -22.10
C LYS A 1549 -36.26 40.42 -23.26
N ASN A 1550 -35.61 41.55 -22.98
CA ASN A 1550 -34.90 42.29 -24.02
C ASN A 1550 -33.39 42.16 -23.95
N ILE A 1551 -32.85 41.87 -22.76
CA ILE A 1551 -31.40 41.71 -22.61
C ILE A 1551 -30.99 40.35 -23.16
N ALA A 1552 -29.96 40.35 -23.99
CA ALA A 1552 -29.41 39.12 -24.57
C ALA A 1552 -27.91 39.13 -24.38
N HIS A 1553 -27.30 37.98 -24.64
CA HIS A 1553 -25.85 37.83 -24.56
C HIS A 1553 -25.21 38.01 -25.93
N LYS A 1554 -23.89 38.09 -25.94
CA LYS A 1554 -23.10 38.13 -27.16
C LYS A 1554 -22.03 37.05 -27.09
N LEU A 1555 -21.92 36.25 -28.15
CA LEU A 1555 -21.05 35.09 -28.14
C LEU A 1555 -20.64 34.74 -29.57
N GLY A 1556 -19.34 34.65 -29.81
CA GLY A 1556 -18.82 34.18 -31.07
C GLY A 1556 -17.97 35.20 -31.77
N LYS A 1557 -17.48 34.80 -32.94
CA LYS A 1557 -16.68 35.68 -33.78
C LYS A 1557 -17.56 36.68 -34.49
N GLY A 1558 -17.09 37.92 -34.60
CA GLY A 1558 -17.84 38.97 -35.24
C GLY A 1558 -18.72 39.80 -34.32
N LYS A 1559 -18.47 39.77 -33.02
CA LYS A 1559 -19.24 40.59 -32.09
C LYS A 1559 -19.24 42.07 -32.45
N PRO A 1560 -18.11 42.70 -32.83
CA PRO A 1560 -18.18 44.10 -33.27
C PRO A 1560 -19.02 44.30 -34.52
N TYR A 1561 -19.23 43.25 -35.31
CA TYR A 1561 -20.00 43.34 -36.54
C TYR A 1561 -21.48 43.09 -36.31
N GLY A 1562 -21.90 42.94 -35.06
CA GLY A 1562 -23.27 42.60 -34.74
C GLY A 1562 -23.57 41.12 -34.74
N PHE A 1563 -22.60 40.28 -35.06
CA PHE A 1563 -22.80 38.83 -35.10
C PHE A 1563 -22.87 38.27 -33.69
N GLY A 1564 -23.35 37.03 -33.60
CA GLY A 1564 -23.21 36.23 -32.40
C GLY A 1564 -23.82 36.76 -31.13
N SER A 1565 -25.07 37.21 -31.17
CA SER A 1565 -25.80 37.60 -29.98
C SER A 1565 -26.92 36.61 -29.73
N VAL A 1566 -27.00 36.09 -28.50
CA VAL A 1566 -27.89 34.99 -28.17
C VAL A 1566 -28.73 35.34 -26.95
N LYS A 1567 -29.85 34.64 -26.83
CA LYS A 1567 -30.73 34.72 -25.68
C LYS A 1567 -30.74 33.37 -24.97
N ILE A 1568 -30.54 33.39 -23.66
CA ILE A 1568 -30.52 32.17 -22.86
C ILE A 1568 -31.88 32.03 -22.19
N LYS A 1569 -32.46 30.84 -22.26
CA LYS A 1569 -33.73 30.56 -21.58
C LYS A 1569 -33.55 29.35 -20.67
N ILE A 1570 -33.75 29.56 -19.37
CA ILE A 1570 -33.68 28.47 -18.40
C ILE A 1570 -35.02 27.74 -18.45
N ASP A 1571 -35.08 26.63 -19.17
CA ASP A 1571 -36.32 25.88 -19.26
C ASP A 1571 -36.50 24.90 -18.11
N SER A 1572 -35.43 24.58 -17.37
CA SER A 1572 -35.52 23.69 -16.24
C SER A 1572 -34.31 23.87 -15.35
N LEU A 1573 -34.51 23.68 -14.04
CA LEU A 1573 -33.45 23.73 -13.06
C LEU A 1573 -33.69 22.65 -12.03
N HIS A 1574 -32.80 21.67 -11.98
CA HIS A 1574 -32.88 20.58 -11.01
C HIS A 1574 -31.79 20.77 -9.96
N THR A 1575 -32.09 20.40 -8.73
CA THR A 1575 -31.10 20.41 -7.66
C THR A 1575 -31.18 19.11 -6.88
N PHE A 1576 -30.10 18.81 -6.16
CA PHE A 1576 -30.05 17.62 -5.32
C PHE A 1576 -29.12 17.88 -4.16
N LYS A 1577 -29.33 17.13 -3.07
CA LYS A 1577 -28.52 17.28 -1.87
C LYS A 1577 -27.87 15.95 -1.48
N ILE A 1585 -32.79 14.51 -6.85
CA ILE A 1585 -32.94 15.39 -8.02
C ILE A 1585 -34.39 15.82 -8.15
N LYS A 1586 -34.70 17.05 -7.73
CA LYS A 1586 -36.04 17.60 -7.81
C LYS A 1586 -36.02 18.84 -8.68
N ARG A 1587 -37.02 18.97 -9.55
CA ARG A 1587 -37.10 20.12 -10.43
C ARG A 1587 -37.58 21.35 -9.66
N VAL A 1588 -36.76 22.40 -9.68
CA VAL A 1588 -37.08 23.60 -8.90
C VAL A 1588 -38.17 24.38 -9.63
N PRO A 1589 -39.27 24.72 -8.96
CA PRO A 1589 -40.31 25.53 -9.60
C PRO A 1589 -39.83 26.96 -9.80
N GLN A 1590 -40.52 27.67 -10.71
CA GLN A 1590 -40.12 29.02 -11.05
C GLN A 1590 -40.19 29.97 -9.85
N SER A 1591 -41.04 29.66 -8.87
CA SER A 1591 -41.14 30.51 -7.68
C SER A 1591 -39.83 30.51 -6.91
N ASP A 1592 -39.26 29.33 -6.66
CA ASP A 1592 -37.99 29.26 -5.95
C ASP A 1592 -36.85 29.84 -6.79
N ILE A 1593 -36.94 29.71 -8.12
CA ILE A 1593 -35.94 30.31 -8.99
C ILE A 1593 -35.96 31.83 -8.85
N ARG A 1594 -37.15 32.42 -8.89
CA ARG A 1594 -37.28 33.86 -8.69
C ARG A 1594 -36.81 34.27 -7.31
N GLU A 1595 -37.05 33.44 -6.29
CA GLU A 1595 -36.52 33.71 -4.96
C GLU A 1595 -34.99 33.73 -4.98
N TYR A 1596 -34.38 32.78 -5.68
CA TYR A 1596 -32.92 32.76 -5.80
C TYR A 1596 -32.41 34.03 -6.46
N ILE A 1597 -33.04 34.44 -7.56
CA ILE A 1597 -32.59 35.65 -8.24
C ILE A 1597 -32.80 36.88 -7.38
N ASN A 1598 -33.89 36.90 -6.60
CA ASN A 1598 -34.14 38.05 -5.72
C ASN A 1598 -33.09 38.14 -4.61
N LYS A 1599 -32.70 37.01 -4.03
CA LYS A 1599 -31.67 37.07 -3.00
C LYS A 1599 -30.29 37.33 -3.60
N GLY A 1600 -30.07 36.94 -4.86
CA GLY A 1600 -28.86 37.38 -5.55
C GLY A 1600 -28.84 38.88 -5.77
N TYR A 1601 -29.99 39.46 -6.12
CA TYR A 1601 -30.12 40.91 -6.21
C TYR A 1601 -29.81 41.55 -4.85
N GLN A 1602 -30.31 40.94 -3.77
CA GLN A 1602 -30.03 41.44 -2.44
C GLN A 1602 -28.53 41.41 -2.13
N LYS A 1603 -27.87 40.31 -2.49
CA LYS A 1603 -26.42 40.23 -2.29
C LYS A 1603 -25.69 41.30 -3.10
N LEU A 1604 -26.13 41.54 -4.34
CA LEU A 1604 -25.53 42.59 -5.14
C LEU A 1604 -25.69 43.95 -4.49
N ILE A 1605 -26.88 44.22 -3.94
CA ILE A 1605 -27.13 45.49 -3.27
C ILE A 1605 -26.24 45.63 -2.05
N GLU A 1606 -26.10 44.55 -1.26
CA GLU A 1606 -25.22 44.59 -0.10
C GLU A 1606 -23.78 44.83 -0.52
N TRP A 1607 -23.37 44.29 -1.67
CA TRP A 1607 -22.05 44.60 -2.20
C TRP A 1607 -21.92 46.07 -2.54
N SER A 1608 -22.94 46.64 -3.17
CA SER A 1608 -22.90 48.06 -3.54
C SER A 1608 -22.83 48.94 -2.30
N GLY A 1609 -23.59 48.61 -1.27
CA GLY A 1609 -23.61 49.40 -0.04
C GLY A 1609 -24.63 50.52 -0.08
N PRO A 1620 -37.44 42.44 -9.16
CA PRO A 1620 -36.01 42.73 -9.30
C PRO A 1620 -35.69 43.60 -10.50
N GLN A 1621 -35.54 44.90 -10.28
CA GLN A 1621 -35.20 45.86 -11.33
C GLN A 1621 -33.70 46.12 -11.27
N TRP A 1622 -32.97 45.58 -12.25
CA TRP A 1622 -31.51 45.61 -12.21
C TRP A 1622 -30.93 46.97 -12.56
N HIS A 1623 -31.69 47.84 -13.21
CA HIS A 1623 -31.15 49.12 -13.65
C HIS A 1623 -30.97 50.12 -12.51
N VAL A 1624 -31.42 49.80 -11.29
CA VAL A 1624 -31.32 50.75 -10.18
C VAL A 1624 -29.86 51.08 -9.89
N ILE A 1625 -29.03 50.05 -9.75
CA ILE A 1625 -27.60 50.22 -9.51
C ILE A 1625 -26.94 50.63 -10.83
N PRO A 1626 -26.29 51.80 -10.89
CA PRO A 1626 -25.87 52.35 -12.19
C PRO A 1626 -24.93 51.46 -12.99
N HIS A 1627 -23.98 50.76 -12.35
CA HIS A 1627 -23.02 49.98 -13.12
C HIS A 1627 -23.69 48.77 -13.77
N ILE A 1628 -24.64 48.14 -13.06
CA ILE A 1628 -25.38 47.04 -13.65
C ILE A 1628 -26.26 47.52 -14.78
N ASP A 1629 -26.85 48.71 -14.64
CA ASP A 1629 -27.63 49.29 -15.73
C ASP A 1629 -26.77 49.54 -16.95
N LYS A 1630 -25.55 50.06 -16.75
CA LYS A 1630 -24.63 50.27 -17.86
C LYS A 1630 -24.27 48.95 -18.52
N LEU A 1631 -24.01 47.92 -17.71
CA LEU A 1631 -23.67 46.61 -18.27
C LEU A 1631 -24.82 46.07 -19.11
N TYR A 1632 -26.05 46.19 -18.62
CA TYR A 1632 -27.17 45.60 -19.33
C TYR A 1632 -27.58 46.41 -20.55
N LYS A 1633 -27.44 47.74 -20.51
CA LYS A 1633 -27.67 48.51 -21.73
C LYS A 1633 -26.56 48.28 -22.74
N LEU A 1634 -25.38 47.85 -22.30
CA LEU A 1634 -24.39 47.34 -23.23
C LEU A 1634 -24.89 46.06 -23.90
N LEU A 1635 -25.63 45.24 -23.15
CA LEU A 1635 -26.24 44.02 -23.68
C LEU A 1635 -27.68 44.21 -24.14
N TRP A 1636 -28.21 45.43 -24.05
CA TRP A 1636 -29.59 45.66 -24.45
C TRP A 1636 -29.76 45.39 -25.93
N VAL A 1637 -30.87 44.77 -26.30
CA VAL A 1637 -31.18 44.51 -27.70
C VAL A 1637 -32.31 45.44 -28.13
N PRO A 1638 -32.01 46.55 -28.82
CA PRO A 1638 -33.11 47.43 -29.30
C PRO A 1638 -34.06 46.73 -30.24
N PHE A 1639 -33.57 45.82 -31.08
CA PHE A 1639 -34.41 45.12 -32.03
C PHE A 1639 -34.98 43.84 -31.41
N LEU A 1645 -36.89 48.75 -34.25
CA LEU A 1645 -35.66 49.51 -34.14
C LEU A 1645 -34.51 48.82 -34.87
N GLU A 1646 -33.62 49.62 -35.45
CA GLU A 1646 -32.46 49.08 -36.15
C GLU A 1646 -31.34 50.12 -36.17
N PRO A 1647 -30.60 50.27 -35.07
CA PRO A 1647 -29.45 51.17 -35.07
C PRO A 1647 -28.37 50.67 -36.03
N ASP A 1648 -27.68 51.63 -36.66
CA ASP A 1648 -26.60 51.32 -37.58
C ASP A 1648 -25.28 51.50 -36.82
N VAL A 1649 -24.51 50.42 -36.73
CA VAL A 1649 -23.26 50.42 -35.96
C VAL A 1649 -22.17 49.80 -36.82
N ARG A 1650 -21.08 50.54 -37.03
CA ARG A 1650 -19.91 50.04 -37.73
C ARG A 1650 -18.69 50.83 -37.28
N TYR A 1651 -17.51 50.27 -37.54
CA TYR A 1651 -16.29 50.89 -37.06
C TYR A 1651 -15.94 52.11 -37.89
N PRO A 1652 -15.35 53.13 -37.27
CA PRO A 1652 -14.93 54.32 -38.02
C PRO A 1652 -13.85 53.98 -39.03
N VAL A 1653 -13.84 54.73 -40.12
CA VAL A 1653 -12.79 54.59 -41.12
C VAL A 1653 -11.58 55.41 -40.70
N LEU A 1654 -10.43 55.12 -41.33
CA LEU A 1654 -9.20 55.82 -40.99
C LEU A 1654 -9.30 57.31 -41.30
N ASN A 1655 -9.75 57.65 -42.50
CA ASN A 1655 -9.78 59.02 -42.96
C ASN A 1655 -10.90 59.16 -43.98
N GLU A 1656 -10.90 60.27 -44.71
CA GLU A 1656 -11.93 60.54 -45.70
C GLU A 1656 -11.68 59.82 -47.03
N GLU A 1657 -10.53 59.17 -47.18
CA GLU A 1657 -10.19 58.49 -48.42
C GLU A 1657 -10.18 56.97 -48.31
N SER A 1658 -10.33 56.42 -47.10
CA SER A 1658 -10.30 54.98 -46.94
C SER A 1658 -11.56 54.34 -47.49
N LYS A 1659 -11.45 53.05 -47.82
CA LYS A 1659 -12.57 52.32 -48.37
C LYS A 1659 -13.68 52.14 -47.33
N GLY A 1660 -14.90 51.96 -47.82
CA GLY A 1660 -16.05 51.89 -46.94
C GLY A 1660 -16.35 53.19 -46.23
N TYR A 1661 -16.28 54.31 -46.93
CA TYR A 1661 -16.49 55.63 -46.36
C TYR A 1661 -17.86 56.16 -46.74
N ILE A 1662 -18.48 56.89 -45.83
CA ILE A 1662 -19.75 57.57 -46.07
C ILE A 1662 -19.49 59.07 -46.09
N GLU A 1663 -19.88 59.72 -47.17
CA GLU A 1663 -19.55 61.12 -47.37
C GLU A 1663 -20.33 62.02 -46.41
N GLY A 1664 -19.74 63.18 -46.12
CA GLY A 1664 -20.37 64.14 -45.24
C GLY A 1664 -20.56 63.65 -43.82
N SER A 1665 -19.59 62.94 -43.28
CA SER A 1665 -19.66 62.38 -41.93
C SER A 1665 -18.36 62.66 -41.19
N ASP A 1666 -18.49 63.08 -39.93
CA ASP A 1666 -17.36 63.22 -39.03
C ASP A 1666 -16.94 61.89 -38.41
N TYR A 1667 -17.56 60.79 -38.84
CA TYR A 1667 -17.30 59.46 -38.29
C TYR A 1667 -16.10 58.82 -38.99
N THR A 1668 -14.92 59.35 -38.72
CA THR A 1668 -13.68 58.79 -39.21
C THR A 1668 -12.62 58.90 -38.13
N TYR A 1669 -11.63 58.01 -38.19
CA TYR A 1669 -10.63 57.93 -37.13
C TYR A 1669 -9.68 59.12 -37.17
N LYS A 1670 -9.46 59.71 -38.34
CA LYS A 1670 -8.68 60.94 -38.42
C LYS A 1670 -9.36 62.06 -37.64
N LYS A 1671 -10.69 62.15 -37.76
CA LYS A 1671 -11.44 63.18 -37.04
C LYS A 1671 -11.49 62.90 -35.55
N LEU A 1672 -11.52 61.63 -35.15
CA LEU A 1672 -11.65 61.25 -33.74
C LEU A 1672 -10.31 60.98 -33.07
N GLY A 1673 -9.19 61.15 -33.78
CA GLY A 1673 -7.90 60.86 -33.20
C GLY A 1673 -7.21 62.07 -32.59
N ASP A 1674 -7.31 63.22 -33.26
CA ASP A 1674 -6.66 64.42 -32.77
C ASP A 1674 -7.33 64.91 -31.49
N LYS A 1675 -6.50 65.38 -30.55
CA LYS A 1675 -7.03 65.84 -29.26
C LYS A 1675 -7.90 67.08 -29.43
N ASP A 1676 -7.51 67.99 -30.32
CA ASP A 1676 -8.22 69.26 -30.44
C ASP A 1676 -9.66 69.06 -30.88
N ASN A 1677 -9.86 68.32 -31.98
CA ASN A 1677 -11.22 68.13 -32.49
C ASN A 1677 -12.04 67.25 -31.55
N LEU A 1678 -11.46 66.15 -31.07
CA LEU A 1678 -12.10 65.28 -30.09
C LEU A 1678 -11.23 65.21 -28.85
N PRO A 1679 -11.62 65.86 -27.75
CA PRO A 1679 -10.79 65.81 -26.54
C PRO A 1679 -10.62 64.40 -26.02
N TYR A 1680 -9.45 64.15 -25.42
CA TYR A 1680 -9.15 62.83 -24.88
C TYR A 1680 -10.11 62.45 -23.77
N LYS A 1681 -10.42 63.39 -22.87
CA LYS A 1681 -11.35 63.09 -21.78
C LYS A 1681 -12.75 62.81 -22.31
N THR A 1682 -13.21 63.59 -23.29
CA THR A 1682 -14.53 63.32 -23.87
C THR A 1682 -14.57 61.99 -24.58
N ARG A 1683 -13.48 61.63 -25.27
CA ARG A 1683 -13.41 60.32 -25.91
C ARG A 1683 -13.45 59.20 -24.88
N VAL A 1684 -12.74 59.36 -23.77
CA VAL A 1684 -12.76 58.35 -22.71
C VAL A 1684 -14.17 58.21 -22.14
N LYS A 1685 -14.84 59.34 -21.89
CA LYS A 1685 -16.21 59.29 -21.36
C LYS A 1685 -17.15 58.63 -22.37
N GLY A 1686 -16.97 58.92 -23.66
CA GLY A 1686 -17.83 58.32 -24.67
C GLY A 1686 -17.62 56.82 -24.79
N LEU A 1687 -16.37 56.37 -24.66
CA LEU A 1687 -16.12 54.93 -24.72
C LEU A 1687 -16.65 54.21 -23.49
N THR A 1688 -16.85 54.92 -22.38
CA THR A 1688 -17.43 54.35 -21.18
C THR A 1688 -18.95 54.48 -21.14
N THR A 1689 -19.56 55.14 -22.11
CA THR A 1689 -21.00 55.30 -22.16
C THR A 1689 -21.58 54.39 -23.23
N PRO A 1690 -22.29 53.33 -22.86
CA PRO A 1690 -22.82 52.39 -23.86
C PRO A 1690 -23.80 53.07 -24.81
N TRP A 1691 -23.78 52.62 -26.06
CA TRP A 1691 -24.69 53.10 -27.12
C TRP A 1691 -24.57 54.60 -27.33
N SER A 1692 -23.47 55.21 -26.89
CA SER A 1692 -23.32 56.65 -27.01
C SER A 1692 -23.25 57.05 -28.49
N PRO A 1693 -23.93 58.12 -28.88
CA PRO A 1693 -23.83 58.59 -30.27
C PRO A 1693 -22.43 59.07 -30.60
N TRP A 1694 -21.73 58.35 -31.48
CA TRP A 1694 -20.36 58.73 -31.81
C TRP A 1694 -20.30 59.92 -32.75
N ASN A 1695 -21.28 60.06 -33.64
CA ASN A 1695 -21.32 61.19 -34.56
C ASN A 1695 -21.93 62.42 -33.89
N THR D 15 20.44 32.34 11.09
CA THR D 15 19.92 32.00 9.76
C THR D 15 18.57 31.31 9.85
N ARG D 16 18.07 30.83 8.71
CA ARG D 16 16.82 30.09 8.71
C ARG D 16 16.96 28.75 9.42
N GLU D 17 18.15 28.14 9.32
CA GLU D 17 18.41 26.89 10.03
C GLU D 17 18.30 27.09 11.53
N ASP D 18 18.82 28.21 12.04
CA ASP D 18 18.80 28.44 13.49
C ASP D 18 17.37 28.54 14.01
N ILE D 19 16.51 29.30 13.33
CA ILE D 19 15.14 29.46 13.80
C ILE D 19 14.35 28.16 13.62
N ASP D 20 14.58 27.46 12.51
CA ASP D 20 13.90 26.18 12.29
C ASP D 20 14.26 25.19 13.38
N ARG D 21 15.55 25.05 13.68
CA ARG D 21 15.97 24.13 14.73
C ARG D 21 15.55 24.61 16.11
N LYS D 22 15.43 25.93 16.30
CA LYS D 22 14.90 26.44 17.56
C LYS D 22 13.45 26.03 17.76
N GLU D 23 12.64 26.14 16.70
CA GLU D 23 11.26 25.68 16.80
C GLU D 23 11.19 24.18 17.04
N ALA D 24 12.05 23.41 16.36
CA ALA D 24 12.08 21.96 16.59
C ALA D 24 12.49 21.63 18.02
N GLU D 25 13.47 22.35 18.56
CA GLU D 25 13.90 22.13 19.94
C GLU D 25 12.80 22.50 20.93
N ARG D 26 12.07 23.59 20.66
CA ARG D 26 10.94 23.94 21.50
C ARG D 26 9.89 22.84 21.48
N LEU D 27 9.62 22.29 20.30
CA LEU D 27 8.65 21.20 20.20
C LEU D 27 9.12 19.97 20.97
N LEU D 28 10.40 19.62 20.83
CA LEU D 28 10.95 18.46 21.54
C LEU D 28 10.89 18.66 23.05
N ASP D 29 11.23 19.85 23.52
CA ASP D 29 11.18 20.13 24.95
C ASP D 29 9.74 20.10 25.47
N GLU D 30 8.79 20.63 24.69
CA GLU D 30 7.39 20.56 25.07
C GLU D 30 6.90 19.12 25.10
N ALA D 31 7.49 18.27 24.27
CA ALA D 31 7.16 16.85 24.32
C ALA D 31 7.81 16.13 25.49
N PHE D 32 8.99 16.58 25.91
CA PHE D 32 9.79 15.85 26.88
C PHE D 32 9.10 15.75 28.23
N ASN D 33 8.47 16.83 28.69
CA ASN D 33 7.89 16.83 30.02
C ASN D 33 6.72 15.86 30.10
N PRO D 34 6.51 15.25 31.27
CA PRO D 34 5.44 14.24 31.39
C PRO D 34 4.04 14.82 31.37
N ARG D 35 3.88 16.15 31.33
CA ARG D 35 2.55 16.75 31.34
C ARG D 35 1.76 16.38 30.09
N THR D 36 2.43 16.32 28.94
CA THR D 36 1.75 16.02 27.69
C THR D 36 1.33 14.56 27.64
N LYS D 37 0.18 14.32 27.02
CA LYS D 37 -0.32 12.96 26.85
C LYS D 37 0.59 12.18 25.91
N PRO D 38 0.88 10.91 26.21
CA PRO D 38 1.80 10.14 25.34
C PRO D 38 1.35 10.03 23.90
N VAL D 39 0.04 9.89 23.65
CA VAL D 39 -0.43 9.71 22.29
C VAL D 39 -0.12 10.94 21.44
N ASP D 40 -0.34 12.13 21.99
CA ASP D 40 0.07 13.35 21.31
C ASP D 40 1.55 13.65 21.48
N ARG D 41 2.19 13.12 22.52
CA ARG D 41 3.64 13.28 22.66
C ARG D 41 4.36 12.64 21.48
N LYS D 42 3.94 11.44 21.09
CA LYS D 42 4.55 10.79 19.94
C LYS D 42 4.35 11.60 18.66
N LYS D 43 3.14 12.14 18.48
CA LYS D 43 2.84 12.93 17.28
C LYS D 43 3.69 14.19 17.24
N ILE D 44 3.83 14.88 18.36
CA ILE D 44 4.60 16.13 18.33
C ILE D 44 6.10 15.85 18.24
N ILE D 45 6.58 14.75 18.81
CA ILE D 45 7.97 14.37 18.59
C ILE D 45 8.21 14.05 17.11
N ASN D 46 7.26 13.36 16.48
CA ASN D 46 7.39 13.06 15.06
C ASN D 46 7.35 14.34 14.22
N SER D 47 6.53 15.31 14.61
CA SER D 47 6.50 16.58 13.88
C SER D 47 7.80 17.35 14.04
N ALA D 48 8.35 17.37 15.26
CA ALA D 48 9.65 18.02 15.46
C ALA D 48 10.74 17.32 14.66
N LEU D 49 10.70 15.98 14.62
CA LEU D 49 11.65 15.24 13.81
C LEU D 49 11.46 15.53 12.34
N LYS D 50 10.22 15.74 11.91
CA LYS D 50 9.95 16.11 10.52
C LYS D 50 10.56 17.46 10.19
N ILE D 51 10.40 18.43 11.10
CA ILE D 51 11.00 19.75 10.90
C ILE D 51 12.52 19.63 10.79
N LEU D 52 13.13 18.89 11.72
CA LEU D 52 14.57 18.76 11.74
C LEU D 52 15.08 18.03 10.51
N ILE D 53 14.37 16.99 10.06
CA ILE D 53 14.81 16.22 8.91
C ILE D 53 14.62 17.02 7.63
N GLY D 54 13.55 17.81 7.54
CA GLY D 54 13.42 18.72 6.42
C GLY D 54 14.54 19.73 6.35
N LEU D 55 14.92 20.27 7.51
CA LEU D 55 16.07 21.18 7.55
C LEU D 55 17.36 20.46 7.14
N TYR D 56 17.54 19.23 7.62
CA TYR D 56 18.73 18.46 7.27
C TYR D 56 18.79 18.18 5.77
N LYS D 57 17.66 17.84 5.16
CA LYS D 57 17.63 17.58 3.73
C LYS D 57 17.87 18.86 2.93
N GLU D 58 17.30 19.98 3.39
CA GLU D 58 17.49 21.24 2.66
C GLU D 58 18.90 21.79 2.81
N LYS D 59 19.62 21.42 3.87
CA LYS D 59 21.01 21.81 4.02
C LYS D 59 21.98 20.66 3.74
N LYS D 60 21.48 19.46 3.43
CA LYS D 60 22.28 18.31 3.02
C LYS D 60 23.32 18.03 4.10
N ASP D 61 24.62 18.06 3.80
CA ASP D 61 25.65 17.56 4.70
C ASP D 61 26.35 18.63 5.52
N ASP D 62 25.97 19.90 5.39
CA ASP D 62 26.61 20.98 6.15
C ASP D 62 25.57 21.69 7.01
N LEU D 63 25.33 21.13 8.19
CA LEU D 63 24.45 21.71 9.19
C LEU D 63 25.26 22.13 10.41
N THR D 64 24.68 23.02 11.20
CA THR D 64 25.27 23.35 12.49
C THR D 64 25.30 22.11 13.36
N SER D 65 26.36 22.00 14.16
CA SER D 65 26.54 20.80 14.99
C SER D 65 25.36 20.60 15.92
N ALA D 66 24.87 21.68 16.53
CA ALA D 66 23.73 21.57 17.43
C ALA D 66 22.46 21.14 16.70
N SER D 67 22.35 21.39 15.40
CA SER D 67 21.21 20.87 14.65
C SER D 67 21.27 19.35 14.50
N PHE D 68 22.46 18.82 14.21
CA PHE D 68 22.64 17.37 14.20
C PHE D 68 22.36 16.78 15.57
N ILE D 69 22.81 17.47 16.63
CA ILE D 69 22.54 17.02 17.99
C ILE D 69 21.04 17.01 18.25
N SER D 70 20.32 18.02 17.75
CA SER D 70 18.88 18.06 17.92
C SER D 70 18.20 16.92 17.17
N ILE D 71 18.68 16.60 15.97
CA ILE D 71 18.14 15.46 15.24
C ILE D 71 18.34 14.17 16.03
N ALA D 72 19.53 13.99 16.59
CA ALA D 72 19.82 12.80 17.39
C ALA D 72 18.95 12.75 18.64
N ARG D 73 18.74 13.90 19.28
CA ARG D 73 17.89 13.94 20.46
C ARG D 73 16.45 13.58 20.10
N ALA D 74 15.96 14.08 18.97
CA ALA D 74 14.62 13.74 18.53
C ALA D 74 14.51 12.24 18.24
N TYR D 75 15.53 11.66 17.63
CA TYR D 75 15.52 10.23 17.37
C TYR D 75 15.52 9.44 18.67
N TYR D 76 16.31 9.87 19.66
CA TYR D 76 16.28 9.18 20.94
C TYR D 76 14.92 9.32 21.61
N LEU D 77 14.31 10.49 21.53
CA LEU D 77 13.01 10.70 22.15
C LEU D 77 11.94 9.86 21.45
N VAL D 78 12.10 9.62 20.15
CA VAL D 78 11.25 8.65 19.46
C VAL D 78 11.49 7.25 20.02
N SER D 79 12.76 6.89 20.20
CA SER D 79 13.09 5.56 20.73
C SER D 79 12.49 5.35 22.11
N ILE D 80 12.48 6.39 22.93
CA ILE D 80 12.04 6.25 24.32
C ILE D 80 10.53 6.07 24.38
N THR D 81 9.81 6.38 23.30
CA THR D 81 8.37 6.24 23.23
C THR D 81 7.94 5.08 22.34
N ILE D 82 8.80 4.11 22.12
CA ILE D 82 8.47 2.89 21.39
C ILE D 82 8.57 1.75 22.38
N LEU D 83 7.47 1.41 23.01
CA LEU D 83 7.46 0.35 24.03
C LEU D 83 7.65 -1.01 23.37
N PRO D 84 8.54 -1.84 23.90
CA PRO D 84 8.76 -3.17 23.30
C PRO D 84 7.50 -4.03 23.35
N LYS D 85 7.33 -4.85 22.32
CA LYS D 85 6.18 -5.74 22.22
C LYS D 85 6.43 -6.97 23.08
N GLY D 86 5.59 -8.01 22.90
CA GLY D 86 5.64 -9.14 23.80
C GLY D 86 6.97 -9.86 23.80
N THR D 87 7.50 -10.19 22.62
CA THR D 87 8.75 -10.92 22.51
C THR D 87 9.81 -10.15 21.74
N THR D 88 9.46 -9.62 20.57
CA THR D 88 10.42 -8.94 19.72
C THR D 88 10.47 -7.45 20.04
N ILE D 89 11.67 -6.90 20.02
CA ILE D 89 11.82 -5.44 20.14
C ILE D 89 11.36 -4.80 18.84
N PRO D 90 10.54 -3.74 18.90
CA PRO D 90 10.04 -3.14 17.66
C PRO D 90 11.18 -2.64 16.79
N GLU D 91 11.05 -2.85 15.48
CA GLU D 91 12.10 -2.45 14.57
C GLU D 91 12.25 -0.94 14.51
N LYS D 92 11.18 -0.19 14.78
CA LYS D 92 11.31 1.26 14.82
C LYS D 92 12.19 1.72 15.96
N LYS D 93 12.18 0.99 17.08
CA LYS D 93 13.05 1.34 18.20
C LYS D 93 14.52 1.23 17.80
N LYS D 94 14.92 0.09 17.25
CA LYS D 94 16.29 -0.08 16.79
C LYS D 94 16.63 0.92 15.69
N GLU D 95 15.67 1.17 14.79
CA GLU D 95 15.90 2.11 13.71
C GLU D 95 16.19 3.51 14.24
N ALA D 96 15.35 3.99 15.15
CA ALA D 96 15.54 5.33 15.70
C ALA D 96 16.82 5.41 16.51
N LEU D 97 17.15 4.35 17.27
CA LEU D 97 18.40 4.37 18.02
C LEU D 97 19.60 4.41 17.09
N ARG D 98 19.60 3.60 16.04
CA ARG D 98 20.71 3.59 15.09
C ARG D 98 20.84 4.93 14.40
N LYS D 99 19.72 5.52 13.97
CA LYS D 99 19.77 6.80 13.28
C LYS D 99 20.23 7.91 14.22
N GLY D 100 19.76 7.91 15.46
CA GLY D 100 20.22 8.90 16.42
C GLY D 100 21.70 8.78 16.70
N ILE D 101 22.19 7.56 16.86
CA ILE D 101 23.62 7.36 17.08
C ILE D 101 24.42 7.85 15.88
N GLU D 102 23.95 7.54 14.67
CA GLU D 102 24.66 7.98 13.46
C GLU D 102 24.69 9.50 13.37
N PHE D 103 23.55 10.15 13.62
CA PHE D 103 23.49 11.60 13.50
C PHE D 103 24.32 12.28 14.58
N ILE D 104 24.32 11.75 15.80
CA ILE D 104 25.16 12.34 16.83
C ILE D 104 26.62 12.03 16.59
N ASP D 105 26.94 10.95 15.89
CA ASP D 105 28.32 10.74 15.46
C ASP D 105 28.74 11.81 14.47
N ARG D 106 27.87 12.12 13.51
CA ARG D 106 28.15 13.22 12.59
C ARG D 106 28.30 14.53 13.34
N ALA D 107 27.53 14.72 14.41
CA ALA D 107 27.67 15.92 15.23
C ALA D 107 28.99 15.96 15.98
N ILE D 108 29.45 14.81 16.48
CA ILE D 108 30.72 14.76 17.23
C ILE D 108 31.91 14.99 16.31
N ASN D 109 31.88 14.42 15.10
CA ASN D 109 33.04 14.56 14.21
C ASN D 109 33.33 16.02 13.87
N LYS D 110 32.30 16.81 13.58
CA LYS D 110 32.47 18.23 13.31
C LYS D 110 31.71 19.03 14.36
N PHE D 111 32.43 19.88 15.10
CA PHE D 111 31.83 20.64 16.18
C PHE D 111 32.40 22.05 16.23
N LEU D 116 28.74 24.71 26.93
CA LEU D 116 28.17 23.48 27.45
C LEU D 116 27.29 22.79 26.42
N ASP D 117 27.80 22.67 25.20
CA ASP D 117 27.10 22.00 24.11
C ASP D 117 27.72 20.67 23.71
N SER D 118 29.05 20.58 23.74
CA SER D 118 29.70 19.29 23.50
C SER D 118 29.33 18.29 24.57
N GLN D 119 29.21 18.76 25.82
CA GLN D 119 28.83 17.86 26.91
C GLN D 119 27.42 17.31 26.70
N ARG D 120 26.50 18.14 26.22
CA ARG D 120 25.14 17.65 25.97
C ARG D 120 25.09 16.77 24.73
N ALA D 121 25.93 17.03 23.75
CA ALA D 121 26.04 16.13 22.61
C ALA D 121 26.50 14.75 23.05
N PHE D 122 27.53 14.69 23.89
CA PHE D 122 27.99 13.39 24.38
C PHE D 122 27.00 12.77 25.36
N ARG D 123 26.22 13.60 26.06
CA ARG D 123 25.13 13.10 26.89
C ARG D 123 24.11 12.35 26.06
N ILE D 124 23.64 12.98 24.98
CA ILE D 124 22.66 12.34 24.11
C ILE D 124 23.26 11.11 23.44
N LYS D 125 24.54 11.20 23.03
CA LYS D 125 25.21 10.05 22.45
C LYS D 125 25.24 8.88 23.41
N SER D 126 25.58 9.14 24.67
CA SER D 126 25.70 8.06 25.65
C SER D 126 24.35 7.48 25.99
N VAL D 127 23.31 8.30 26.09
CA VAL D 127 21.98 7.76 26.40
C VAL D 127 21.46 6.93 25.23
N LEU D 128 21.67 7.41 23.99
CA LEU D 128 21.29 6.63 22.82
C LEU D 128 22.03 5.30 22.80
N SER D 129 23.33 5.31 23.07
CA SER D 129 24.10 4.07 23.06
C SER D 129 23.70 3.15 24.20
N ILE D 130 23.33 3.72 25.36
CA ILE D 130 22.86 2.91 26.47
C ILE D 130 21.58 2.18 26.08
N GLU D 131 20.64 2.89 25.47
CA GLU D 131 19.40 2.27 25.05
C GLU D 131 19.64 1.21 23.98
N PHE D 132 20.51 1.52 23.02
CA PHE D 132 20.83 0.56 21.97
C PHE D 132 21.48 -0.70 22.55
N ASN D 133 22.37 -0.52 23.52
CA ASN D 133 22.99 -1.66 24.18
C ASN D 133 21.96 -2.48 24.94
N ARG D 134 21.01 -1.80 25.59
CA ARG D 134 19.97 -2.51 26.33
C ARG D 134 19.10 -3.36 25.41
N ILE D 135 18.69 -2.80 24.27
CA ILE D 135 17.81 -3.53 23.38
C ILE D 135 18.58 -4.43 22.41
N ASP D 136 19.76 -4.00 21.95
CA ASP D 136 20.58 -4.76 21.01
C ASP D 136 22.02 -4.73 21.53
N ARG D 137 22.35 -5.70 22.38
CA ARG D 137 23.68 -5.71 23.01
C ARG D 137 24.77 -6.06 22.00
N GLU D 138 24.44 -6.87 20.99
CA GLU D 138 25.45 -7.28 20.02
C GLU D 138 25.96 -6.09 19.22
N LYS D 139 25.06 -5.22 18.78
CA LYS D 139 25.46 -4.08 17.95
C LYS D 139 26.25 -3.06 18.75
N CYS D 140 25.84 -2.80 19.98
CA CYS D 140 26.55 -1.90 20.89
C CYS D 140 27.04 -2.74 22.06
N ASP D 141 28.22 -3.34 21.90
CA ASP D 141 28.77 -4.23 22.91
C ASP D 141 29.10 -3.45 24.18
N ASN D 142 29.30 -4.20 25.27
CA ASN D 142 29.42 -3.58 26.57
C ASN D 142 30.74 -2.83 26.73
N ILE D 143 31.83 -3.32 26.11
CA ILE D 143 33.11 -2.65 26.23
C ILE D 143 33.11 -1.33 25.46
N LYS D 144 32.57 -1.32 24.24
CA LYS D 144 32.46 -0.07 23.49
C LYS D 144 31.55 0.91 24.20
N LEU D 145 30.43 0.41 24.74
CA LEU D 145 29.55 1.27 25.52
C LEU D 145 30.31 1.86 26.71
N LYS D 146 31.10 1.04 27.40
CA LYS D 146 31.85 1.52 28.56
C LYS D 146 32.85 2.60 28.15
N ASN D 147 33.54 2.39 27.03
CA ASN D 147 34.51 3.38 26.55
C ASN D 147 33.83 4.70 26.24
N LEU D 148 32.69 4.65 25.55
CA LEU D 148 32.01 5.89 25.20
C LEU D 148 31.36 6.54 26.42
N LEU D 149 30.93 5.74 27.40
CA LEU D 149 30.41 6.29 28.64
C LEU D 149 31.51 7.02 29.40
N ASN D 150 32.71 6.45 29.42
CA ASN D 150 33.85 7.12 30.04
C ASN D 150 34.19 8.41 29.29
N GLU D 151 34.12 8.37 27.96
CA GLU D 151 34.31 9.59 27.18
C GLU D 151 33.31 10.66 27.61
N ALA D 152 32.04 10.29 27.75
CA ALA D 152 31.03 11.25 28.16
C ALA D 152 31.30 11.79 29.56
N VAL D 153 31.64 10.91 30.50
CA VAL D 153 31.80 11.37 31.88
C VAL D 153 33.04 12.25 32.01
N ASP D 154 34.09 11.98 31.24
CA ASP D 154 35.22 12.92 31.25
C ASP D 154 34.93 14.16 30.40
N LYS D 155 33.86 14.15 29.61
CA LYS D 155 33.44 15.33 28.87
C LYS D 155 32.37 16.13 29.61
N GLY D 156 32.20 15.91 30.91
CA GLY D 156 31.30 16.70 31.72
C GLY D 156 29.92 16.13 31.96
N CYS D 157 29.69 14.86 31.62
CA CYS D 157 28.37 14.23 31.78
C CYS D 157 28.22 13.77 33.23
N THR D 158 28.03 14.75 34.12
CA THR D 158 27.88 14.49 35.54
C THR D 158 26.78 15.31 36.21
N ASP D 159 26.20 16.29 35.52
CA ASP D 159 25.23 17.20 36.13
C ASP D 159 23.96 16.43 36.50
N PHE D 160 23.80 16.15 37.79
CA PHE D 160 22.60 15.52 38.31
C PHE D 160 21.67 16.57 38.90
N ASP D 161 20.49 16.12 39.31
CA ASP D 161 19.41 16.92 39.89
C ASP D 161 18.80 17.88 38.89
N THR D 162 19.34 17.99 37.69
CA THR D 162 18.76 18.75 36.60
C THR D 162 18.62 17.92 35.33
N TYR D 163 19.53 16.99 35.09
CA TYR D 163 19.50 16.10 33.93
C TYR D 163 19.37 14.67 34.43
N GLU D 164 18.22 14.04 34.20
CA GLU D 164 18.07 12.62 34.51
C GLU D 164 19.00 11.77 33.64
N TRP D 165 19.32 12.27 32.45
CA TRP D 165 20.16 11.52 31.54
C TRP D 165 21.53 11.27 32.14
N ASP D 166 22.12 12.29 32.76
CA ASP D 166 23.40 12.13 33.44
C ASP D 166 23.33 11.04 34.50
N ILE D 167 22.20 10.96 35.19
CA ILE D 167 21.99 9.87 36.15
C ILE D 167 21.99 8.53 35.42
N GLN D 168 21.44 8.50 34.20
CA GLN D 168 21.46 7.26 33.43
C GLN D 168 22.87 6.84 33.05
N ILE D 169 23.69 7.79 32.56
CA ILE D 169 25.10 7.44 32.30
C ILE D 169 25.80 7.00 33.57
N ALA D 170 25.54 7.66 34.70
CA ALA D 170 26.21 7.29 35.94
C ALA D 170 25.85 5.87 36.35
N ILE D 171 24.56 5.52 36.29
CA ILE D 171 24.11 4.20 36.70
C ILE D 171 24.64 3.13 35.74
N ARG D 172 24.60 3.41 34.43
CA ARG D 172 25.15 2.44 33.49
C ARG D 172 26.64 2.25 33.72
N LEU D 173 27.37 3.33 33.98
CA LEU D 173 28.80 3.23 34.23
C LEU D 173 29.09 2.38 35.46
N CYS D 174 28.35 2.61 36.54
CA CYS D 174 28.57 1.81 37.74
C CYS D 174 28.17 0.36 37.52
N GLU D 175 27.21 0.10 36.62
CA GLU D 175 26.81 -1.26 36.33
C GLU D 175 27.82 -2.00 35.45
N LEU D 176 28.47 -1.30 34.51
CA LEU D 176 29.55 -1.91 33.74
C LEU D 176 30.76 -2.30 34.61
N GLY D 177 30.90 -1.72 35.79
CA GLY D 177 31.95 -2.10 36.69
C GLY D 177 33.09 -1.10 36.85
N VAL D 178 32.93 0.12 36.36
CA VAL D 178 33.95 1.15 36.59
C VAL D 178 33.74 1.74 37.99
N ASP D 179 34.79 2.39 38.49
CA ASP D 179 34.73 3.03 39.79
C ASP D 179 33.99 4.35 39.67
N MET D 180 32.91 4.50 40.43
CA MET D 180 32.05 5.67 40.34
C MET D 180 31.72 6.22 41.73
N GLU D 181 32.61 6.01 42.70
CA GLU D 181 32.36 6.46 44.06
C GLU D 181 32.35 7.98 44.18
N GLY D 182 32.99 8.69 43.25
CA GLY D 182 33.06 10.14 43.37
C GLY D 182 31.72 10.82 43.20
N HIS D 183 30.90 10.34 42.28
CA HIS D 183 29.61 10.95 41.98
C HIS D 183 28.46 10.33 42.77
N PHE D 184 28.76 9.48 43.74
CA PHE D 184 27.71 8.81 44.52
C PHE D 184 26.84 9.83 45.26
N ASP D 185 27.48 10.78 45.96
CA ASP D 185 26.71 11.77 46.72
C ASP D 185 25.82 12.58 45.81
N ASN D 186 26.36 13.02 44.67
CA ASN D 186 25.56 13.78 43.71
C ASN D 186 24.48 12.91 43.08
N LEU D 187 24.76 11.61 42.90
CA LEU D 187 23.74 10.70 42.39
C LEU D 187 22.56 10.59 43.35
N ILE D 188 22.83 10.49 44.64
CA ILE D 188 21.76 10.27 45.62
C ILE D 188 21.02 11.56 45.95
N LYS D 189 21.74 12.67 46.11
CA LYS D 189 21.07 13.93 46.44
C LYS D 189 20.17 14.41 45.31
N SER D 190 20.40 13.96 44.08
CA SER D 190 19.58 14.38 42.95
C SER D 190 18.14 13.95 43.16
N ASN D 191 17.21 14.90 42.98
CA ASN D 191 15.80 14.59 43.16
C ASN D 191 15.23 13.79 42.00
N LYS D 192 15.77 13.96 40.80
CA LYS D 192 15.25 13.27 39.62
C LYS D 192 15.97 11.95 39.38
N ALA D 193 16.05 11.14 40.42
CA ALA D 193 16.59 9.78 40.33
C ALA D 193 15.56 8.83 40.91
N ASN D 194 15.16 7.83 40.12
CA ASN D 194 14.18 6.89 40.62
C ASN D 194 14.83 5.93 41.62
N ASP D 195 13.98 5.22 42.36
CA ASP D 195 14.48 4.32 43.40
C ASP D 195 15.34 3.21 42.83
N LEU D 196 15.15 2.83 41.57
CA LEU D 196 15.96 1.77 40.98
C LEU D 196 17.38 2.23 40.72
N GLN D 197 17.56 3.42 40.17
CA GLN D 197 18.91 3.97 40.01
C GLN D 197 19.58 4.18 41.37
N LYS D 198 18.81 4.62 42.36
CA LYS D 198 19.35 4.77 43.71
C LYS D 198 19.83 3.44 44.25
N ALA D 199 19.04 2.38 44.07
CA ALA D 199 19.45 1.06 44.54
C ALA D 199 20.67 0.56 43.79
N LYS D 200 20.73 0.77 42.48
CA LYS D 200 21.88 0.34 41.70
C LYS D 200 23.14 1.07 42.15
N ALA D 201 23.04 2.37 42.41
CA ALA D 201 24.18 3.12 42.91
C ALA D 201 24.61 2.60 44.29
N TYR D 202 23.64 2.37 45.18
CA TYR D 202 23.98 1.87 46.51
C TYR D 202 24.55 0.47 46.49
N TYR D 203 24.26 -0.32 45.45
CA TYR D 203 24.72 -1.69 45.40
C TYR D 203 26.02 -1.89 44.62
N PHE D 204 26.27 -1.09 43.58
CA PHE D 204 27.35 -1.40 42.65
C PHE D 204 28.68 -0.77 43.01
N ILE D 205 28.69 0.41 43.64
CA ILE D 205 29.91 1.13 43.95
C ILE D 205 30.16 1.22 45.45
N LYS D 206 29.13 1.45 46.24
CA LYS D 206 29.28 1.45 47.70
C LYS D 206 28.95 0.10 48.32
N LYS D 207 28.32 -0.80 47.58
CA LYS D 207 27.98 -2.15 48.06
C LYS D 207 27.16 -2.12 49.34
N ASP D 208 26.36 -1.06 49.51
CA ASP D 208 25.50 -0.92 50.68
C ASP D 208 24.26 -1.75 50.43
N ASP D 209 24.32 -3.03 50.83
CA ASP D 209 23.24 -3.95 50.56
C ASP D 209 21.96 -3.58 51.31
N HIS D 210 22.08 -2.99 52.50
CA HIS D 210 20.89 -2.62 53.25
C HIS D 210 20.17 -1.45 52.58
N LYS D 211 20.90 -0.41 52.21
CA LYS D 211 20.28 0.73 51.55
C LYS D 211 19.82 0.36 50.14
N ALA D 212 20.56 -0.52 49.45
CA ALA D 212 20.08 -1.04 48.18
C ALA D 212 18.77 -1.79 48.35
N LYS D 213 18.66 -2.57 49.42
CA LYS D 213 17.41 -3.27 49.71
C LYS D 213 16.28 -2.28 49.97
N GLU D 214 16.55 -1.22 50.72
CA GLU D 214 15.52 -0.23 51.00
C GLU D 214 15.03 0.44 49.72
N HIS D 215 15.97 0.86 48.86
CA HIS D 215 15.57 1.55 47.64
C HIS D 215 14.89 0.62 46.66
N MET D 216 15.34 -0.64 46.58
CA MET D 216 14.67 -1.62 45.74
C MET D 216 13.27 -1.93 46.26
N ASP D 217 13.10 -1.98 47.59
CA ASP D 217 11.78 -2.17 48.15
C ASP D 217 10.87 -1.01 47.77
N LYS D 218 11.40 0.23 47.83
CA LYS D 218 10.63 1.39 47.42
C LYS D 218 10.22 1.29 45.96
N CYS D 219 11.17 0.90 45.10
CA CYS D 219 10.86 0.77 43.67
C CYS D 219 9.83 -0.32 43.41
N THR D 220 9.95 -1.45 44.11
CA THR D 220 8.99 -2.53 43.94
C THR D 220 7.60 -2.11 44.39
N ALA D 221 7.52 -1.37 45.50
CA ALA D 221 6.23 -0.86 45.95
C ALA D 221 5.63 0.10 44.93
N SER D 222 6.47 0.95 44.34
CA SER D 222 5.99 1.86 43.30
C SER D 222 5.57 1.09 42.05
N LEU D 223 6.13 -0.10 41.83
CA LEU D 223 5.80 -0.89 40.65
C LEU D 223 4.35 -1.35 40.65
N LYS D 224 3.69 -1.38 41.81
CA LYS D 224 2.31 -1.85 41.86
C LYS D 224 1.36 -0.97 41.06
N TYR D 225 1.79 0.24 40.71
CA TYR D 225 0.95 1.16 39.95
C TYR D 225 1.49 1.51 38.58
N THR D 226 2.79 1.37 38.35
CA THR D 226 3.35 1.69 37.04
C THR D 226 2.84 0.69 36.01
N PRO D 227 2.40 1.16 34.83
CA PRO D 227 1.92 0.22 33.81
C PRO D 227 3.00 -0.72 33.35
N CYS D 228 2.60 -1.91 32.93
CA CYS D 228 3.55 -2.91 32.47
C CYS D 228 4.31 -2.46 31.23
N SER D 229 3.81 -1.45 30.52
CA SER D 229 4.53 -0.91 29.37
C SER D 229 5.74 -0.11 29.78
N HIS D 230 5.81 0.34 31.03
CA HIS D 230 6.90 1.19 31.48
C HIS D 230 8.24 0.45 31.37
N ARG D 231 9.28 1.20 30.98
CA ARG D 231 10.62 0.66 30.92
C ARG D 231 11.20 0.38 32.29
N LEU D 232 10.59 0.91 33.35
CA LEU D 232 11.05 0.60 34.70
C LEU D 232 10.92 -0.88 35.00
N TRP D 233 9.90 -1.55 34.43
CA TRP D 233 9.76 -2.99 34.61
C TRP D 233 10.93 -3.73 34.01
N ASP D 234 11.32 -3.39 32.79
CA ASP D 234 12.46 -4.03 32.17
C ASP D 234 13.74 -3.72 32.92
N GLU D 235 13.89 -2.47 33.39
CA GLU D 235 15.09 -2.09 34.13
C GLU D 235 15.20 -2.86 35.44
N THR D 236 14.10 -3.03 36.17
CA THR D 236 14.18 -3.76 37.44
C THR D 236 14.35 -5.26 37.20
N VAL D 237 13.76 -5.79 36.13
CA VAL D 237 14.02 -7.19 35.79
C VAL D 237 15.49 -7.39 35.49
N GLY D 238 16.09 -6.44 34.75
CA GLY D 238 17.52 -6.52 34.49
C GLY D 238 18.36 -6.41 35.74
N PHE D 239 17.96 -5.53 36.67
CA PHE D 239 18.69 -5.39 37.92
C PHE D 239 18.67 -6.69 38.73
N ILE D 240 17.48 -7.29 38.87
CA ILE D 240 17.41 -8.52 39.65
C ILE D 240 18.09 -9.67 38.92
N GLU D 241 18.07 -9.66 37.58
CA GLU D 241 18.80 -10.67 36.81
C GLU D 241 20.29 -10.55 37.08
N ARG D 242 20.81 -9.32 37.06
CA ARG D 242 22.22 -9.09 37.37
C ARG D 242 22.54 -9.53 38.79
N LEU D 243 21.63 -9.28 39.73
CA LEU D 243 21.83 -9.75 41.10
C LEU D 243 21.91 -11.27 41.15
N LYS D 244 21.01 -11.95 40.45
CA LYS D 244 21.02 -13.40 40.42
C LYS D 244 22.32 -13.94 39.82
N GLY D 245 22.77 -13.31 38.73
CA GLY D 245 24.07 -13.69 38.18
C GLY D 245 25.22 -13.40 39.11
N ASP D 246 25.12 -12.31 39.88
CA ASP D 246 26.14 -11.96 40.86
C ASP D 246 26.08 -12.83 42.11
N SER D 247 25.14 -13.79 42.17
CA SER D 247 24.93 -14.63 43.34
C SER D 247 24.64 -13.80 44.59
N SER D 248 23.97 -12.65 44.39
CA SER D 248 23.64 -11.78 45.50
C SER D 248 22.57 -12.42 46.38
N THR D 249 22.53 -11.98 47.64
CA THR D 249 21.58 -12.52 48.60
C THR D 249 20.25 -11.77 48.60
N LEU D 250 20.16 -10.64 47.89
CA LEU D 250 18.94 -9.86 47.85
C LEU D 250 18.07 -10.16 46.64
N TRP D 251 18.56 -10.96 45.69
CA TRP D 251 17.81 -11.18 44.45
C TRP D 251 16.53 -11.96 44.70
N ARG D 252 16.52 -12.86 45.68
CA ARG D 252 15.32 -13.67 45.93
C ARG D 252 14.16 -12.79 46.38
N ASP D 253 14.38 -11.97 47.41
CA ASP D 253 13.31 -11.11 47.91
C ASP D 253 12.90 -10.08 46.86
N PHE D 254 13.88 -9.54 46.12
CA PHE D 254 13.56 -8.58 45.08
C PHE D 254 12.68 -9.20 44.00
N ALA D 255 13.03 -10.42 43.57
CA ALA D 255 12.23 -11.10 42.55
C ALA D 255 10.83 -11.39 43.06
N ILE D 256 10.72 -11.86 44.31
CA ILE D 256 9.40 -12.21 44.86
C ILE D 256 8.52 -10.97 44.96
N LYS D 257 9.08 -9.88 45.50
CA LYS D 257 8.29 -8.67 45.68
C LYS D 257 7.93 -8.04 44.35
N THR D 258 8.86 -8.04 43.39
CA THR D 258 8.54 -7.53 42.06
C THR D 258 7.50 -8.39 41.37
N TYR D 259 7.47 -9.70 41.66
CA TYR D 259 6.42 -10.54 41.10
C TYR D 259 5.06 -10.23 41.73
N ARG D 260 5.04 -9.95 43.03
CA ARG D 260 3.79 -9.52 43.65
C ARG D 260 3.30 -8.22 43.01
N SER D 261 4.22 -7.29 42.76
CA SER D 261 3.88 -6.05 42.07
C SER D 261 3.36 -6.34 40.67
N CYS D 262 3.99 -7.27 39.95
CA CYS D 262 3.53 -7.63 38.62
C CYS D 262 2.14 -8.24 38.65
N ARG D 263 1.86 -9.06 39.67
CA ARG D 263 0.53 -9.63 39.83
C ARG D 263 -0.52 -8.55 40.01
N VAL D 264 -0.29 -7.65 40.97
CA VAL D 264 -1.30 -6.62 41.24
C VAL D 264 -1.44 -5.68 40.05
N GLN D 265 -0.36 -5.41 39.33
CA GLN D 265 -0.46 -4.56 38.15
C GLN D 265 -1.21 -5.26 37.02
N GLU D 266 -0.85 -6.51 36.71
CA GLU D 266 -1.52 -7.25 35.66
C GLU D 266 -3.00 -7.41 35.95
N LYS D 267 -3.38 -7.42 37.23
CA LYS D 267 -4.80 -7.42 37.56
C LYS D 267 -5.52 -6.19 37.00
N GLU D 268 -4.80 -5.11 36.70
CA GLU D 268 -5.42 -3.88 36.24
C GLU D 268 -4.89 -3.35 34.91
N THR D 269 -4.16 -4.16 34.14
CA THR D 269 -3.84 -3.74 32.79
C THR D 269 -4.94 -4.17 31.82
N GLY D 270 -4.98 -3.50 30.67
CA GLY D 270 -5.94 -3.87 29.66
C GLY D 270 -5.66 -5.25 29.10
N THR D 271 -6.73 -5.93 28.67
CA THR D 271 -6.57 -7.27 28.12
C THR D 271 -5.77 -7.26 26.83
N LEU D 272 -5.81 -6.16 26.08
CA LEU D 272 -4.96 -6.03 24.90
C LEU D 272 -3.50 -5.92 25.30
N ARG D 273 -3.20 -5.14 26.33
CA ARG D 273 -1.83 -4.96 26.78
C ARG D 273 -1.26 -6.19 27.46
N LEU D 274 -2.09 -7.19 27.78
CA LEU D 274 -1.55 -8.47 28.22
C LEU D 274 -0.73 -9.12 27.11
N ARG D 275 -1.23 -9.06 25.88
CA ARG D 275 -0.47 -9.58 24.75
C ARG D 275 0.81 -8.79 24.55
N TRP D 276 0.74 -7.47 24.67
CA TRP D 276 1.84 -6.60 24.29
C TRP D 276 2.90 -6.47 25.39
N TYR D 277 2.49 -6.00 26.56
CA TYR D 277 3.46 -5.52 27.55
C TYR D 277 3.55 -6.37 28.81
N TRP D 278 2.47 -6.99 29.26
CA TRP D 278 2.58 -7.86 30.42
C TRP D 278 3.33 -9.14 30.08
N SER D 279 3.15 -9.65 28.87
CA SER D 279 3.86 -10.86 28.46
C SER D 279 5.36 -10.65 28.38
N ARG D 280 5.84 -9.41 28.40
CA ARG D 280 7.26 -9.14 28.52
C ARG D 280 7.80 -9.66 29.84
N HIS D 281 7.05 -9.46 30.92
CA HIS D 281 7.50 -9.81 32.26
C HIS D 281 7.17 -11.26 32.58
N ARG D 282 7.64 -12.15 31.71
CA ARG D 282 7.59 -13.59 31.99
C ARG D 282 8.86 -14.06 32.66
N VAL D 283 10.00 -13.48 32.28
CA VAL D 283 11.25 -13.78 32.97
C VAL D 283 11.17 -13.33 34.42
N LEU D 284 10.37 -12.30 34.70
CA LEU D 284 10.16 -11.89 36.08
C LEU D 284 9.44 -12.97 36.88
N TYR D 285 8.40 -13.58 36.30
CA TYR D 285 7.72 -14.68 36.97
C TYR D 285 8.65 -15.89 37.12
N ASP D 286 9.48 -16.15 36.10
CA ASP D 286 10.46 -17.23 36.21
C ASP D 286 11.43 -16.97 37.35
N MET D 287 11.87 -15.72 37.50
CA MET D 287 12.80 -15.33 38.54
C MET D 287 12.19 -15.48 39.93
N ALA D 288 10.93 -15.06 40.07
CA ALA D 288 10.24 -15.26 41.35
C ALA D 288 10.04 -16.73 41.66
N PHE D 289 9.71 -17.52 40.64
CA PHE D 289 9.58 -18.96 40.83
C PHE D 289 10.90 -19.57 41.30
N LEU D 290 12.01 -19.15 40.69
CA LEU D 290 13.31 -19.63 41.13
C LEU D 290 13.60 -19.21 42.56
N ALA D 291 13.24 -17.98 42.93
CA ALA D 291 13.48 -17.51 44.29
C ALA D 291 12.73 -18.34 45.30
N VAL D 292 11.44 -18.60 45.04
CA VAL D 292 10.63 -19.38 45.97
C VAL D 292 11.13 -20.82 46.01
N LYS D 293 11.54 -21.37 44.86
CA LYS D 293 12.06 -22.72 44.83
C LYS D 293 13.35 -22.83 45.64
N GLU D 294 14.21 -21.81 45.56
CA GLU D 294 15.39 -21.79 46.41
C GLU D 294 15.02 -21.72 47.88
N GLN D 295 14.01 -20.91 48.22
CA GLN D 295 13.56 -20.86 49.60
C GLN D 295 12.85 -22.12 50.04
N ALA D 296 12.51 -23.02 49.11
CA ALA D 296 11.83 -24.26 49.46
C ALA D 296 12.80 -25.45 49.44
N VAL D 303 8.71 -27.35 57.97
CA VAL D 303 7.88 -28.22 57.15
C VAL D 303 6.66 -27.45 56.65
N ASN D 304 5.93 -26.83 57.57
CA ASN D 304 4.77 -26.03 57.19
C ASN D 304 5.18 -24.83 56.35
N VAL D 305 6.29 -24.18 56.72
CA VAL D 305 6.80 -23.07 55.91
C VAL D 305 7.19 -23.56 54.53
N LYS D 306 7.79 -24.76 54.46
CA LYS D 306 8.12 -25.33 53.16
C LYS D 306 6.87 -25.58 52.35
N GLN D 307 5.80 -26.08 52.98
CA GLN D 307 4.54 -26.32 52.27
C GLN D 307 3.95 -25.01 51.76
N ALA D 308 4.04 -23.94 52.56
CA ALA D 308 3.60 -22.63 52.09
C ALA D 308 4.42 -22.18 50.89
N LYS D 309 5.72 -22.46 50.91
CA LYS D 309 6.56 -22.13 49.76
C LYS D 309 6.15 -22.93 48.52
N ILE D 310 5.77 -24.20 48.71
CA ILE D 310 5.32 -25.01 47.58
C ILE D 310 4.03 -24.43 47.00
N LYS D 311 3.10 -24.05 47.87
CA LYS D 311 1.85 -23.44 47.41
C LYS D 311 2.11 -22.10 46.73
N LYS D 312 3.09 -21.34 47.20
CA LYS D 312 3.46 -20.11 46.50
C LYS D 312 4.07 -20.41 45.15
N LEU D 313 4.83 -21.49 45.02
CA LEU D 313 5.30 -21.93 43.71
C LEU D 313 4.13 -22.22 42.79
N ALA D 314 3.11 -22.91 43.31
CA ALA D 314 1.93 -23.20 42.51
C ALA D 314 1.22 -21.91 42.10
N GLU D 315 1.12 -20.95 43.02
CA GLU D 315 0.48 -19.67 42.69
C GLU D 315 1.26 -18.92 41.62
N ILE D 316 2.58 -18.92 41.71
CA ILE D 316 3.40 -18.28 40.69
C ILE D 316 3.20 -18.96 39.34
N SER D 317 3.15 -20.30 39.35
CA SER D 317 2.93 -21.03 38.11
C SER D 317 1.58 -20.69 37.50
N ASP D 318 0.54 -20.61 38.33
CA ASP D 318 -0.80 -20.38 37.81
C ASP D 318 -1.00 -18.94 37.38
N SER D 319 -0.27 -17.99 37.96
CA SER D 319 -0.43 -16.59 37.60
C SER D 319 -0.01 -16.31 36.16
N LEU D 320 0.80 -17.17 35.56
CA LEU D 320 1.23 -17.00 34.18
C LEU D 320 0.29 -17.66 33.18
N LYS D 321 -0.70 -18.41 33.65
CA LYS D 321 -1.49 -19.28 32.78
C LYS D 321 -2.82 -18.62 32.43
N SER D 322 -3.05 -18.43 31.13
CA SER D 322 -4.34 -18.02 30.58
C SER D 322 -4.89 -16.79 31.30
N ARG D 323 -4.18 -15.68 31.16
CA ARG D 323 -4.63 -14.42 31.75
C ARG D 323 -5.48 -13.62 30.76
N PHE D 324 -5.03 -13.52 29.50
CA PHE D 324 -5.82 -12.88 28.47
C PHE D 324 -7.07 -13.68 28.16
N SER D 325 -6.95 -15.01 28.14
CA SER D 325 -8.14 -15.86 28.00
C SER D 325 -9.10 -15.64 29.16
N LEU D 326 -8.56 -15.52 30.37
CA LEU D 326 -9.42 -15.27 31.53
C LEU D 326 -10.20 -13.97 31.37
N ARG D 327 -9.64 -12.99 30.65
CA ARG D 327 -10.38 -11.77 30.35
C ARG D 327 -11.28 -11.93 29.13
N LEU D 328 -11.06 -12.95 28.31
CA LEU D 328 -12.01 -13.25 27.24
C LEU D 328 -13.34 -13.72 27.81
N SER D 329 -13.33 -14.31 29.01
CA SER D 329 -14.56 -14.73 29.66
C SER D 329 -15.26 -13.54 30.30
N SER D 341 -23.52 -4.38 23.16
CA SER D 341 -23.61 -5.62 23.93
C SER D 341 -22.87 -6.74 23.23
N ASN D 342 -23.60 -7.58 22.50
CA ASN D 342 -22.97 -8.66 21.75
C ASN D 342 -22.05 -8.12 20.67
N HIS D 343 -22.47 -7.07 19.98
CA HIS D 343 -21.63 -6.50 18.92
C HIS D 343 -20.39 -5.84 19.50
N GLU D 344 -20.50 -5.20 20.66
CA GLU D 344 -19.33 -4.59 21.29
C GLU D 344 -18.29 -5.65 21.67
N PHE D 345 -18.74 -6.76 22.25
CA PHE D 345 -17.82 -7.83 22.59
C PHE D 345 -17.25 -8.49 21.34
N LYS D 346 -18.05 -8.60 20.27
CA LYS D 346 -17.52 -9.12 19.01
C LYS D 346 -16.43 -8.21 18.47
N LYS D 347 -16.64 -6.90 18.54
CA LYS D 347 -15.62 -5.95 18.08
C LYS D 347 -14.35 -6.07 18.92
N PHE D 348 -14.50 -6.20 20.24
CA PHE D 348 -13.33 -6.35 21.10
C PHE D 348 -12.60 -7.66 20.81
N LEU D 349 -13.34 -8.73 20.53
CA LEU D 349 -12.71 -9.99 20.18
C LEU D 349 -11.96 -9.90 18.85
N ASP D 350 -12.52 -9.15 17.89
CA ASP D 350 -11.80 -8.90 16.65
C ASP D 350 -10.52 -8.11 16.89
N LYS D 351 -10.58 -7.12 17.79
CA LYS D 351 -9.37 -6.38 18.15
C LYS D 351 -8.33 -7.30 18.77
N CYS D 352 -8.78 -8.20 19.65
CA CYS D 352 -7.87 -9.15 20.28
C CYS D 352 -7.24 -10.08 19.25
N VAL D 353 -8.02 -10.49 18.24
CA VAL D 353 -7.49 -11.34 17.19
C VAL D 353 -6.44 -10.59 16.37
N THR D 354 -6.70 -9.33 16.03
CA THR D 354 -5.72 -8.54 15.30
C THR D 354 -4.44 -8.36 16.11
N ALA D 355 -4.59 -8.12 17.41
CA ALA D 355 -3.41 -7.99 18.27
C ALA D 355 -2.65 -9.31 18.38
N TYR D 356 -3.35 -10.45 18.34
CA TYR D 356 -2.67 -11.74 18.37
C TYR D 356 -1.79 -11.93 17.15
N GLN D 357 -2.26 -11.50 15.98
CA GLN D 357 -1.54 -11.64 14.72
C GLN D 357 -0.48 -10.56 14.53
N ASP D 358 -0.11 -9.86 15.60
CA ASP D 358 0.90 -8.80 15.56
C ASP D 358 0.47 -7.67 14.62
N GLY D 359 -0.83 -7.53 14.40
CA GLY D 359 -1.36 -6.46 13.59
C GLY D 359 -1.62 -5.21 14.41
N TYR D 360 -2.21 -4.21 13.75
CA TYR D 360 -2.53 -2.94 14.37
C TYR D 360 -3.98 -2.93 14.82
N VAL D 361 -4.21 -2.48 16.03
CA VAL D 361 -5.55 -2.37 16.61
C VAL D 361 -6.00 -0.92 16.51
N ILE D 362 -7.03 -0.67 15.73
CA ILE D 362 -7.51 0.69 15.51
C ILE D 362 -8.39 1.10 16.67
N ASN D 363 -8.08 2.25 17.28
CA ASN D 363 -8.85 2.75 18.41
C ASN D 363 -9.47 4.10 18.10
N LEU D 391 -10.92 -18.92 43.62
CA LEU D 391 -10.74 -20.28 44.10
C LEU D 391 -9.29 -20.55 44.47
N GLU D 392 -9.05 -20.95 45.71
CA GLU D 392 -7.71 -21.29 46.15
C GLU D 392 -7.28 -22.62 45.52
N LEU D 393 -5.97 -22.84 45.47
CA LEU D 393 -5.44 -24.08 44.93
C LEU D 393 -5.73 -25.27 45.82
N THR D 394 -6.20 -25.04 47.04
CA THR D 394 -6.57 -26.11 47.97
C THR D 394 -8.05 -26.43 47.92
N GLN D 395 -8.80 -25.83 46.99
CA GLN D 395 -10.23 -26.04 46.89
C GLN D 395 -10.58 -27.25 46.01
N VAL D 396 -9.65 -28.18 45.86
CA VAL D 396 -9.93 -29.43 45.16
C VAL D 396 -10.90 -30.26 46.00
N PRO D 397 -11.86 -30.97 45.40
CA PRO D 397 -12.69 -31.86 46.22
C PRO D 397 -11.99 -33.16 46.56
N GLU D 398 -12.47 -33.78 47.64
CA GLU D 398 -11.73 -34.88 48.26
C GLU D 398 -11.53 -36.03 47.28
N GLY D 399 -10.34 -36.62 47.35
CA GLY D 399 -9.98 -37.70 46.43
C GLY D 399 -9.41 -37.25 45.11
N TRP D 400 -9.15 -35.95 44.94
CA TRP D 400 -8.64 -35.40 43.69
C TRP D 400 -7.25 -34.82 43.94
N VAL D 401 -6.33 -35.10 43.02
CA VAL D 401 -4.96 -34.61 43.08
C VAL D 401 -4.76 -33.65 41.93
N VAL D 402 -4.18 -32.48 42.22
CA VAL D 402 -3.99 -31.45 41.20
C VAL D 402 -2.50 -31.30 40.93
N VAL D 403 -2.10 -31.48 39.67
CA VAL D 403 -0.71 -31.38 39.26
C VAL D 403 -0.55 -30.05 38.53
N HIS D 404 -0.02 -29.04 39.22
CA HIS D 404 0.34 -27.79 38.59
C HIS D 404 1.70 -27.92 37.91
N PHE D 405 1.78 -27.44 36.68
CA PHE D 405 3.02 -27.49 35.92
C PHE D 405 3.56 -26.07 35.72
N TYR D 406 4.87 -25.96 35.58
CA TYR D 406 5.50 -24.69 35.29
C TYR D 406 6.82 -24.95 34.58
N LEU D 407 6.92 -24.48 33.35
CA LEU D 407 8.15 -24.62 32.55
C LEU D 407 8.96 -23.34 32.71
N ASN D 408 9.95 -23.39 33.59
CA ASN D 408 10.86 -22.26 33.77
C ASN D 408 11.69 -22.07 32.50
N LYS D 409 11.66 -20.87 31.94
CA LYS D 409 12.48 -20.56 30.78
C LYS D 409 13.79 -19.88 31.13
N LEU D 410 13.87 -19.20 32.29
CA LEU D 410 15.13 -18.64 32.73
C LEU D 410 16.17 -19.73 32.95
N GLU D 411 15.77 -20.82 33.58
CA GLU D 411 16.56 -22.04 33.63
C GLU D 411 16.02 -23.01 32.59
N GLY D 412 16.66 -24.17 32.49
CA GLY D 412 16.24 -25.17 31.53
C GLY D 412 15.34 -26.24 32.14
N MET D 413 14.76 -25.94 33.29
CA MET D 413 13.99 -26.91 34.04
C MET D 413 12.51 -26.52 34.06
N GLY D 414 11.67 -27.53 34.28
CA GLY D 414 10.26 -27.30 34.52
C GLY D 414 9.84 -27.98 35.81
N ASN D 415 8.76 -27.49 36.39
CA ASN D 415 8.30 -27.95 37.68
C ASN D 415 6.92 -28.58 37.57
N ALA D 416 6.61 -29.42 38.56
CA ALA D 416 5.38 -30.21 38.59
C ALA D 416 4.75 -30.15 39.98
N ILE D 417 4.58 -28.95 40.51
CA ILE D 417 3.95 -28.74 41.80
C ILE D 417 2.62 -29.48 41.87
N VAL D 418 2.49 -30.38 42.85
CA VAL D 418 1.29 -31.21 42.99
C VAL D 418 0.73 -31.00 44.39
N PHE D 419 -0.60 -31.03 44.47
CA PHE D 419 -1.35 -30.98 45.72
C PHE D 419 -2.22 -32.22 45.83
N ASP D 420 -2.06 -32.95 46.93
CA ASP D 420 -2.93 -34.06 47.29
C ASP D 420 -3.91 -33.58 48.35
N LYS D 421 -5.20 -33.58 48.01
CA LYS D 421 -6.20 -32.99 48.90
C LYS D 421 -6.41 -33.85 50.14
N CYS D 422 -6.55 -35.17 49.96
CA CYS D 422 -6.82 -36.04 51.10
C CYS D 422 -5.66 -36.00 52.10
N ALA D 423 -4.43 -36.07 51.60
CA ALA D 423 -3.26 -35.93 52.46
C ALA D 423 -2.92 -34.47 52.74
N ASN D 424 -3.51 -33.53 52.00
CA ASN D 424 -3.23 -32.11 52.13
C ASN D 424 -1.73 -31.85 52.03
N SER D 425 -1.11 -32.43 51.01
CA SER D 425 0.34 -32.43 50.86
C SER D 425 0.73 -31.74 49.56
N TRP D 426 1.71 -30.84 49.64
CA TRP D 426 2.26 -30.15 48.49
C TRP D 426 3.68 -30.65 48.22
N GLN D 427 4.00 -30.92 46.97
CA GLN D 427 5.37 -31.29 46.63
C GLN D 427 5.60 -31.12 45.14
N TYR D 428 6.81 -30.68 44.78
CA TYR D 428 7.14 -30.47 43.38
C TYR D 428 8.28 -31.38 42.97
N LYS D 429 8.38 -31.62 41.68
CA LYS D 429 9.48 -32.35 41.08
C LYS D 429 9.96 -31.61 39.85
N GLU D 430 11.27 -31.55 39.67
CA GLU D 430 11.85 -30.89 38.51
C GLU D 430 12.08 -31.89 37.39
N PHE D 431 11.98 -31.41 36.16
CA PHE D 431 12.25 -32.25 34.99
C PHE D 431 12.86 -31.39 33.90
N GLN D 432 13.54 -32.04 32.97
CA GLN D 432 14.14 -31.37 31.82
C GLN D 432 13.17 -31.44 30.66
N TYR D 433 12.65 -30.29 30.25
CA TYR D 433 11.62 -30.23 29.23
C TYR D 433 12.17 -29.95 27.85
N LYS D 434 13.48 -29.85 27.67
CA LYS D 434 14.02 -29.58 26.34
C LYS D 434 13.86 -30.79 25.42
N GLU D 435 14.27 -31.97 25.89
CA GLU D 435 14.12 -33.18 25.09
C GLU D 435 12.65 -33.51 24.87
N LEU D 436 11.83 -33.34 25.91
CA LEU D 436 10.41 -33.57 25.77
C LEU D 436 9.79 -32.59 24.78
N PHE D 437 10.24 -31.34 24.80
CA PHE D 437 9.73 -30.35 23.85
C PHE D 437 10.11 -30.71 22.43
N GLU D 438 11.34 -31.18 22.23
CA GLU D 438 11.75 -31.59 20.88
C GLU D 438 10.92 -32.78 20.41
N VAL D 439 10.65 -33.73 21.30
CA VAL D 439 9.85 -34.89 20.92
C VAL D 439 8.40 -34.48 20.66
N PHE D 440 7.88 -33.54 21.43
CA PHE D 440 6.54 -33.02 21.19
C PHE D 440 6.45 -32.32 19.84
N LEU D 441 7.47 -31.54 19.48
CA LEU D 441 7.47 -30.90 18.18
C LEU D 441 7.62 -31.91 17.06
N THR D 442 8.37 -32.99 17.30
CA THR D 442 8.39 -34.10 16.37
C THR D 442 7.00 -34.65 16.13
N TRP D 443 6.26 -34.90 17.22
CA TRP D 443 4.91 -35.42 17.11
C TRP D 443 4.01 -34.45 16.37
N GLN D 444 4.11 -33.16 16.68
CA GLN D 444 3.25 -32.17 16.03
C GLN D 444 3.55 -32.05 14.54
N ALA D 445 4.83 -32.05 14.17
CA ALA D 445 5.19 -31.97 12.75
C ALA D 445 4.70 -33.20 12.00
N ASN D 446 4.90 -34.39 12.57
CA ASN D 446 4.45 -35.61 11.91
C ASN D 446 2.94 -35.66 11.82
N TYR D 447 2.24 -35.14 12.84
CA TYR D 447 0.79 -35.10 12.80
C TYR D 447 0.30 -34.16 11.71
N ASN D 448 0.84 -32.93 11.66
CA ASN D 448 0.42 -31.98 10.65
C ASN D 448 0.77 -32.47 9.25
N LEU D 449 1.78 -33.32 9.13
CA LEU D 449 2.04 -33.93 7.82
C LEU D 449 1.14 -35.14 7.59
N TYR D 450 1.06 -36.03 8.57
CA TYR D 450 0.33 -37.29 8.45
C TYR D 450 -0.46 -37.50 9.73
N LYS D 451 -1.77 -37.25 9.68
CA LYS D 451 -2.58 -37.19 10.89
C LYS D 451 -2.61 -38.53 11.62
N GLU D 452 -3.17 -39.56 11.00
CA GLU D 452 -3.28 -40.86 11.65
C GLU D 452 -2.01 -41.68 11.56
N ASN D 453 -1.07 -41.30 10.70
CA ASN D 453 0.17 -42.05 10.54
C ASN D 453 1.30 -41.53 11.41
N ALA D 454 1.04 -40.53 12.24
CA ALA D 454 2.00 -40.07 13.24
C ALA D 454 1.80 -40.74 14.59
N ALA D 455 0.88 -41.70 14.67
CA ALA D 455 0.53 -42.31 15.95
C ALA D 455 1.76 -42.82 16.69
N GLU D 456 2.66 -43.49 15.98
CA GLU D 456 3.88 -43.99 16.60
C GLU D 456 4.61 -42.88 17.34
N HIS D 457 4.84 -41.75 16.66
CA HIS D 457 5.50 -40.63 17.31
C HIS D 457 4.74 -40.20 18.56
N LEU D 458 3.42 -40.14 18.48
CA LEU D 458 2.61 -39.83 19.65
C LEU D 458 2.94 -40.77 20.79
N VAL D 459 2.96 -42.08 20.52
CA VAL D 459 3.33 -43.04 21.55
C VAL D 459 4.70 -42.69 22.12
N THR D 460 5.67 -42.44 21.23
CA THR D 460 6.98 -42.01 21.68
C THR D 460 6.86 -40.78 22.57
N LEU D 461 6.11 -39.78 22.12
CA LEU D 461 5.90 -38.59 22.95
C LEU D 461 5.32 -38.99 24.28
N CYS D 462 4.31 -39.86 24.27
CA CYS D 462 3.72 -40.31 25.53
C CYS D 462 4.78 -40.99 26.39
N LYS D 463 5.60 -41.84 25.77
CA LYS D 463 6.68 -42.47 26.52
C LYS D 463 7.62 -41.42 27.09
N LYS D 464 7.88 -40.36 26.32
CA LYS D 464 8.75 -39.30 26.81
C LYS D 464 8.14 -38.61 28.02
N ILE D 465 6.81 -38.45 28.03
CA ILE D 465 6.18 -37.85 29.20
C ILE D 465 6.37 -38.76 30.42
N GLY D 466 6.44 -40.07 30.20
CA GLY D 466 6.77 -40.96 31.28
C GLY D 466 8.25 -41.06 31.58
N GLU D 467 9.09 -40.57 30.67
CA GLU D 467 10.53 -40.59 30.88
C GLU D 467 11.04 -39.29 31.47
N THR D 468 10.66 -38.15 30.88
CA THR D 468 11.01 -36.87 31.47
C THR D 468 10.30 -36.63 32.79
N MET D 469 9.11 -37.22 32.96
CA MET D 469 8.34 -37.10 34.20
C MET D 469 8.02 -38.49 34.71
N PRO D 470 8.99 -39.18 35.31
CA PRO D 470 8.67 -40.44 35.99
C PRO D 470 7.86 -40.23 37.25
N PHE D 471 7.93 -39.05 37.86
CA PHE D 471 7.18 -38.77 39.07
C PHE D 471 5.67 -38.88 38.86
N LEU D 472 5.20 -38.79 37.62
CA LEU D 472 3.79 -38.99 37.35
C LEU D 472 3.32 -40.37 37.76
N PHE D 473 4.24 -41.33 37.89
CA PHE D 473 3.90 -42.69 38.26
C PHE D 473 4.45 -43.06 39.64
N CYS D 474 4.85 -42.08 40.44
CA CYS D 474 5.29 -42.34 41.80
C CYS D 474 4.09 -42.30 42.74
N ASP D 475 3.97 -43.32 43.60
CA ASP D 475 2.86 -43.37 44.54
C ASP D 475 2.94 -42.22 45.53
N ASN D 476 4.14 -41.86 45.97
CA ASN D 476 4.29 -40.77 46.92
C ASN D 476 3.99 -39.41 46.28
N PHE D 477 4.15 -39.30 44.95
CA PHE D 477 3.89 -38.03 44.29
C PHE D 477 2.40 -37.87 44.02
N ILE D 478 1.84 -38.77 43.21
CA ILE D 478 0.40 -38.84 42.94
C ILE D 478 -0.10 -40.20 43.41
N PRO D 479 -0.85 -40.27 44.51
CA PRO D 479 -1.29 -41.56 45.01
C PRO D 479 -2.14 -42.31 44.00
N ASN D 480 -1.98 -43.64 43.98
CA ASN D 480 -2.68 -44.47 43.02
C ASN D 480 -4.18 -44.43 43.27
N GLY D 481 -4.95 -44.34 42.18
CA GLY D 481 -6.40 -44.27 42.26
C GLY D 481 -6.96 -42.89 42.48
N LYS D 482 -6.11 -41.89 42.70
CA LYS D 482 -6.59 -40.52 42.91
C LYS D 482 -6.86 -39.86 41.57
N ASP D 483 -8.05 -39.28 41.42
CA ASP D 483 -8.36 -38.51 40.22
C ASP D 483 -7.43 -37.31 40.12
N VAL D 484 -6.93 -37.06 38.93
CA VAL D 484 -5.89 -36.06 38.70
C VAL D 484 -6.46 -34.93 37.88
N LEU D 485 -6.12 -33.69 38.24
CA LEU D 485 -6.43 -32.51 37.46
C LEU D 485 -5.13 -31.82 37.08
N PHE D 486 -4.73 -31.94 35.82
CA PHE D 486 -3.53 -31.27 35.34
C PHE D 486 -3.79 -29.80 35.08
N VAL D 487 -2.81 -28.97 35.42
CA VAL D 487 -2.83 -27.55 35.07
C VAL D 487 -1.52 -27.27 34.34
N PRO D 488 -1.39 -27.68 33.09
CA PRO D 488 -0.09 -27.64 32.43
C PRO D 488 0.35 -26.21 32.15
N HIS D 489 1.59 -26.08 31.68
CA HIS D 489 2.18 -24.80 31.34
C HIS D 489 2.97 -24.95 30.05
N ASP D 490 2.91 -23.91 29.21
CA ASP D 490 3.64 -23.86 27.93
C ASP D 490 3.22 -25.07 27.10
N PHE D 491 4.16 -25.75 26.44
CA PHE D 491 3.79 -26.81 25.52
C PHE D 491 3.18 -28.02 26.21
N LEU D 492 3.32 -28.14 27.53
CA LEU D 492 2.61 -29.20 28.24
C LEU D 492 1.11 -29.06 28.11
N HIS D 493 0.62 -27.85 27.82
CA HIS D 493 -0.81 -27.68 27.52
C HIS D 493 -1.23 -28.55 26.34
N ARG D 494 -0.33 -28.73 25.38
CA ARG D 494 -0.61 -29.48 24.17
C ARG D 494 -0.22 -30.94 24.28
N LEU D 495 0.24 -31.38 25.45
CA LEU D 495 0.67 -32.77 25.59
C LEU D 495 -0.47 -33.65 26.07
N PRO D 496 -0.48 -34.92 25.67
CA PRO D 496 -1.42 -35.90 26.25
C PRO D 496 -0.88 -36.43 27.57
N LEU D 497 -0.94 -35.58 28.61
CA LEU D 497 -0.53 -36.00 29.95
C LEU D 497 -1.38 -37.14 30.48
N HIS D 498 -2.61 -37.27 30.00
CA HIS D 498 -3.45 -38.39 30.37
C HIS D 498 -2.93 -39.71 29.78
N GLY D 499 -2.26 -39.65 28.64
CA GLY D 499 -1.81 -40.85 27.97
C GLY D 499 -0.33 -41.13 28.13
N SER D 500 0.31 -40.49 29.11
CA SER D 500 1.74 -40.69 29.32
C SER D 500 2.04 -42.12 29.74
N ILE D 501 3.09 -42.69 29.16
CA ILE D 501 3.47 -44.08 29.37
C ILE D 501 4.71 -44.11 30.26
N GLU D 502 4.62 -44.77 31.40
CA GLU D 502 5.77 -44.87 32.30
C GLU D 502 6.90 -45.64 31.66
N ASN D 503 8.13 -45.22 31.96
CA ASN D 503 9.33 -45.82 31.38
C ASN D 503 9.71 -47.10 32.13
N LYS D 504 8.79 -48.06 32.09
CA LYS D 504 9.02 -49.38 32.64
C LYS D 504 8.52 -50.41 31.64
N THR D 505 9.06 -51.63 31.73
CA THR D 505 8.63 -52.70 30.83
C THR D 505 7.14 -52.96 30.99
N ASN D 506 6.44 -53.02 29.87
CA ASN D 506 4.97 -53.10 29.85
C ASN D 506 4.37 -51.97 30.67
N GLY D 507 4.83 -50.75 30.40
CA GLY D 507 4.37 -49.60 31.17
C GLY D 507 2.89 -49.31 30.95
N LYS D 508 2.26 -48.79 31.99
CA LYS D 508 0.85 -48.44 31.96
C LYS D 508 0.70 -46.94 31.74
N LEU D 509 -0.37 -46.56 31.04
CA LEU D 509 -0.63 -45.15 30.82
C LEU D 509 -1.01 -44.47 32.14
N PHE D 510 -0.89 -43.14 32.14
CA PHE D 510 -1.28 -42.38 33.32
C PHE D 510 -2.77 -42.50 33.60
N LEU D 511 -3.59 -42.53 32.53
CA LEU D 511 -5.04 -42.56 32.72
C LEU D 511 -5.48 -43.84 33.43
N GLU D 512 -4.81 -44.96 33.17
CA GLU D 512 -5.26 -46.23 33.74
C GLU D 512 -5.28 -46.18 35.25
N ASN D 513 -4.24 -45.64 35.87
CA ASN D 513 -4.20 -45.55 37.32
C ASN D 513 -5.07 -44.41 37.84
N HIS D 514 -5.12 -43.30 37.13
CA HIS D 514 -5.81 -42.11 37.59
C HIS D 514 -6.73 -41.56 36.51
N SER D 515 -7.99 -41.32 36.86
CA SER D 515 -8.91 -40.64 35.96
C SER D 515 -8.55 -39.17 35.87
N CYS D 516 -7.77 -38.80 34.85
CA CYS D 516 -7.11 -37.51 34.79
C CYS D 516 -7.83 -36.60 33.79
N CYS D 517 -8.22 -35.43 34.27
CA CYS D 517 -8.78 -34.36 33.45
C CYS D 517 -7.83 -33.17 33.49
N TYR D 518 -8.10 -32.18 32.64
CA TYR D 518 -7.21 -31.04 32.47
C TYR D 518 -7.92 -29.75 32.84
N LEU D 519 -7.13 -28.69 32.91
CA LEU D 519 -7.60 -27.33 33.14
C LEU D 519 -6.52 -26.37 32.68
N PRO D 520 -6.83 -25.45 31.76
CA PRO D 520 -5.79 -24.53 31.26
C PRO D 520 -5.16 -23.69 32.35
N ALA D 521 -5.93 -23.30 33.36
CA ALA D 521 -5.40 -22.58 34.52
C ALA D 521 -6.32 -22.87 35.69
N TRP D 522 -5.78 -22.66 36.90
CA TRP D 522 -6.61 -22.88 38.08
C TRP D 522 -7.76 -21.87 38.18
N SER D 523 -7.62 -20.70 37.56
CA SER D 523 -8.71 -19.73 37.58
C SER D 523 -9.93 -20.22 36.81
N PHE D 524 -9.75 -21.22 35.94
CA PHE D 524 -10.89 -21.81 35.24
C PHE D 524 -11.76 -22.65 36.16
N ALA D 525 -11.21 -23.12 37.28
CA ALA D 525 -12.00 -23.92 38.20
C ALA D 525 -13.07 -23.08 38.89
N SER D 526 -14.25 -23.66 39.06
CA SER D 526 -15.36 -22.97 39.69
C SER D 526 -16.22 -23.94 40.50
N THR D 532 -29.32 -29.76 36.42
CA THR D 532 -30.53 -28.93 36.47
C THR D 532 -31.44 -29.24 35.29
N SER D 533 -30.98 -28.89 34.08
CA SER D 533 -31.78 -29.11 32.89
C SER D 533 -32.03 -30.60 32.65
N ASP D 534 -31.00 -31.43 32.83
CA ASP D 534 -31.13 -32.88 32.82
C ASP D 534 -31.63 -33.42 31.48
N GLU D 535 -31.24 -32.80 30.37
CA GLU D 535 -31.53 -33.34 29.05
C GLU D 535 -30.33 -33.11 28.15
N TYR D 536 -30.25 -33.91 27.08
CA TYR D 536 -29.11 -33.92 26.18
C TYR D 536 -29.47 -33.25 24.87
N VAL D 537 -28.55 -32.43 24.37
CA VAL D 537 -28.82 -31.52 23.25
C VAL D 537 -27.86 -31.77 22.09
N LEU D 538 -27.53 -33.03 21.83
CA LEU D 538 -26.62 -33.39 20.74
C LEU D 538 -26.93 -32.61 19.47
N LEU D 539 -25.88 -32.19 18.78
CA LEU D 539 -25.95 -31.34 17.60
C LEU D 539 -25.18 -31.98 16.44
N LYS D 540 -25.50 -33.23 16.14
CA LYS D 540 -24.78 -33.98 15.12
C LYS D 540 -24.81 -33.26 13.77
N ASN D 541 -23.66 -33.23 13.10
CA ASN D 541 -23.52 -32.68 11.76
C ASN D 541 -22.58 -33.54 10.92
N PHE D 542 -22.56 -34.84 11.20
CA PHE D 542 -21.65 -35.74 10.52
C PHE D 542 -22.32 -36.41 9.33
N THR D 549 -27.10 -46.86 14.75
CA THR D 549 -26.88 -45.42 14.88
C THR D 549 -27.51 -44.89 16.16
N LEU D 550 -27.06 -43.72 16.62
CA LEU D 550 -27.47 -43.18 17.90
C LEU D 550 -28.07 -41.79 17.83
N GLN D 551 -28.28 -41.24 16.62
CA GLN D 551 -28.96 -39.95 16.50
C GLN D 551 -30.44 -40.05 16.79
N ASN D 552 -31.04 -41.23 16.66
CA ASN D 552 -32.46 -41.42 16.89
C ASN D 552 -32.78 -41.85 18.32
N ASN D 553 -31.77 -41.92 19.19
CA ASN D 553 -32.02 -42.26 20.58
C ASN D 553 -32.93 -41.22 21.22
N GLN D 554 -33.89 -41.70 22.02
CA GLN D 554 -34.90 -40.82 22.60
C GLN D 554 -34.37 -39.95 23.72
N ILE D 555 -33.13 -40.17 24.18
CA ILE D 555 -32.57 -39.34 25.25
C ILE D 555 -32.26 -37.93 24.76
N TRP D 556 -32.15 -37.73 23.45
CA TRP D 556 -31.88 -36.41 22.90
C TRP D 556 -33.05 -35.47 23.15
N GLY D 557 -32.75 -34.24 23.57
CA GLY D 557 -33.77 -33.28 23.93
C GLY D 557 -34.44 -32.65 22.73
N THR D 558 -35.38 -31.75 23.03
CA THR D 558 -36.11 -31.05 21.98
C THR D 558 -35.18 -30.17 21.15
N GLN D 559 -34.25 -29.48 21.80
CA GLN D 559 -33.32 -28.60 21.10
C GLN D 559 -32.26 -29.37 20.32
N SER D 560 -32.14 -30.68 20.53
CA SER D 560 -31.14 -31.46 19.82
C SER D 560 -31.44 -31.51 18.33
N VAL D 561 -30.39 -31.43 17.52
CA VAL D 561 -30.49 -31.50 16.07
C VAL D 561 -29.59 -32.64 15.58
N LYS D 562 -30.04 -33.35 14.55
CA LYS D 562 -29.31 -34.49 14.02
C LYS D 562 -29.01 -34.40 12.53
N ASP D 563 -29.78 -33.63 11.78
CA ASP D 563 -29.57 -33.52 10.34
C ASP D 563 -28.67 -32.35 9.99
N GLY D 564 -29.11 -31.14 10.30
CA GLY D 564 -28.32 -29.94 10.11
C GLY D 564 -27.94 -29.35 11.45
N ALA D 565 -26.67 -29.03 11.61
CA ALA D 565 -26.15 -28.63 12.92
C ALA D 565 -26.85 -27.37 13.43
N SER D 566 -27.21 -26.46 12.52
CA SER D 566 -27.84 -25.20 12.89
C SER D 566 -27.02 -24.48 13.96
N SER D 567 -25.84 -24.02 13.53
CA SER D 567 -24.96 -23.29 14.43
C SER D 567 -25.68 -22.12 15.10
N ASP D 568 -26.65 -21.53 14.40
CA ASP D 568 -27.48 -20.51 15.03
C ASP D 568 -28.26 -21.07 16.21
N ASP D 569 -28.71 -22.33 16.10
CA ASP D 569 -29.38 -22.97 17.24
C ASP D 569 -28.44 -23.13 18.41
N LEU D 570 -27.18 -23.51 18.15
CA LEU D 570 -26.19 -23.55 19.22
C LEU D 570 -25.99 -22.18 19.84
N GLU D 571 -26.03 -21.13 19.02
CA GLU D 571 -26.04 -19.79 19.57
C GLU D 571 -27.29 -19.54 20.42
N ASN D 572 -28.40 -20.20 20.09
CA ASN D 572 -29.67 -20.01 20.78
C ASN D 572 -30.01 -21.14 21.74
N ILE D 573 -29.06 -22.04 22.02
CA ILE D 573 -29.29 -23.06 23.03
C ILE D 573 -29.44 -22.40 24.40
N ARG D 574 -30.44 -22.84 25.16
CA ARG D 574 -30.70 -22.23 26.46
C ARG D 574 -30.85 -23.28 27.56
N ASN D 575 -31.26 -22.83 28.75
CA ASN D 575 -31.65 -23.67 29.90
C ASN D 575 -30.47 -24.36 30.56
N ASN D 576 -29.24 -24.08 30.16
CA ASN D 576 -28.04 -24.69 30.73
C ASN D 576 -28.13 -26.20 30.72
N PRO D 577 -28.04 -26.84 29.56
CA PRO D 577 -28.19 -28.31 29.50
C PRO D 577 -27.14 -29.01 30.33
N ARG D 578 -27.53 -30.16 30.91
CA ARG D 578 -26.59 -30.95 31.68
C ARG D 578 -25.59 -31.68 30.80
N LEU D 579 -25.85 -31.78 29.50
CA LEU D 579 -24.95 -32.42 28.56
C LEU D 579 -25.38 -32.07 27.15
N LEU D 580 -24.41 -31.93 26.25
CA LEU D 580 -24.69 -31.81 24.83
C LEU D 580 -23.47 -32.28 24.06
N THR D 581 -23.72 -32.96 22.94
CA THR D 581 -22.66 -33.49 22.09
C THR D 581 -22.66 -32.73 20.77
N ILE D 582 -21.53 -32.14 20.43
CA ILE D 582 -21.37 -31.46 19.15
C ILE D 582 -20.67 -32.44 18.22
N LEU D 583 -21.48 -33.26 17.54
CA LEU D 583 -20.99 -34.27 16.61
C LEU D 583 -20.83 -33.63 15.24
N CYS D 584 -19.62 -33.15 14.97
CA CYS D 584 -19.32 -32.53 13.68
C CYS D 584 -17.83 -32.74 13.41
N HIS D 585 -17.30 -31.98 12.46
CA HIS D 585 -15.87 -31.95 12.20
C HIS D 585 -15.24 -30.73 12.88
N GLY D 586 -13.92 -30.66 12.81
CA GLY D 586 -13.22 -29.54 13.43
C GLY D 586 -11.91 -29.25 12.77
N GLU D 587 -11.48 -27.99 12.89
CA GLU D 587 -10.19 -27.53 12.39
C GLU D 587 -9.50 -26.72 13.47
N ALA D 588 -8.22 -27.03 13.69
CA ALA D 588 -7.47 -26.37 14.76
C ALA D 588 -7.06 -24.96 14.36
N ASN D 589 -6.69 -24.75 13.09
CA ASN D 589 -6.19 -23.47 12.60
C ASN D 589 -4.95 -23.02 13.39
N MET D 590 -3.86 -23.77 13.16
CA MET D 590 -2.60 -23.47 13.82
C MET D 590 -2.15 -22.03 13.56
N SER D 591 -2.52 -21.47 12.41
CA SER D 591 -2.14 -20.09 12.11
C SER D 591 -2.84 -19.12 13.05
N ASN D 592 -4.11 -19.37 13.37
CA ASN D 592 -4.90 -18.46 14.21
C ASN D 592 -5.88 -19.28 15.03
N PRO D 593 -5.58 -19.53 16.30
CA PRO D 593 -6.45 -20.39 17.10
C PRO D 593 -7.81 -19.80 17.39
N PHE D 594 -8.01 -18.50 17.19
CA PHE D 594 -9.32 -17.90 17.44
C PHE D 594 -10.31 -18.24 16.34
N ARG D 595 -9.85 -18.69 15.18
CA ARG D 595 -10.72 -19.21 14.13
C ARG D 595 -10.71 -20.74 14.11
N SER D 596 -10.33 -21.36 15.23
CA SER D 596 -10.48 -22.80 15.37
C SER D 596 -11.96 -23.15 15.26
N MET D 597 -12.29 -23.93 14.25
CA MET D 597 -13.66 -24.01 13.77
C MET D 597 -14.30 -25.35 14.13
N LEU D 598 -15.50 -25.28 14.70
CA LEU D 598 -16.41 -26.41 14.74
C LEU D 598 -17.23 -26.38 13.45
N LYS D 599 -17.04 -27.37 12.58
CA LYS D 599 -17.69 -27.38 11.27
C LYS D 599 -19.17 -27.70 11.44
N LEU D 600 -19.90 -26.72 11.96
CA LEU D 600 -21.35 -26.82 12.09
C LEU D 600 -22.00 -26.46 10.75
N ALA D 601 -23.32 -26.28 10.78
CA ALA D 601 -24.04 -25.93 9.56
C ALA D 601 -23.64 -24.53 9.10
N ASN D 602 -23.76 -24.31 7.79
CA ASN D 602 -23.42 -23.05 7.11
C ASN D 602 -22.02 -22.62 7.59
N GLY D 603 -21.83 -21.39 8.04
CA GLY D 603 -20.53 -21.00 8.55
C GLY D 603 -20.22 -21.71 9.85
N GLY D 604 -19.12 -22.47 9.86
CA GLY D 604 -18.75 -23.19 11.06
C GLY D 604 -18.47 -22.24 12.22
N ILE D 605 -18.97 -22.61 13.40
CA ILE D 605 -18.74 -21.79 14.58
C ILE D 605 -17.31 -21.98 15.06
N THR D 606 -16.67 -20.87 15.44
CA THR D 606 -15.26 -20.85 15.81
C THR D 606 -15.08 -20.31 17.22
N TYR D 607 -13.82 -20.29 17.66
CA TYR D 607 -13.47 -19.76 18.97
C TYR D 607 -13.96 -18.33 19.13
N LEU D 608 -13.87 -17.52 18.06
CA LEU D 608 -14.37 -16.16 18.11
C LEU D 608 -15.88 -16.13 18.30
N GLU D 609 -16.61 -16.98 17.57
CA GLU D 609 -18.06 -17.00 17.67
C GLU D 609 -18.53 -17.68 18.96
N ILE D 610 -17.77 -18.65 19.45
CA ILE D 610 -18.15 -19.34 20.68
C ILE D 610 -18.08 -18.39 21.88
N LEU D 611 -17.04 -17.56 21.93
CA LEU D 611 -16.88 -16.63 23.04
C LEU D 611 -17.93 -15.54 23.06
N ASN D 612 -18.70 -15.37 22.00
CA ASN D 612 -19.68 -14.30 21.89
C ASN D 612 -21.11 -14.79 21.74
N SER D 613 -21.35 -15.78 20.88
CA SER D 613 -22.70 -16.14 20.50
C SER D 613 -23.34 -17.13 21.50
N VAL D 614 -22.72 -18.29 21.69
CA VAL D 614 -23.33 -19.34 22.49
C VAL D 614 -23.23 -18.97 23.97
N LYS D 615 -24.37 -18.95 24.64
CA LYS D 615 -24.44 -18.58 26.05
C LYS D 615 -25.20 -19.58 26.91
N GLY D 616 -25.92 -20.54 26.30
CA GLY D 616 -26.69 -21.48 27.09
C GLY D 616 -25.83 -22.44 27.88
N LEU D 617 -24.70 -22.87 27.31
CA LEU D 617 -23.89 -23.90 27.92
C LEU D 617 -23.14 -23.40 29.14
N LYS D 618 -23.87 -23.04 30.19
CA LYS D 618 -23.30 -22.62 31.46
C LYS D 618 -23.51 -23.75 32.47
N GLY D 619 -22.42 -24.26 33.02
CA GLY D 619 -22.53 -25.44 33.85
C GLY D 619 -22.79 -26.71 33.09
N SER D 620 -22.66 -26.68 31.77
CA SER D 620 -22.92 -27.84 30.93
C SER D 620 -21.73 -28.79 30.94
N GLN D 621 -21.99 -30.02 30.51
CA GLN D 621 -20.96 -31.05 30.34
C GLN D 621 -20.85 -31.32 28.85
N VAL D 622 -20.03 -30.52 28.18
CA VAL D 622 -19.97 -30.55 26.72
C VAL D 622 -19.11 -31.74 26.28
N ILE D 623 -19.59 -32.46 25.28
CA ILE D 623 -18.84 -33.53 24.63
C ILE D 623 -18.59 -33.11 23.19
N LEU D 624 -17.33 -33.15 22.77
CA LEU D 624 -16.92 -32.63 21.46
C LEU D 624 -16.36 -33.79 20.65
N GLY D 625 -17.17 -34.31 19.74
CA GLY D 625 -16.70 -35.31 18.81
C GLY D 625 -15.97 -34.75 17.62
N ALA D 626 -15.88 -33.43 17.51
CA ALA D 626 -15.18 -32.81 16.39
C ALA D 626 -13.69 -33.07 16.47
N CYS D 627 -13.07 -33.22 15.31
CA CYS D 627 -11.64 -33.43 15.25
C CYS D 627 -10.90 -32.17 15.66
N GLU D 628 -9.76 -32.35 16.33
CA GLU D 628 -8.86 -31.25 16.69
C GLU D 628 -9.56 -30.17 17.48
N THR D 629 -10.50 -30.58 18.35
CA THR D 629 -11.15 -29.61 19.21
C THR D 629 -10.16 -28.97 20.19
N ASP D 630 -9.23 -29.76 20.69
CA ASP D 630 -8.22 -29.29 21.64
C ASP D 630 -6.81 -29.32 21.06
N LEU D 631 -6.67 -28.88 19.82
CA LEU D 631 -5.35 -28.76 19.20
C LEU D 631 -4.96 -27.30 19.12
N VAL D 632 -3.72 -27.01 19.50
CA VAL D 632 -3.17 -25.66 19.56
C VAL D 632 -1.93 -25.61 18.68
N PRO D 633 -1.54 -24.45 18.17
CA PRO D 633 -0.23 -24.32 17.52
C PRO D 633 0.86 -24.90 18.40
N PRO D 634 1.75 -25.71 17.82
CA PRO D 634 2.80 -26.34 18.65
C PRO D 634 3.70 -25.33 19.33
N LEU D 635 3.97 -24.20 18.69
CA LEU D 635 4.85 -23.19 19.26
C LEU D 635 4.11 -22.36 20.29
N SER D 636 4.76 -22.12 21.43
CA SER D 636 4.16 -21.33 22.48
C SER D 636 3.98 -19.89 22.03
N ASP D 637 2.96 -19.24 22.57
CA ASP D 637 2.65 -17.86 22.24
C ASP D 637 3.56 -16.93 23.04
N VAL D 638 3.25 -15.63 23.03
CA VAL D 638 4.00 -14.69 23.87
C VAL D 638 3.78 -15.02 25.34
N MET D 639 2.57 -15.46 25.69
CA MET D 639 2.26 -15.92 27.04
C MET D 639 1.55 -17.26 26.93
N ASP D 640 1.49 -17.97 28.05
CA ASP D 640 1.00 -19.34 28.06
C ASP D 640 -0.52 -19.31 28.18
N GLU D 641 -1.21 -19.52 27.06
CA GLU D 641 -2.66 -19.64 27.05
C GLU D 641 -3.04 -20.72 26.04
N HIS D 642 -4.23 -21.30 26.23
CA HIS D 642 -4.58 -22.50 25.49
C HIS D 642 -5.19 -22.21 24.12
N TYR D 643 -6.18 -21.30 24.04
CA TYR D 643 -6.77 -20.91 22.76
C TYR D 643 -7.30 -22.12 21.98
N SER D 644 -8.15 -22.92 22.61
CA SER D 644 -8.76 -24.06 21.92
C SER D 644 -10.28 -23.93 21.94
N VAL D 645 -10.92 -24.70 21.05
CA VAL D 645 -12.38 -24.71 21.00
C VAL D 645 -12.94 -25.19 22.33
N ALA D 646 -12.34 -26.24 22.91
CA ALA D 646 -12.78 -26.72 24.20
C ALA D 646 -12.59 -25.67 25.29
N THR D 647 -11.45 -24.99 25.28
CA THR D 647 -11.27 -23.86 26.19
C THR D 647 -12.24 -22.74 25.87
N ALA D 648 -12.60 -22.57 24.60
CA ALA D 648 -13.60 -21.58 24.24
C ALA D 648 -14.94 -21.87 24.90
N LEU D 649 -15.38 -23.13 24.87
CA LEU D 649 -16.62 -23.50 25.55
C LEU D 649 -16.48 -23.41 27.06
N LEU D 650 -15.30 -23.72 27.59
CA LEU D 650 -15.06 -23.50 29.02
C LEU D 650 -15.20 -22.03 29.39
N LEU D 651 -14.84 -21.13 28.49
CA LEU D 651 -14.88 -19.71 28.77
C LEU D 651 -16.30 -19.16 28.86
N ILE D 652 -17.28 -19.88 28.34
CA ILE D 652 -18.67 -19.46 28.40
C ILE D 652 -19.44 -20.24 29.47
N GLY D 653 -18.75 -20.84 30.42
CA GLY D 653 -19.37 -21.44 31.58
C GLY D 653 -19.55 -22.94 31.56
N ALA D 654 -19.05 -23.63 30.53
CA ALA D 654 -19.19 -25.08 30.47
C ALA D 654 -18.48 -25.71 31.66
N ALA D 655 -19.22 -26.54 32.42
CA ALA D 655 -18.64 -27.17 33.59
C ALA D 655 -17.54 -28.15 33.22
N GLY D 656 -17.76 -28.94 32.17
CA GLY D 656 -16.77 -29.92 31.75
C GLY D 656 -16.81 -30.08 30.25
N VAL D 657 -15.65 -30.38 29.67
CA VAL D 657 -15.51 -30.58 28.24
C VAL D 657 -14.71 -31.85 27.99
N VAL D 658 -15.14 -32.62 26.98
CA VAL D 658 -14.49 -33.86 26.59
C VAL D 658 -13.90 -33.64 25.21
N GLY D 659 -13.41 -32.43 24.96
CA GLY D 659 -12.94 -32.08 23.63
C GLY D 659 -11.83 -32.99 23.15
N THR D 660 -11.76 -33.15 21.84
CA THR D 660 -10.79 -34.03 21.21
C THR D 660 -9.51 -33.28 20.89
N MET D 661 -8.37 -33.92 21.12
CA MET D 661 -7.08 -33.25 21.02
C MET D 661 -6.49 -33.29 19.62
N TRP D 662 -7.05 -34.09 18.71
CA TRP D 662 -6.61 -34.13 17.33
C TRP D 662 -7.68 -34.85 16.51
N LYS D 663 -7.34 -35.17 15.26
CA LYS D 663 -8.31 -35.83 14.38
C LYS D 663 -8.60 -37.26 14.84
N VAL D 664 -9.88 -37.61 14.84
CA VAL D 664 -10.33 -38.94 15.28
C VAL D 664 -11.31 -39.50 14.27
N ARG D 665 -11.50 -40.82 14.38
CA ARG D 665 -12.49 -41.53 13.57
C ARG D 665 -13.87 -41.39 14.20
N SER D 666 -14.89 -41.79 13.43
CA SER D 666 -16.26 -41.71 13.90
C SER D 666 -16.59 -42.77 14.93
N ASN D 667 -16.00 -43.96 14.81
CA ASN D 667 -16.35 -45.07 15.70
C ASN D 667 -16.05 -44.74 17.15
N LYS D 668 -14.86 -44.20 17.42
CA LYS D 668 -14.49 -43.87 18.79
C LYS D 668 -15.34 -42.74 19.34
N THR D 669 -15.67 -41.74 18.52
CA THR D 669 -16.55 -40.66 18.98
C THR D 669 -17.93 -41.21 19.34
N LYS D 670 -18.50 -42.05 18.49
CA LYS D 670 -19.80 -42.64 18.80
C LYS D 670 -19.73 -43.51 20.05
N SER D 671 -18.65 -44.28 20.21
CA SER D 671 -18.47 -45.06 21.44
C SER D 671 -18.40 -44.16 22.65
N LEU D 672 -17.79 -42.97 22.52
CA LEU D 672 -17.80 -42.00 23.61
C LEU D 672 -19.22 -41.56 23.93
N ILE D 673 -20.02 -41.30 22.90
CA ILE D 673 -21.39 -40.87 23.15
C ILE D 673 -22.21 -41.99 23.81
N GLU D 674 -21.87 -43.25 23.52
CA GLU D 674 -22.53 -44.36 24.21
C GLU D 674 -22.27 -44.31 25.71
N TRP D 675 -21.03 -43.99 26.09
CA TRP D 675 -20.67 -43.89 27.50
C TRP D 675 -21.28 -42.65 28.14
N GLU D 678 -26.01 -40.69 27.09
CA GLU D 678 -26.37 -41.31 28.35
C GLU D 678 -25.12 -41.71 29.13
N ASN D 679 -25.31 -42.12 30.39
CA ASN D 679 -24.22 -42.51 31.28
C ASN D 679 -23.20 -41.38 31.44
N ILE D 680 -23.71 -40.23 31.90
CA ILE D 680 -22.87 -39.04 32.05
C ILE D 680 -21.86 -39.24 33.19
N GLU D 681 -22.28 -39.90 34.27
CA GLU D 681 -21.43 -40.02 35.44
C GLU D 681 -20.22 -40.92 35.21
N TYR D 682 -20.24 -41.73 34.15
CA TYR D 682 -19.13 -42.64 33.88
C TYR D 682 -17.86 -41.86 33.57
N LYS D 683 -16.75 -42.30 34.18
CA LYS D 683 -15.47 -41.63 33.97
C LYS D 683 -14.92 -41.92 32.59
N LEU D 684 -14.28 -40.92 32.00
CA LEU D 684 -13.63 -41.08 30.71
C LEU D 684 -12.52 -42.12 30.78
N ASN D 685 -11.88 -42.24 31.94
CA ASN D 685 -10.77 -43.17 32.11
C ASN D 685 -11.21 -44.61 31.89
N GLU D 686 -12.40 -44.97 32.38
CA GLU D 686 -12.89 -46.34 32.19
C GLU D 686 -13.04 -46.64 30.70
N TRP D 687 -13.66 -45.73 29.95
CA TRP D 687 -13.67 -45.85 28.50
C TRP D 687 -12.27 -46.11 27.97
N GLN D 688 -11.36 -45.15 28.18
CA GLN D 688 -10.07 -45.20 27.52
C GLN D 688 -9.31 -46.47 27.87
N LYS D 689 -9.48 -46.96 29.10
CA LYS D 689 -8.90 -48.25 29.46
C LYS D 689 -9.52 -49.37 28.64
N GLU D 690 -10.85 -49.36 28.49
CA GLU D 690 -11.51 -50.49 27.85
C GLU D 690 -11.21 -50.56 26.36
N THR D 691 -11.36 -49.43 25.64
CA THR D 691 -11.34 -49.45 24.18
C THR D 691 -9.97 -49.02 23.66
N GLY D 692 -9.01 -49.93 23.74
CA GLY D 692 -7.77 -49.80 22.99
C GLY D 692 -6.73 -48.85 23.57
N GLY D 693 -7.01 -48.22 24.72
CA GLY D 693 -6.02 -47.34 25.31
C GLY D 693 -4.77 -48.09 25.74
N ALA D 694 -4.95 -49.22 26.42
CA ALA D 694 -3.83 -50.02 26.89
C ALA D 694 -3.04 -50.64 25.75
N ALA D 695 -3.57 -50.64 24.54
CA ALA D 695 -2.95 -51.34 23.42
C ALA D 695 -1.95 -50.43 22.70
N TYR D 696 -0.96 -49.96 23.45
CA TYR D 696 0.05 -49.09 22.85
C TYR D 696 1.05 -49.89 22.03
N LYS D 697 1.40 -51.08 22.49
CA LYS D 697 2.25 -51.95 21.69
C LYS D 697 1.44 -52.74 20.68
N ASP D 698 0.19 -53.06 21.03
CA ASP D 698 -0.66 -53.86 20.16
C ASP D 698 -1.00 -53.10 18.87
N HIS D 699 -1.45 -51.86 19.00
CA HIS D 699 -1.88 -51.07 17.84
C HIS D 699 -1.74 -49.60 18.19
N PRO D 700 -0.68 -48.94 17.74
CA PRO D 700 -0.52 -47.50 17.97
C PRO D 700 -1.70 -46.69 17.43
N PRO D 701 -2.27 -47.04 16.26
CA PRO D 701 -3.45 -46.28 15.80
C PRO D 701 -4.62 -46.27 16.76
N THR D 702 -4.91 -47.38 17.45
CA THR D 702 -6.04 -47.37 18.37
C THR D 702 -5.72 -46.53 19.61
N PHE D 703 -4.46 -46.51 20.03
CA PHE D 703 -4.04 -45.60 21.10
C PHE D 703 -4.28 -44.16 20.67
N TYR D 704 -3.86 -43.82 19.45
CA TYR D 704 -3.98 -42.46 18.94
C TYR D 704 -5.44 -42.05 18.84
N ARG D 705 -6.30 -42.97 18.39
CA ARG D 705 -7.73 -42.69 18.36
C ARG D 705 -8.31 -42.58 19.77
N SER D 706 -7.74 -43.29 20.74
CA SER D 706 -8.32 -43.33 22.08
C SER D 706 -8.02 -42.07 22.86
N ILE D 707 -6.73 -41.76 23.05
CA ILE D 707 -6.38 -40.71 24.01
C ILE D 707 -6.77 -39.31 23.58
N ALA D 708 -7.19 -39.14 22.32
CA ALA D 708 -7.39 -37.79 21.80
C ALA D 708 -8.46 -37.03 22.57
N PHE D 709 -9.31 -37.73 23.30
CA PHE D 709 -10.39 -37.09 24.06
C PHE D 709 -9.88 -36.81 25.46
N ARG D 710 -9.26 -35.65 25.65
CA ARG D 710 -8.94 -35.23 27.00
C ARG D 710 -10.19 -34.69 27.67
N SER D 711 -10.24 -34.79 29.00
CA SER D 711 -11.33 -34.24 29.78
C SER D 711 -10.88 -32.92 30.39
N ILE D 712 -11.73 -31.90 30.29
CA ILE D 712 -11.39 -30.56 30.74
C ILE D 712 -12.49 -30.07 31.68
N GLY D 713 -12.08 -29.47 32.79
CA GLY D 713 -13.01 -28.85 33.71
C GLY D 713 -12.80 -29.32 35.12
N PHE D 714 -13.63 -28.79 36.02
CA PHE D 714 -13.57 -29.10 37.43
C PHE D 714 -14.95 -29.56 37.89
N PRO D 715 -15.05 -30.69 38.62
CA PRO D 715 -16.32 -31.16 39.16
C PRO D 715 -16.93 -30.18 40.16
ZN ZN E . -11.24 8.35 7.48
ZN ZN F . 3.40 -20.31 8.71
ZN ZN G . -10.71 37.33 -9.53
MG MG H . 33.66 -35.31 8.28
ZN ZN I . 24.38 -44.47 8.33
#